data_1VTN
# 
_entry.id   1VTN 
# 
_audit_conform.dict_name       mmcif_pdbx.dic 
_audit_conform.dict_version    5.383 
_audit_conform.dict_location   http://mmcif.pdb.org/dictionaries/ascii/mmcif_pdbx.dic 
# 
loop_
_database_2.database_id 
_database_2.database_code 
_database_2.pdbx_database_accession 
_database_2.pdbx_DOI 
PDB   1VTN         pdb_00001vtn 10.2210/pdb1vtn/pdb 
NDB   PDT013       ?            ?                   
RCSB  RCSB003045   ?            ?                   
WWPDB D_1000003045 ?            ?                   
# 
loop_
_pdbx_audit_revision_history.ordinal 
_pdbx_audit_revision_history.data_content_type 
_pdbx_audit_revision_history.major_revision 
_pdbx_audit_revision_history.minor_revision 
_pdbx_audit_revision_history.revision_date 
1 'Structure model' 1 0 2011-07-13 
2 'Structure model' 1 1 2021-02-03 
3 'Structure model' 1 2 2023-12-27 
# 
_pdbx_audit_revision_details.ordinal             1 
_pdbx_audit_revision_details.revision_ordinal    1 
_pdbx_audit_revision_details.data_content_type   'Structure model' 
_pdbx_audit_revision_details.provider            repository 
_pdbx_audit_revision_details.type                'Initial release' 
_pdbx_audit_revision_details.description         ? 
_pdbx_audit_revision_details.details             ? 
# 
loop_
_pdbx_audit_revision_group.ordinal 
_pdbx_audit_revision_group.revision_ordinal 
_pdbx_audit_revision_group.data_content_type 
_pdbx_audit_revision_group.group 
1 2 'Structure model' 'Database references'  
2 2 'Structure model' 'Derived calculations' 
3 2 'Structure model' 'Structure summary'    
4 3 'Structure model' 'Data collection'      
5 3 'Structure model' 'Database references'  
# 
loop_
_pdbx_audit_revision_category.ordinal 
_pdbx_audit_revision_category.revision_ordinal 
_pdbx_audit_revision_category.data_content_type 
_pdbx_audit_revision_category.category 
1 2 'Structure model' audit_author           
2 2 'Structure model' citation_author        
3 2 'Structure model' pdbx_struct_conn_angle 
4 2 'Structure model' struct_conn            
5 2 'Structure model' struct_site            
6 3 'Structure model' chem_comp_atom         
7 3 'Structure model' chem_comp_bond         
8 3 'Structure model' database_2             
# 
loop_
_pdbx_audit_revision_item.ordinal 
_pdbx_audit_revision_item.revision_ordinal 
_pdbx_audit_revision_item.data_content_type 
_pdbx_audit_revision_item.item 
1  2 'Structure model' '_audit_author.identifier_ORCID'              
2  2 'Structure model' '_citation_author.identifier_ORCID'           
3  2 'Structure model' '_pdbx_struct_conn_angle.ptnr1_auth_comp_id'  
4  2 'Structure model' '_pdbx_struct_conn_angle.ptnr1_auth_seq_id'   
5  2 'Structure model' '_pdbx_struct_conn_angle.ptnr1_label_comp_id' 
6  2 'Structure model' '_pdbx_struct_conn_angle.ptnr1_label_seq_id'  
7  2 'Structure model' '_pdbx_struct_conn_angle.ptnr3_auth_comp_id'  
8  2 'Structure model' '_pdbx_struct_conn_angle.ptnr3_auth_seq_id'   
9  2 'Structure model' '_pdbx_struct_conn_angle.ptnr3_label_comp_id' 
10 2 'Structure model' '_pdbx_struct_conn_angle.ptnr3_label_seq_id'  
11 2 'Structure model' '_pdbx_struct_conn_angle.value'               
12 2 'Structure model' '_struct_conn.pdbx_dist_value'                
13 2 'Structure model' '_struct_conn.ptnr1_auth_comp_id'             
14 2 'Structure model' '_struct_conn.ptnr1_auth_seq_id'              
15 2 'Structure model' '_struct_conn.ptnr1_label_comp_id'            
16 2 'Structure model' '_struct_conn.ptnr1_label_seq_id'             
17 2 'Structure model' '_struct_site.pdbx_auth_asym_id'              
18 2 'Structure model' '_struct_site.pdbx_auth_comp_id'              
19 2 'Structure model' '_struct_site.pdbx_auth_seq_id'               
20 3 'Structure model' '_database_2.pdbx_DOI'                        
21 3 'Structure model' '_database_2.pdbx_database_accession'         
# 
_pdbx_database_status.status_code                     REL 
_pdbx_database_status.entry_id                        1VTN 
_pdbx_database_status.recvd_initial_deposition_date   1995-01-06 
_pdbx_database_status.deposit_site                    RCSB 
_pdbx_database_status.process_site                    RCSB 
_pdbx_database_status.SG_entry                        . 
_pdbx_database_status.status_code_sf                  ? 
_pdbx_database_status.status_code_mr                  ? 
_pdbx_database_status.status_code_cs                  ? 
_pdbx_database_status.pdb_format_compatible           Y 
_pdbx_database_status.status_code_nmr_data            ? 
_pdbx_database_status.methods_development_category    ? 
# 
loop_
_audit_author.name 
_audit_author.pdbx_ordinal 
_audit_author.identifier_ORCID 
'Clark, K.L.'  1 ?                   
'Halay, E.D.'  2 ?                   
'Lai, E.'      3 ?                   
'Burley, S.K.' 4 0000-0002-2487-9713 
# 
_citation.id                        primary 
_citation.title                     'Co-Crystal Structure of the HNF-3/Fork Head DNA-Recognition Motif Resembles Histone H5' 
_citation.journal_abbrev            Nature 
_citation.journal_volume            364 
_citation.page_first                412 
_citation.page_last                 420 
_citation.year                      1993 
_citation.journal_id_ASTM           NATUAS 
_citation.country                   UK 
_citation.journal_id_ISSN           0028-0836 
_citation.journal_id_CSD            0006 
_citation.book_publisher            ? 
_citation.pdbx_database_id_PubMed   8332212 
_citation.pdbx_database_id_DOI      10.1038/364412a0 
# 
loop_
_citation_author.citation_id 
_citation_author.name 
_citation_author.ordinal 
_citation_author.identifier_ORCID 
primary 'Clark, K.L.'  1 ?                   
primary 'Halay, E.D.'  2 ?                   
primary 'Lai, E.'      3 ?                   
primary 'Burley, S.K.' 4 0000-0002-2487-9713 
# 
loop_
_entity.id 
_entity.type 
_entity.src_method 
_entity.pdbx_description 
_entity.formula_weight 
_entity.pdbx_number_of_molecules 
_entity.pdbx_ec 
_entity.pdbx_mutation 
_entity.pdbx_fragment 
_entity.details 
1 polymer     syn 
;DNA (5'-D(*GP*AP*CP*TP*AP*AP*GP*TP*CP*AP*AP*CP*C)-3')
;
3944.601  1 ? ? ? ? 
2 polymer     syn 
;DNA (5'-D(*GP*GP*TP*TP*GP*AP*CP*TP*TP*AP*GP*TP*C)-3')
;
3997.607  1 ? ? ? ? 
3 polymer     man 'HNF-3/FORK HEAD DNA-RECOGNITION MOTIF'                 12051.863 1 ? ? ? ? 
4 non-polymer syn 'MAGNESIUM ION'                                         24.305    1 ? ? ? ? 
5 water       nat water                                                   18.015    5 ? ? ? ? 
# 
loop_
_entity_poly.entity_id 
_entity_poly.type 
_entity_poly.nstd_linkage 
_entity_poly.nstd_monomer 
_entity_poly.pdbx_seq_one_letter_code 
_entity_poly.pdbx_seq_one_letter_code_can 
_entity_poly.pdbx_strand_id 
_entity_poly.pdbx_target_identifier 
1 polydeoxyribonucleotide no no '(DG)(DA)(DC)(DT)(DA)(DA)(DG)(DT)(DC)(DA)(DA)(DC)(DC)' GACTAAGTCAACC A ? 
2 polydeoxyribonucleotide no no '(DG)(DG)(DT)(DT)(DG)(DA)(DC)(DT)(DT)(DA)(DG)(DT)(DC)' GGTTGACTTAGTC B ? 
3 'polypeptide(L)'        no no 
;HAKPPYSYISLITMAIQQAPGKMLTLSEIYQWIMDLFPYYRENQQRWQNSIRHSLSFNDCFVKVARSPDKPGKGSYWALH
PSSGNMFENGCYLRRQKRFKLA
;
;HAKPPYSYISLITMAIQQAPGKMLTLSEIYQWIMDLFPYYRENQQRWQNSIRHSLSFNDCFVKVARSPDKPGKGSYWALH
PSSGNMFENGCYLRRQKRFKLA
;
C ? 
# 
loop_
_pdbx_entity_nonpoly.entity_id 
_pdbx_entity_nonpoly.name 
_pdbx_entity_nonpoly.comp_id 
4 'MAGNESIUM ION' MG  
5 water           HOH 
# 
loop_
_entity_poly_seq.entity_id 
_entity_poly_seq.num 
_entity_poly_seq.mon_id 
_entity_poly_seq.hetero 
1 1   DG  n 
1 2   DA  n 
1 3   DC  n 
1 4   DT  n 
1 5   DA  n 
1 6   DA  n 
1 7   DG  n 
1 8   DT  n 
1 9   DC  n 
1 10  DA  n 
1 11  DA  n 
1 12  DC  n 
1 13  DC  n 
2 1   DG  n 
2 2   DG  n 
2 3   DT  n 
2 4   DT  n 
2 5   DG  n 
2 6   DA  n 
2 7   DC  n 
2 8   DT  n 
2 9   DT  n 
2 10  DA  n 
2 11  DG  n 
2 12  DT  n 
2 13  DC  n 
3 1   HIS n 
3 2   ALA n 
3 3   LYS n 
3 4   PRO n 
3 5   PRO n 
3 6   TYR n 
3 7   SER n 
3 8   TYR n 
3 9   ILE n 
3 10  SER n 
3 11  LEU n 
3 12  ILE n 
3 13  THR n 
3 14  MET n 
3 15  ALA n 
3 16  ILE n 
3 17  GLN n 
3 18  GLN n 
3 19  ALA n 
3 20  PRO n 
3 21  GLY n 
3 22  LYS n 
3 23  MET n 
3 24  LEU n 
3 25  THR n 
3 26  LEU n 
3 27  SER n 
3 28  GLU n 
3 29  ILE n 
3 30  TYR n 
3 31  GLN n 
3 32  TRP n 
3 33  ILE n 
3 34  MET n 
3 35  ASP n 
3 36  LEU n 
3 37  PHE n 
3 38  PRO n 
3 39  TYR n 
3 40  TYR n 
3 41  ARG n 
3 42  GLU n 
3 43  ASN n 
3 44  GLN n 
3 45  GLN n 
3 46  ARG n 
3 47  TRP n 
3 48  GLN n 
3 49  ASN n 
3 50  SER n 
3 51  ILE n 
3 52  ARG n 
3 53  HIS n 
3 54  SER n 
3 55  LEU n 
3 56  SER n 
3 57  PHE n 
3 58  ASN n 
3 59  ASP n 
3 60  CYS n 
3 61  PHE n 
3 62  VAL n 
3 63  LYS n 
3 64  VAL n 
3 65  ALA n 
3 66  ARG n 
3 67  SER n 
3 68  PRO n 
3 69  ASP n 
3 70  LYS n 
3 71  PRO n 
3 72  GLY n 
3 73  LYS n 
3 74  GLY n 
3 75  SER n 
3 76  TYR n 
3 77  TRP n 
3 78  ALA n 
3 79  LEU n 
3 80  HIS n 
3 81  PRO n 
3 82  SER n 
3 83  SER n 
3 84  GLY n 
3 85  ASN n 
3 86  MET n 
3 87  PHE n 
3 88  GLU n 
3 89  ASN n 
3 90  GLY n 
3 91  CYS n 
3 92  TYR n 
3 93  LEU n 
3 94  ARG n 
3 95  ARG n 
3 96  GLN n 
3 97  LYS n 
3 98  ARG n 
3 99  PHE n 
3 100 LYS n 
3 101 LEU n 
3 102 ALA n 
# 
_entity_src_gen.entity_id                          3 
_entity_src_gen.pdbx_src_id                        1 
_entity_src_gen.pdbx_alt_source_flag               sample 
_entity_src_gen.pdbx_seq_type                      ? 
_entity_src_gen.pdbx_beg_seq_num                   ? 
_entity_src_gen.pdbx_end_seq_num                   ? 
_entity_src_gen.gene_src_common_name               human 
_entity_src_gen.gene_src_genus                     ? 
_entity_src_gen.pdbx_gene_src_gene                 ? 
_entity_src_gen.gene_src_species                   ? 
_entity_src_gen.gene_src_strain                    ? 
_entity_src_gen.gene_src_tissue                    ? 
_entity_src_gen.gene_src_tissue_fraction           ? 
_entity_src_gen.gene_src_details                   ? 
_entity_src_gen.pdbx_gene_src_fragment             ? 
_entity_src_gen.pdbx_gene_src_scientific_name      'Homo sapiens' 
_entity_src_gen.pdbx_gene_src_ncbi_taxonomy_id     ? 
_entity_src_gen.pdbx_gene_src_variant              ? 
_entity_src_gen.pdbx_gene_src_cell_line            ? 
_entity_src_gen.pdbx_gene_src_atcc                 ? 
_entity_src_gen.pdbx_gene_src_organ                ? 
_entity_src_gen.pdbx_gene_src_organelle            ? 
_entity_src_gen.pdbx_gene_src_cell                 ? 
_entity_src_gen.pdbx_gene_src_cellular_location    ? 
_entity_src_gen.host_org_common_name               ? 
_entity_src_gen.pdbx_host_org_scientific_name      ? 
_entity_src_gen.pdbx_host_org_ncbi_taxonomy_id     ? 
_entity_src_gen.host_org_genus                     ? 
_entity_src_gen.pdbx_host_org_gene                 ? 
_entity_src_gen.pdbx_host_org_organ                ? 
_entity_src_gen.host_org_species                   ? 
_entity_src_gen.pdbx_host_org_tissue               ? 
_entity_src_gen.pdbx_host_org_tissue_fraction      ? 
_entity_src_gen.pdbx_host_org_strain               ? 
_entity_src_gen.pdbx_host_org_variant              ? 
_entity_src_gen.pdbx_host_org_cell_line            ? 
_entity_src_gen.pdbx_host_org_atcc                 ? 
_entity_src_gen.pdbx_host_org_culture_collection   ? 
_entity_src_gen.pdbx_host_org_cell                 ? 
_entity_src_gen.pdbx_host_org_organelle            ? 
_entity_src_gen.pdbx_host_org_cellular_location    ? 
_entity_src_gen.pdbx_host_org_vector_type          ? 
_entity_src_gen.pdbx_host_org_vector               ? 
_entity_src_gen.host_org_details                   ? 
_entity_src_gen.expression_system_id               ? 
_entity_src_gen.plasmid_name                       ? 
_entity_src_gen.plasmid_details                    ? 
_entity_src_gen.pdbx_description                   ? 
# 
loop_
_chem_comp.id 
_chem_comp.type 
_chem_comp.mon_nstd_flag 
_chem_comp.name 
_chem_comp.pdbx_synonyms 
_chem_comp.formula 
_chem_comp.formula_weight 
ALA 'L-peptide linking' y ALANINE                              ? 'C3 H7 N O2'      89.093  
ARG 'L-peptide linking' y ARGININE                             ? 'C6 H15 N4 O2 1'  175.209 
ASN 'L-peptide linking' y ASPARAGINE                           ? 'C4 H8 N2 O3'     132.118 
ASP 'L-peptide linking' y 'ASPARTIC ACID'                      ? 'C4 H7 N O4'      133.103 
CYS 'L-peptide linking' y CYSTEINE                             ? 'C3 H7 N O2 S'    121.158 
DA  'DNA linking'       y "2'-DEOXYADENOSINE-5'-MONOPHOSPHATE" ? 'C10 H14 N5 O6 P' 331.222 
DC  'DNA linking'       y "2'-DEOXYCYTIDINE-5'-MONOPHOSPHATE"  ? 'C9 H14 N3 O7 P'  307.197 
DG  'DNA linking'       y "2'-DEOXYGUANOSINE-5'-MONOPHOSPHATE" ? 'C10 H14 N5 O7 P' 347.221 
DT  'DNA linking'       y "THYMIDINE-5'-MONOPHOSPHATE"         ? 'C10 H15 N2 O8 P' 322.208 
GLN 'L-peptide linking' y GLUTAMINE                            ? 'C5 H10 N2 O3'    146.144 
GLU 'L-peptide linking' y 'GLUTAMIC ACID'                      ? 'C5 H9 N O4'      147.129 
GLY 'peptide linking'   y GLYCINE                              ? 'C2 H5 N O2'      75.067  
HIS 'L-peptide linking' y HISTIDINE                            ? 'C6 H10 N3 O2 1'  156.162 
HOH non-polymer         . WATER                                ? 'H2 O'            18.015  
ILE 'L-peptide linking' y ISOLEUCINE                           ? 'C6 H13 N O2'     131.173 
LEU 'L-peptide linking' y LEUCINE                              ? 'C6 H13 N O2'     131.173 
LYS 'L-peptide linking' y LYSINE                               ? 'C6 H15 N2 O2 1'  147.195 
MET 'L-peptide linking' y METHIONINE                           ? 'C5 H11 N O2 S'   149.211 
MG  non-polymer         . 'MAGNESIUM ION'                      ? 'Mg 2'            24.305  
PHE 'L-peptide linking' y PHENYLALANINE                        ? 'C9 H11 N O2'     165.189 
PRO 'L-peptide linking' y PROLINE                              ? 'C5 H9 N O2'      115.130 
SER 'L-peptide linking' y SERINE                               ? 'C3 H7 N O3'      105.093 
THR 'L-peptide linking' y THREONINE                            ? 'C4 H9 N O3'      119.119 
TRP 'L-peptide linking' y TRYPTOPHAN                           ? 'C11 H12 N2 O2'   204.225 
TYR 'L-peptide linking' y TYROSINE                             ? 'C9 H11 N O3'     181.189 
VAL 'L-peptide linking' y VALINE                               ? 'C5 H11 N O2'     117.146 
# 
loop_
_pdbx_poly_seq_scheme.asym_id 
_pdbx_poly_seq_scheme.entity_id 
_pdbx_poly_seq_scheme.seq_id 
_pdbx_poly_seq_scheme.mon_id 
_pdbx_poly_seq_scheme.ndb_seq_num 
_pdbx_poly_seq_scheme.pdb_seq_num 
_pdbx_poly_seq_scheme.auth_seq_num 
_pdbx_poly_seq_scheme.pdb_mon_id 
_pdbx_poly_seq_scheme.auth_mon_id 
_pdbx_poly_seq_scheme.pdb_strand_id 
_pdbx_poly_seq_scheme.pdb_ins_code 
_pdbx_poly_seq_scheme.hetero 
A 1 1   DG  1   1   1   DG  G   A . n 
A 1 2   DA  2   2   2   DA  A   A . n 
A 1 3   DC  3   3   3   DC  C   A . n 
A 1 4   DT  4   4   4   DT  T   A . n 
A 1 5   DA  5   5   5   DA  A   A . n 
A 1 6   DA  6   6   6   DA  A   A . n 
A 1 7   DG  7   7   7   DG  G   A . n 
A 1 8   DT  8   8   8   DT  T   A . n 
A 1 9   DC  9   9   9   DC  C   A . n 
A 1 10  DA  10  10  10  DA  A   A . n 
A 1 11  DA  11  11  11  DA  A   A . n 
A 1 12  DC  12  12  12  DC  C   A . n 
A 1 13  DC  13  13  13  DC  C   A . n 
B 2 1   DG  1   21  21  DG  G   B . n 
B 2 2   DG  2   22  22  DG  G   B . n 
B 2 3   DT  3   23  23  DT  T   B . n 
B 2 4   DT  4   24  24  DT  T   B . n 
B 2 5   DG  5   25  25  DG  G   B . n 
B 2 6   DA  6   26  26  DA  A   B . n 
B 2 7   DC  7   27  27  DC  C   B . n 
B 2 8   DT  8   28  28  DT  T   B . n 
B 2 9   DT  9   29  29  DT  T   B . n 
B 2 10  DA  10  30  30  DA  A   B . n 
B 2 11  DG  11  31  31  DG  G   B . n 
B 2 12  DT  12  32  32  DT  T   B . n 
B 2 13  DC  13  33  33  DC  C   B . n 
C 3 1   HIS 1   117 117 HIS HIS C . n 
C 3 2   ALA 2   118 118 ALA ALA C . n 
C 3 3   LYS 3   119 119 LYS LYS C . n 
C 3 4   PRO 4   120 120 PRO PRO C . n 
C 3 5   PRO 5   121 121 PRO PRO C . n 
C 3 6   TYR 6   122 122 TYR TYR C . n 
C 3 7   SER 7   123 123 SER SER C . n 
C 3 8   TYR 8   124 124 TYR TYR C . n 
C 3 9   ILE 9   125 125 ILE ILE C . n 
C 3 10  SER 10  126 126 SER SER C . n 
C 3 11  LEU 11  127 127 LEU LEU C . n 
C 3 12  ILE 12  128 128 ILE ILE C . n 
C 3 13  THR 13  129 129 THR THR C . n 
C 3 14  MET 14  130 130 MET MET C . n 
C 3 15  ALA 15  131 131 ALA ALA C . n 
C 3 16  ILE 16  132 132 ILE ILE C . n 
C 3 17  GLN 17  133 133 GLN GLN C . n 
C 3 18  GLN 18  134 134 GLN GLN C . n 
C 3 19  ALA 19  135 135 ALA ALA C . n 
C 3 20  PRO 20  136 136 PRO PRO C . n 
C 3 21  GLY 21  137 137 GLY GLY C . n 
C 3 22  LYS 22  138 138 LYS LYS C . n 
C 3 23  MET 23  139 139 MET MET C . n 
C 3 24  LEU 24  140 140 LEU LEU C . n 
C 3 25  THR 25  141 141 THR THR C . n 
C 3 26  LEU 26  142 142 LEU LEU C . n 
C 3 27  SER 27  143 143 SER SER C . n 
C 3 28  GLU 28  144 144 GLU GLU C . n 
C 3 29  ILE 29  145 145 ILE ILE C . n 
C 3 30  TYR 30  146 146 TYR TYR C . n 
C 3 31  GLN 31  147 147 GLN GLN C . n 
C 3 32  TRP 32  148 148 TRP TRP C . n 
C 3 33  ILE 33  149 149 ILE ILE C . n 
C 3 34  MET 34  150 150 MET MET C . n 
C 3 35  ASP 35  151 151 ASP ASP C . n 
C 3 36  LEU 36  152 152 LEU LEU C . n 
C 3 37  PHE 37  153 153 PHE PHE C . n 
C 3 38  PRO 38  154 154 PRO PRO C . n 
C 3 39  TYR 39  155 155 TYR TYR C . n 
C 3 40  TYR 40  156 156 TYR TYR C . n 
C 3 41  ARG 41  157 157 ARG ARG C . n 
C 3 42  GLU 42  158 158 GLU GLU C . n 
C 3 43  ASN 43  159 159 ASN ASN C . n 
C 3 44  GLN 44  160 160 GLN GLN C . n 
C 3 45  GLN 45  161 161 GLN GLN C . n 
C 3 46  ARG 46  162 162 ARG ARG C . n 
C 3 47  TRP 47  163 163 TRP TRP C . n 
C 3 48  GLN 48  164 164 GLN GLN C . n 
C 3 49  ASN 49  165 165 ASN ASN C . n 
C 3 50  SER 50  166 166 SER SER C . n 
C 3 51  ILE 51  167 167 ILE ILE C . n 
C 3 52  ARG 52  168 168 ARG ARG C . n 
C 3 53  HIS 53  169 169 HIS HIS C . n 
C 3 54  SER 54  170 170 SER SER C . n 
C 3 55  LEU 55  171 171 LEU LEU C . n 
C 3 56  SER 56  172 172 SER SER C . n 
C 3 57  PHE 57  173 173 PHE PHE C . n 
C 3 58  ASN 58  174 174 ASN ASN C . n 
C 3 59  ASP 59  175 175 ASP ASP C . n 
C 3 60  CYS 60  176 176 CYS CYS C . n 
C 3 61  PHE 61  177 177 PHE PHE C . n 
C 3 62  VAL 62  178 178 VAL VAL C . n 
C 3 63  LYS 63  179 179 LYS LYS C . n 
C 3 64  VAL 64  180 180 VAL VAL C . n 
C 3 65  ALA 65  181 181 ALA ALA C . n 
C 3 66  ARG 66  182 182 ARG ARG C . n 
C 3 67  SER 67  183 183 SER SER C . n 
C 3 68  PRO 68  184 184 PRO PRO C . n 
C 3 69  ASP 69  185 185 ASP ASP C . n 
C 3 70  LYS 70  186 186 LYS LYS C . n 
C 3 71  PRO 71  187 187 PRO PRO C . n 
C 3 72  GLY 72  188 188 GLY GLY C . n 
C 3 73  LYS 73  189 189 LYS LYS C . n 
C 3 74  GLY 74  190 190 GLY GLY C . n 
C 3 75  SER 75  191 191 SER SER C . n 
C 3 76  TYR 76  192 192 TYR TYR C . n 
C 3 77  TRP 77  193 193 TRP TRP C . n 
C 3 78  ALA 78  194 194 ALA ALA C . n 
C 3 79  LEU 79  195 195 LEU LEU C . n 
C 3 80  HIS 80  196 196 HIS HIS C . n 
C 3 81  PRO 81  197 197 PRO PRO C . n 
C 3 82  SER 82  198 198 SER SER C . n 
C 3 83  SER 83  199 199 SER SER C . n 
C 3 84  GLY 84  200 200 GLY GLY C . n 
C 3 85  ASN 85  201 201 ASN ASN C . n 
C 3 86  MET 86  202 202 MET MET C . n 
C 3 87  PHE 87  203 203 PHE PHE C . n 
C 3 88  GLU 88  204 204 GLU GLU C . n 
C 3 89  ASN 89  205 205 ASN ASN C . n 
C 3 90  GLY 90  206 206 GLY GLY C . n 
C 3 91  CYS 91  207 207 CYS CYS C . n 
C 3 92  TYR 92  208 208 TYR TYR C . n 
C 3 93  LEU 93  209 209 LEU LEU C . n 
C 3 94  ARG 94  210 210 ARG ARG C . n 
C 3 95  ARG 95  211 211 ARG ARG C . n 
C 3 96  GLN 96  212 212 GLN GLN C . n 
C 3 97  LYS 97  213 213 LYS LYS C . n 
C 3 98  ARG 98  214 214 ARG ARG C . n 
C 3 99  PHE 99  215 215 PHE PHE C . n 
C 3 100 LYS 100 216 216 LYS LYS C . n 
C 3 101 LEU 101 217 217 LEU LEU C . n 
C 3 102 ALA 102 218 218 ALA ALA C . n 
# 
loop_
_pdbx_nonpoly_scheme.asym_id 
_pdbx_nonpoly_scheme.entity_id 
_pdbx_nonpoly_scheme.mon_id 
_pdbx_nonpoly_scheme.ndb_seq_num 
_pdbx_nonpoly_scheme.pdb_seq_num 
_pdbx_nonpoly_scheme.auth_seq_num 
_pdbx_nonpoly_scheme.pdb_mon_id 
_pdbx_nonpoly_scheme.auth_mon_id 
_pdbx_nonpoly_scheme.pdb_strand_id 
_pdbx_nonpoly_scheme.pdb_ins_code 
D 4 MG  1 801 801 MG  MG  C . 
E 5 HOH 1 802 802 HOH HOH A . 
E 5 HOH 2 804 804 HOH HOH A . 
E 5 HOH 3 805 805 HOH HOH A . 
F 5 HOH 1 803 803 HOH HOH C . 
F 5 HOH 2 806 806 HOH HOH C . 
# 
_software.name             X-PLOR 
_software.classification   refinement 
_software.version          . 
_software.citation_id      ? 
_software.pdbx_ordinal     1 
# 
_cell.entry_id           1VTN 
_cell.length_a           74.600 
_cell.length_b           74.600 
_cell.length_c           85.050 
_cell.angle_alpha        90.00 
_cell.angle_beta         90.00 
_cell.angle_gamma        120.00 
_cell.Z_PDB              3 
_cell.pdbx_unique_axis   ? 
_cell.length_a_esd       ? 
_cell.length_b_esd       ? 
_cell.length_c_esd       ? 
_cell.angle_alpha_esd    ? 
_cell.angle_beta_esd     ? 
_cell.angle_gamma_esd    ? 
# 
_symmetry.entry_id                         1VTN 
_symmetry.space_group_name_H-M             'P 31' 
_symmetry.pdbx_full_space_group_name_H-M   ? 
_symmetry.cell_setting                     ? 
_symmetry.Int_Tables_number                144 
_symmetry.space_group_name_Hall            ? 
# 
_exptl.entry_id          1VTN 
_exptl.method            'X-RAY DIFFRACTION' 
_exptl.crystals_number   ? 
# 
_exptl_crystal.id                    1 
_exptl_crystal.density_meas          ? 
_exptl_crystal.density_Matthews      ? 
_exptl_crystal.density_percent_sol   ? 
_exptl_crystal.description           ? 
_exptl_crystal.F_000                 ? 
_exptl_crystal.preparation           ? 
# 
_exptl_crystal_grow.crystal_id      1 
_exptl_crystal_grow.method          'VAPOR DIFFUSION' 
_exptl_crystal_grow.temp            ? 
_exptl_crystal_grow.temp_details    ? 
_exptl_crystal_grow.pH              5.50 
_exptl_crystal_grow.pdbx_details    'pH 5.50, VAPOR DIFFUSION' 
_exptl_crystal_grow.pdbx_pH_range   ? 
# 
loop_
_exptl_crystal_grow_comp.crystal_id 
_exptl_crystal_grow_comp.id 
_exptl_crystal_grow_comp.sol_id 
_exptl_crystal_grow_comp.name 
_exptl_crystal_grow_comp.volume 
_exptl_crystal_grow_comp.conc 
_exptl_crystal_grow_comp.details 
1 1  1 WATER         1  2  3  
1 2  1 DTT           4  5  6  
1 3  1 KCL           7  8  9  
1 4  1 'NH4 ACETATE' 10 11 12 
1 5  1 MGCL2         13 14 15 
1 6  1 'K ACETATE'   16 17 18 
1 7  2 WATER         19 20 21 
1 8  2 DTT           22 23 24 
1 9  2 KCL           25 26 27 
1 10 2 MGCL2         28 29 30 
1 11 2 'K ACETATE'   31 32 33 
# 
_diffrn.id                     1 
_diffrn.ambient_temp           ? 
_diffrn.ambient_temp_details   ? 
_diffrn.crystal_id             1 
# 
_diffrn_detector.diffrn_id              1 
_diffrn_detector.detector               'IMAGE PLATE' 
_diffrn_detector.type                   'RIGAKU RAXIS IIC' 
_diffrn_detector.pdbx_collection_date   ? 
_diffrn_detector.details                ? 
# 
_diffrn_radiation.diffrn_id                        1 
_diffrn_radiation.wavelength_id                    1 
_diffrn_radiation.pdbx_monochromatic_or_laue_m_l   M 
_diffrn_radiation.monochromator                    ? 
_diffrn_radiation.pdbx_diffrn_protocol             'SINGLE WAVELENGTH' 
_diffrn_radiation.pdbx_scattering_type             x-ray 
# 
_diffrn_radiation_wavelength.id           1 
_diffrn_radiation_wavelength.wavelength   . 
_diffrn_radiation_wavelength.wt           1.0 
# 
_reflns.entry_id                     1VTN 
_reflns.observed_criterion_sigma_I   ? 
_reflns.observed_criterion_sigma_F   ? 
_reflns.d_resolution_low             ? 
_reflns.d_resolution_high            2.500 
_reflns.number_obs                   18352 
_reflns.number_all                   100640 
_reflns.percent_possible_obs         ? 
_reflns.pdbx_Rmerge_I_obs            ? 
_reflns.pdbx_Rsym_value              ? 
_reflns.pdbx_netI_over_sigmaI        ? 
_reflns.B_iso_Wilson_estimate        ? 
_reflns.pdbx_redundancy              ? 
_reflns.R_free_details               ? 
_reflns.pdbx_ordinal                 1 
_reflns.pdbx_diffrn_id               1 
_reflns.pdbx_chi_squared             ? 
_reflns.pdbx_scaling_rejects         ? 
# 
_refine.entry_id                                 1VTN 
_refine.ls_number_reflns_obs                     18352 
_refine.ls_number_reflns_all                     ? 
_refine.pdbx_ls_sigma_I                          ? 
_refine.pdbx_ls_sigma_F                          ? 
_refine.pdbx_data_cutoff_high_absF               ? 
_refine.pdbx_data_cutoff_low_absF                ? 
_refine.pdbx_data_cutoff_high_rms_absF           ? 
_refine.ls_d_res_low                             6.000 
_refine.ls_d_res_high                            2.500 
_refine.ls_percent_reflns_obs                    ? 
_refine.ls_R_factor_obs                          0.2110000 
_refine.ls_R_factor_all                          ? 
_refine.ls_R_factor_R_work                       0.2110000 
_refine.ls_R_factor_R_free                       ? 
_refine.ls_R_factor_R_free_error                 ? 
_refine.ls_R_factor_R_free_error_details         ? 
_refine.ls_percent_reflns_R_free                 ? 
_refine.ls_number_reflns_R_free                  ? 
_refine.ls_number_parameters                     ? 
_refine.ls_number_restraints                     ? 
_refine.occupancy_min                            ? 
_refine.occupancy_max                            ? 
_refine.B_iso_mean                               ? 
_refine.aniso_B[1][1]                            ? 
_refine.aniso_B[2][2]                            ? 
_refine.aniso_B[3][3]                            ? 
_refine.aniso_B[1][2]                            ? 
_refine.aniso_B[1][3]                            ? 
_refine.aniso_B[2][3]                            ? 
_refine.solvent_model_details                    ? 
_refine.solvent_model_param_ksol                 ? 
_refine.solvent_model_param_bsol                 ? 
_refine.pdbx_ls_cross_valid_method               ? 
_refine.details                                  ? 
_refine.pdbx_starting_model                      ? 
_refine.pdbx_method_to_determine_struct          ? 
_refine.pdbx_isotropic_thermal_model             ? 
_refine.pdbx_stereochemistry_target_values       ? 
_refine.pdbx_stereochem_target_val_spec_case     ? 
_refine.pdbx_R_Free_selection_details            ? 
_refine.pdbx_overall_ESU_R_Free                  ? 
_refine.overall_SU_ML                            ? 
_refine.overall_SU_B                             ? 
_refine.ls_redundancy_reflns_obs                 ? 
_refine.correlation_coeff_Fo_to_Fc               ? 
_refine.correlation_coeff_Fo_to_Fc_free          ? 
_refine.overall_SU_R_Cruickshank_DPI             ? 
_refine.overall_SU_R_free                        ? 
_refine.pdbx_diffrn_id                           1 
_refine.pdbx_refine_id                           'X-RAY DIFFRACTION' 
_refine.pdbx_overall_phase_error                 ? 
_refine.pdbx_solvent_vdw_probe_radii             ? 
_refine.pdbx_solvent_ion_probe_radii             ? 
_refine.pdbx_solvent_shrinkage_radii             ? 
_refine.ls_wR_factor_R_free                      ? 
_refine.ls_wR_factor_R_work                      ? 
_refine.overall_FOM_free_R_set                   ? 
_refine.overall_FOM_work_R_set                   ? 
_refine.pdbx_overall_ESU_R                       ? 
_refine.pdbx_TLS_residual_ADP_flag               ? 
_refine.pdbx_overall_SU_R_free_Cruickshank_DPI   ? 
_refine.pdbx_overall_SU_R_Blow_DPI               ? 
_refine.pdbx_overall_SU_R_free_Blow_DPI          ? 
# 
_refine_hist.pdbx_refine_id                   'X-RAY DIFFRACTION' 
_refine_hist.cycle_id                         LAST 
_refine_hist.pdbx_number_atoms_protein        848 
_refine_hist.pdbx_number_atoms_nucleic_acid   527 
_refine_hist.pdbx_number_atoms_ligand         1 
_refine_hist.number_atoms_solvent             5 
_refine_hist.number_atoms_total               1381 
_refine_hist.d_res_high                       2.500 
_refine_hist.d_res_low                        6.000 
# 
_struct.entry_id                  1VTN 
_struct.title                     'CO-CRYSTAL STRUCTURE OF THE HNF-3/FORK HEAD DNA-RECOGNITION MOTIF RESEMBLES HISTONE H5' 
_struct.pdbx_model_details        ? 
_struct.pdbx_CASP_flag            ? 
_struct.pdbx_model_type_details   ? 
# 
_struct_keywords.entry_id        1VTN 
_struct_keywords.pdbx_keywords   TRANSCRIPTION/DNA 
_struct_keywords.text            'PROTEIN-DNA COMPLEX, DOUBLE HELIX, TRANSCRIPTION-DNA complex' 
# 
loop_
_struct_asym.id 
_struct_asym.pdbx_blank_PDB_chainid_flag 
_struct_asym.pdbx_modified 
_struct_asym.entity_id 
_struct_asym.details 
A N N 1 ? 
B N N 2 ? 
C N N 3 ? 
D N N 4 ? 
E N N 5 ? 
F N N 5 ? 
# 
loop_
_struct_ref.id 
_struct_ref.db_name 
_struct_ref.db_code 
_struct_ref.entity_id 
_struct_ref.pdbx_db_accession 
_struct_ref.pdbx_align_begin 
_struct_ref.pdbx_seq_one_letter_code 
_struct_ref.pdbx_db_isoform 
1 UNP HN3G_HUMAN 3 P55318 ? ? ? 
2 PDB 1VTN       1 1VTN   ? ? ? 
3 PDB 1VTN       2 1VTN   ? ? ? 
# 
loop_
_struct_ref_seq.align_id 
_struct_ref_seq.ref_id 
_struct_ref_seq.pdbx_PDB_id_code 
_struct_ref_seq.pdbx_strand_id 
_struct_ref_seq.seq_align_beg 
_struct_ref_seq.pdbx_seq_align_beg_ins_code 
_struct_ref_seq.seq_align_end 
_struct_ref_seq.pdbx_seq_align_end_ins_code 
_struct_ref_seq.pdbx_db_accession 
_struct_ref_seq.db_align_beg 
_struct_ref_seq.pdbx_db_align_beg_ins_code 
_struct_ref_seq.db_align_end 
_struct_ref_seq.pdbx_db_align_end_ins_code 
_struct_ref_seq.pdbx_auth_seq_align_beg 
_struct_ref_seq.pdbx_auth_seq_align_end 
1 1 1VTN C 1 ? 101 ? P55318 115 ? 215 ? 117 217 
2 2 1VTN A 1 ? 13  ? 1VTN   1   ? 13  ? 1   13  
3 3 1VTN B 1 ? 13  ? 1VTN   21  ? 33  ? 21  33  
# 
_pdbx_struct_assembly.id                   1 
_pdbx_struct_assembly.details              author_and_software_defined_assembly 
_pdbx_struct_assembly.method_details       PISA 
_pdbx_struct_assembly.oligomeric_details   trimeric 
_pdbx_struct_assembly.oligomeric_count     3 
# 
loop_
_pdbx_struct_assembly_prop.biol_id 
_pdbx_struct_assembly_prop.type 
_pdbx_struct_assembly_prop.value 
_pdbx_struct_assembly_prop.details 
1 'ABSA (A^2)' 3470 ? 
1 MORE         -33  ? 
1 'SSA (A^2)'  9210 ? 
# 
_pdbx_struct_assembly_gen.assembly_id       1 
_pdbx_struct_assembly_gen.oper_expression   1 
_pdbx_struct_assembly_gen.asym_id_list      A,B,C,D,E,F 
# 
_pdbx_struct_oper_list.id                   1 
_pdbx_struct_oper_list.type                 'identity operation' 
_pdbx_struct_oper_list.name                 1_555 
_pdbx_struct_oper_list.symmetry_operation   x,y,z 
_pdbx_struct_oper_list.matrix[1][1]         1.0000000000 
_pdbx_struct_oper_list.matrix[1][2]         0.0000000000 
_pdbx_struct_oper_list.matrix[1][3]         0.0000000000 
_pdbx_struct_oper_list.vector[1]            0.0000000000 
_pdbx_struct_oper_list.matrix[2][1]         0.0000000000 
_pdbx_struct_oper_list.matrix[2][2]         1.0000000000 
_pdbx_struct_oper_list.matrix[2][3]         0.0000000000 
_pdbx_struct_oper_list.vector[2]            0.0000000000 
_pdbx_struct_oper_list.matrix[3][1]         0.0000000000 
_pdbx_struct_oper_list.matrix[3][2]         0.0000000000 
_pdbx_struct_oper_list.matrix[3][3]         1.0000000000 
_pdbx_struct_oper_list.vector[3]            0.0000000000 
# 
_struct_biol.id                    1 
_struct_biol.pdbx_parent_biol_id   ? 
_struct_biol.details               ? 
# 
loop_
_struct_conf.conf_type_id 
_struct_conf.id 
_struct_conf.pdbx_PDB_helix_id 
_struct_conf.beg_label_comp_id 
_struct_conf.beg_label_asym_id 
_struct_conf.beg_label_seq_id 
_struct_conf.pdbx_beg_PDB_ins_code 
_struct_conf.end_label_comp_id 
_struct_conf.end_label_asym_id 
_struct_conf.end_label_seq_id 
_struct_conf.pdbx_end_PDB_ins_code 
_struct_conf.beg_auth_comp_id 
_struct_conf.beg_auth_asym_id 
_struct_conf.beg_auth_seq_id 
_struct_conf.end_auth_comp_id 
_struct_conf.end_auth_asym_id 
_struct_conf.end_auth_seq_id 
_struct_conf.pdbx_PDB_helix_class 
_struct_conf.details 
_struct_conf.pdbx_PDB_helix_length 
HELX_P HELX_P1 1 SER C 7  ? GLN C 18 ? SER C 123 GLN C 134 1 ? 12 
HELX_P HELX_P2 2 THR C 25 ? PHE C 37 ? THR C 141 PHE C 153 1 ? 13 
HELX_P HELX_P3 3 PRO C 38 ? GLU C 42 ? PRO C 154 GLU C 158 5 ? 5  
HELX_P HELX_P4 4 ASN C 43 ? ASN C 58 ? ASN C 159 ASN C 174 1 ? 16 
HELX_P HELX_P5 5 PRO C 81 ? GLY C 84 ? PRO C 197 GLY C 200 5 ? 4  
# 
_struct_conf_type.id          HELX_P 
_struct_conf_type.criteria    ? 
_struct_conf_type.reference   ? 
# 
loop_
_struct_conn.id 
_struct_conn.conn_type_id 
_struct_conn.pdbx_leaving_atom_flag 
_struct_conn.pdbx_PDB_id 
_struct_conn.ptnr1_label_asym_id 
_struct_conn.ptnr1_label_comp_id 
_struct_conn.ptnr1_label_seq_id 
_struct_conn.ptnr1_label_atom_id 
_struct_conn.pdbx_ptnr1_label_alt_id 
_struct_conn.pdbx_ptnr1_PDB_ins_code 
_struct_conn.pdbx_ptnr1_standard_comp_id 
_struct_conn.ptnr1_symmetry 
_struct_conn.ptnr2_label_asym_id 
_struct_conn.ptnr2_label_comp_id 
_struct_conn.ptnr2_label_seq_id 
_struct_conn.ptnr2_label_atom_id 
_struct_conn.pdbx_ptnr2_label_alt_id 
_struct_conn.pdbx_ptnr2_PDB_ins_code 
_struct_conn.ptnr1_auth_asym_id 
_struct_conn.ptnr1_auth_comp_id 
_struct_conn.ptnr1_auth_seq_id 
_struct_conn.ptnr2_auth_asym_id 
_struct_conn.ptnr2_auth_comp_id 
_struct_conn.ptnr2_auth_seq_id 
_struct_conn.ptnr2_symmetry 
_struct_conn.pdbx_ptnr3_label_atom_id 
_struct_conn.pdbx_ptnr3_label_seq_id 
_struct_conn.pdbx_ptnr3_label_comp_id 
_struct_conn.pdbx_ptnr3_label_asym_id 
_struct_conn.pdbx_ptnr3_label_alt_id 
_struct_conn.pdbx_ptnr3_PDB_ins_code 
_struct_conn.details 
_struct_conn.pdbx_dist_value 
_struct_conn.pdbx_value_order 
_struct_conn.pdbx_role 
metalc1  metalc ? ? C LEU 55 O  ? ? ? 1_555 D MG .  MG ? ? C LEU 171 C MG 801 1_555 ? ? ? ? ? ? ?            2.506 ? ? 
metalc2  metalc ? ? C ASN 58 O  ? ? ? 1_555 D MG .  MG ? ? C ASN 174 C MG 801 1_555 ? ? ? ? ? ? ?            2.518 ? ? 
metalc3  metalc ? ? C PHE 61 O  ? ? ? 1_555 D MG .  MG ? ? C PHE 177 C MG 801 1_555 ? ? ? ? ? ? ?            2.461 ? ? 
hydrog1  hydrog ? ? A DG  1  N1 ? ? ? 1_555 B DC 13 N3 ? ? A DG  1   B DC 33  1_555 ? ? ? ? ? ? WATSON-CRICK ?     ? ? 
hydrog2  hydrog ? ? A DG  1  N2 ? ? ? 1_555 B DC 13 O2 ? ? A DG  1   B DC 33  1_555 ? ? ? ? ? ? WATSON-CRICK ?     ? ? 
hydrog3  hydrog ? ? A DG  1  O6 ? ? ? 1_555 B DC 13 N4 ? ? A DG  1   B DC 33  1_555 ? ? ? ? ? ? WATSON-CRICK ?     ? ? 
hydrog4  hydrog ? ? A DA  2  N1 ? ? ? 1_555 B DT 12 N3 ? ? A DA  2   B DT 32  1_555 ? ? ? ? ? ? WATSON-CRICK ?     ? ? 
hydrog5  hydrog ? ? A DA  2  N6 ? ? ? 1_555 B DT 12 O4 ? ? A DA  2   B DT 32  1_555 ? ? ? ? ? ? WATSON-CRICK ?     ? ? 
hydrog6  hydrog ? ? A DC  3  N3 ? ? ? 1_555 B DG 11 N1 ? ? A DC  3   B DG 31  1_555 ? ? ? ? ? ? WATSON-CRICK ?     ? ? 
hydrog7  hydrog ? ? A DC  3  N4 ? ? ? 1_555 B DG 11 O6 ? ? A DC  3   B DG 31  1_555 ? ? ? ? ? ? WATSON-CRICK ?     ? ? 
hydrog8  hydrog ? ? A DC  3  O2 ? ? ? 1_555 B DG 11 N2 ? ? A DC  3   B DG 31  1_555 ? ? ? ? ? ? WATSON-CRICK ?     ? ? 
hydrog9  hydrog ? ? A DT  4  N3 ? ? ? 1_555 B DA 10 N1 ? ? A DT  4   B DA 30  1_555 ? ? ? ? ? ? WATSON-CRICK ?     ? ? 
hydrog10 hydrog ? ? A DT  4  O4 ? ? ? 1_555 B DA 10 N6 ? ? A DT  4   B DA 30  1_555 ? ? ? ? ? ? WATSON-CRICK ?     ? ? 
hydrog11 hydrog ? ? A DA  5  N1 ? ? ? 1_555 B DT 9  N3 ? ? A DA  5   B DT 29  1_555 ? ? ? ? ? ? WATSON-CRICK ?     ? ? 
hydrog12 hydrog ? ? A DA  5  N6 ? ? ? 1_555 B DT 9  O4 ? ? A DA  5   B DT 29  1_555 ? ? ? ? ? ? WATSON-CRICK ?     ? ? 
hydrog13 hydrog ? ? A DA  6  N1 ? ? ? 1_555 B DT 8  N3 ? ? A DA  6   B DT 28  1_555 ? ? ? ? ? ? WATSON-CRICK ?     ? ? 
hydrog14 hydrog ? ? A DA  6  N6 ? ? ? 1_555 B DT 8  O4 ? ? A DA  6   B DT 28  1_555 ? ? ? ? ? ? WATSON-CRICK ?     ? ? 
hydrog15 hydrog ? ? A DG  7  N1 ? ? ? 1_555 B DC 7  N3 ? ? A DG  7   B DC 27  1_555 ? ? ? ? ? ? WATSON-CRICK ?     ? ? 
hydrog16 hydrog ? ? A DG  7  N2 ? ? ? 1_555 B DC 7  O2 ? ? A DG  7   B DC 27  1_555 ? ? ? ? ? ? WATSON-CRICK ?     ? ? 
hydrog17 hydrog ? ? A DG  7  O6 ? ? ? 1_555 B DC 7  N4 ? ? A DG  7   B DC 27  1_555 ? ? ? ? ? ? WATSON-CRICK ?     ? ? 
hydrog18 hydrog ? ? A DT  8  N3 ? ? ? 1_555 B DA 6  N1 ? ? A DT  8   B DA 26  1_555 ? ? ? ? ? ? WATSON-CRICK ?     ? ? 
hydrog19 hydrog ? ? A DT  8  O4 ? ? ? 1_555 B DA 6  N6 ? ? A DT  8   B DA 26  1_555 ? ? ? ? ? ? WATSON-CRICK ?     ? ? 
hydrog20 hydrog ? ? A DC  9  N3 ? ? ? 1_555 B DG 5  N1 ? ? A DC  9   B DG 25  1_555 ? ? ? ? ? ? WATSON-CRICK ?     ? ? 
hydrog21 hydrog ? ? A DC  9  N4 ? ? ? 1_555 B DG 5  O6 ? ? A DC  9   B DG 25  1_555 ? ? ? ? ? ? WATSON-CRICK ?     ? ? 
hydrog22 hydrog ? ? A DC  9  O2 ? ? ? 1_555 B DG 5  N2 ? ? A DC  9   B DG 25  1_555 ? ? ? ? ? ? WATSON-CRICK ?     ? ? 
hydrog23 hydrog ? ? A DA  10 N1 ? ? ? 1_555 B DT 4  N3 ? ? A DA  10  B DT 24  1_555 ? ? ? ? ? ? WATSON-CRICK ?     ? ? 
hydrog24 hydrog ? ? A DA  10 N6 ? ? ? 1_555 B DT 4  O4 ? ? A DA  10  B DT 24  1_555 ? ? ? ? ? ? WATSON-CRICK ?     ? ? 
hydrog25 hydrog ? ? A DA  11 N1 ? ? ? 1_555 B DT 3  N3 ? ? A DA  11  B DT 23  1_555 ? ? ? ? ? ? WATSON-CRICK ?     ? ? 
hydrog26 hydrog ? ? A DA  11 N6 ? ? ? 1_555 B DT 3  O4 ? ? A DA  11  B DT 23  1_555 ? ? ? ? ? ? WATSON-CRICK ?     ? ? 
hydrog27 hydrog ? ? A DC  12 N3 ? ? ? 1_555 B DG 2  N1 ? ? A DC  12  B DG 22  1_555 ? ? ? ? ? ? WATSON-CRICK ?     ? ? 
hydrog28 hydrog ? ? A DC  12 N4 ? ? ? 1_555 B DG 2  O6 ? ? A DC  12  B DG 22  1_555 ? ? ? ? ? ? WATSON-CRICK ?     ? ? 
hydrog29 hydrog ? ? A DC  12 O2 ? ? ? 1_555 B DG 2  N2 ? ? A DC  12  B DG 22  1_555 ? ? ? ? ? ? WATSON-CRICK ?     ? ? 
hydrog30 hydrog ? ? A DC  13 N3 ? ? ? 1_555 B DG 1  N1 ? ? A DC  13  B DG 21  1_555 ? ? ? ? ? ? WATSON-CRICK ?     ? ? 
hydrog31 hydrog ? ? A DC  13 N4 ? ? ? 1_555 B DG 1  O6 ? ? A DC  13  B DG 21  1_555 ? ? ? ? ? ? WATSON-CRICK ?     ? ? 
hydrog32 hydrog ? ? A DC  13 O2 ? ? ? 1_555 B DG 1  N2 ? ? A DC  13  B DG 21  1_555 ? ? ? ? ? ? WATSON-CRICK ?     ? ? 
# 
loop_
_struct_conn_type.id 
_struct_conn_type.criteria 
_struct_conn_type.reference 
metalc ? ? 
hydrog ? ? 
# 
loop_
_pdbx_struct_conn_angle.id 
_pdbx_struct_conn_angle.ptnr1_label_atom_id 
_pdbx_struct_conn_angle.ptnr1_label_alt_id 
_pdbx_struct_conn_angle.ptnr1_label_asym_id 
_pdbx_struct_conn_angle.ptnr1_label_comp_id 
_pdbx_struct_conn_angle.ptnr1_label_seq_id 
_pdbx_struct_conn_angle.ptnr1_auth_atom_id 
_pdbx_struct_conn_angle.ptnr1_auth_asym_id 
_pdbx_struct_conn_angle.ptnr1_auth_comp_id 
_pdbx_struct_conn_angle.ptnr1_auth_seq_id 
_pdbx_struct_conn_angle.ptnr1_PDB_ins_code 
_pdbx_struct_conn_angle.ptnr1_symmetry 
_pdbx_struct_conn_angle.ptnr2_label_atom_id 
_pdbx_struct_conn_angle.ptnr2_label_alt_id 
_pdbx_struct_conn_angle.ptnr2_label_asym_id 
_pdbx_struct_conn_angle.ptnr2_label_comp_id 
_pdbx_struct_conn_angle.ptnr2_label_seq_id 
_pdbx_struct_conn_angle.ptnr2_auth_atom_id 
_pdbx_struct_conn_angle.ptnr2_auth_asym_id 
_pdbx_struct_conn_angle.ptnr2_auth_comp_id 
_pdbx_struct_conn_angle.ptnr2_auth_seq_id 
_pdbx_struct_conn_angle.ptnr2_PDB_ins_code 
_pdbx_struct_conn_angle.ptnr2_symmetry 
_pdbx_struct_conn_angle.ptnr3_label_atom_id 
_pdbx_struct_conn_angle.ptnr3_label_alt_id 
_pdbx_struct_conn_angle.ptnr3_label_asym_id 
_pdbx_struct_conn_angle.ptnr3_label_comp_id 
_pdbx_struct_conn_angle.ptnr3_label_seq_id 
_pdbx_struct_conn_angle.ptnr3_auth_atom_id 
_pdbx_struct_conn_angle.ptnr3_auth_asym_id 
_pdbx_struct_conn_angle.ptnr3_auth_comp_id 
_pdbx_struct_conn_angle.ptnr3_auth_seq_id 
_pdbx_struct_conn_angle.ptnr3_PDB_ins_code 
_pdbx_struct_conn_angle.ptnr3_symmetry 
_pdbx_struct_conn_angle.value 
_pdbx_struct_conn_angle.value_esd 
1 O ? C LEU 55 ? C LEU 171 ? 1_555 MG ? D MG . ? C MG 801 ? 1_555 O ? C ASN 58 ? C ASN 174 ? 1_555 91.6 ? 
2 O ? C LEU 55 ? C LEU 171 ? 1_555 MG ? D MG . ? C MG 801 ? 1_555 O ? C PHE 61 ? C PHE 177 ? 1_555 94.1 ? 
3 O ? C ASN 58 ? C ASN 174 ? 1_555 MG ? D MG . ? C MG 801 ? 1_555 O ? C PHE 61 ? C PHE 177 ? 1_555 81.1 ? 
# 
_struct_sheet.id               A 
_struct_sheet.type             ? 
_struct_sheet.number_strands   2 
_struct_sheet.details          ? 
# 
_struct_sheet_order.sheet_id     A 
_struct_sheet_order.range_id_1   1 
_struct_sheet_order.range_id_2   2 
_struct_sheet_order.offset       ? 
_struct_sheet_order.sense        anti-parallel 
# 
loop_
_struct_sheet_range.sheet_id 
_struct_sheet_range.id 
_struct_sheet_range.beg_label_comp_id 
_struct_sheet_range.beg_label_asym_id 
_struct_sheet_range.beg_label_seq_id 
_struct_sheet_range.pdbx_beg_PDB_ins_code 
_struct_sheet_range.end_label_comp_id 
_struct_sheet_range.end_label_asym_id 
_struct_sheet_range.end_label_seq_id 
_struct_sheet_range.pdbx_end_PDB_ins_code 
_struct_sheet_range.beg_auth_comp_id 
_struct_sheet_range.beg_auth_asym_id 
_struct_sheet_range.beg_auth_seq_id 
_struct_sheet_range.end_auth_comp_id 
_struct_sheet_range.end_auth_asym_id 
_struct_sheet_range.end_auth_seq_id 
A 1 PHE C 61 ? VAL C 64 ? PHE C 177 VAL C 180 
A 2 TYR C 76 ? LEU C 79 ? TYR C 192 LEU C 195 
# 
_pdbx_struct_sheet_hbond.sheet_id                A 
_pdbx_struct_sheet_hbond.range_id_1              1 
_pdbx_struct_sheet_hbond.range_id_2              2 
_pdbx_struct_sheet_hbond.range_1_label_atom_id   N 
_pdbx_struct_sheet_hbond.range_1_label_comp_id   VAL 
_pdbx_struct_sheet_hbond.range_1_label_asym_id   C 
_pdbx_struct_sheet_hbond.range_1_label_seq_id    64 
_pdbx_struct_sheet_hbond.range_1_PDB_ins_code    ? 
_pdbx_struct_sheet_hbond.range_1_auth_atom_id    N 
_pdbx_struct_sheet_hbond.range_1_auth_comp_id    VAL 
_pdbx_struct_sheet_hbond.range_1_auth_asym_id    C 
_pdbx_struct_sheet_hbond.range_1_auth_seq_id     180 
_pdbx_struct_sheet_hbond.range_2_label_atom_id   O 
_pdbx_struct_sheet_hbond.range_2_label_comp_id   TYR 
_pdbx_struct_sheet_hbond.range_2_label_asym_id   C 
_pdbx_struct_sheet_hbond.range_2_label_seq_id    76 
_pdbx_struct_sheet_hbond.range_2_PDB_ins_code    ? 
_pdbx_struct_sheet_hbond.range_2_auth_atom_id    O 
_pdbx_struct_sheet_hbond.range_2_auth_comp_id    TYR 
_pdbx_struct_sheet_hbond.range_2_auth_asym_id    C 
_pdbx_struct_sheet_hbond.range_2_auth_seq_id     192 
# 
_struct_site.id                   AC1 
_struct_site.pdbx_evidence_code   Software 
_struct_site.pdbx_auth_asym_id    C 
_struct_site.pdbx_auth_comp_id    MG 
_struct_site.pdbx_auth_seq_id     801 
_struct_site.pdbx_auth_ins_code   ? 
_struct_site.pdbx_num_residues    4 
_struct_site.details              'BINDING SITE FOR RESIDUE MG C 801' 
# 
loop_
_struct_site_gen.id 
_struct_site_gen.site_id 
_struct_site_gen.pdbx_num_res 
_struct_site_gen.label_comp_id 
_struct_site_gen.label_asym_id 
_struct_site_gen.label_seq_id 
_struct_site_gen.pdbx_auth_ins_code 
_struct_site_gen.auth_comp_id 
_struct_site_gen.auth_asym_id 
_struct_site_gen.auth_seq_id 
_struct_site_gen.label_atom_id 
_struct_site_gen.label_alt_id 
_struct_site_gen.symmetry 
_struct_site_gen.details 
1 AC1 4 LEU C 55 ? LEU C 171 . ? 1_555 ? 
2 AC1 4 SER C 56 ? SER C 172 . ? 1_555 ? 
3 AC1 4 ASN C 58 ? ASN C 174 . ? 1_555 ? 
4 AC1 4 PHE C 61 ? PHE C 177 . ? 1_555 ? 
# 
loop_
_pdbx_validate_rmsd_bond.id 
_pdbx_validate_rmsd_bond.PDB_model_num 
_pdbx_validate_rmsd_bond.auth_atom_id_1 
_pdbx_validate_rmsd_bond.auth_asym_id_1 
_pdbx_validate_rmsd_bond.auth_comp_id_1 
_pdbx_validate_rmsd_bond.auth_seq_id_1 
_pdbx_validate_rmsd_bond.PDB_ins_code_1 
_pdbx_validate_rmsd_bond.label_alt_id_1 
_pdbx_validate_rmsd_bond.auth_atom_id_2 
_pdbx_validate_rmsd_bond.auth_asym_id_2 
_pdbx_validate_rmsd_bond.auth_comp_id_2 
_pdbx_validate_rmsd_bond.auth_seq_id_2 
_pdbx_validate_rmsd_bond.PDB_ins_code_2 
_pdbx_validate_rmsd_bond.label_alt_id_2 
_pdbx_validate_rmsd_bond.bond_value 
_pdbx_validate_rmsd_bond.bond_target_value 
_pdbx_validate_rmsd_bond.bond_deviation 
_pdbx_validate_rmsd_bond.bond_standard_deviation 
_pdbx_validate_rmsd_bond.linker_flag 
1  1 "C5'" A DG 1  ? ? "C4'" A DG 1  ? ? 1.577 1.512 0.065  0.007 N 
2  1 N9    A DG 1  ? ? C4    A DG 1  ? ? 1.426 1.375 0.051  0.008 N 
3  1 "O3'" A DC 3  ? ? "C3'" A DC 3  ? ? 1.372 1.419 -0.047 0.006 N 
4  1 N1    A DC 3  ? ? C6    A DC 3  ? ? 1.319 1.367 -0.048 0.006 N 
5  1 C4    A DC 3  ? ? C5    A DC 3  ? ? 1.370 1.425 -0.055 0.008 N 
6  1 "C2'" A DT 4  ? ? "C1'" A DT 4  ? ? 1.457 1.518 -0.061 0.010 N 
7  1 "O3'" A DT 4  ? ? "C3'" A DT 4  ? ? 1.355 1.419 -0.064 0.006 N 
8  1 C6    A DA 6  ? ? N1    A DA 6  ? ? 1.303 1.351 -0.048 0.007 N 
9  1 N9    A DA 6  ? ? C4    A DA 6  ? ? 1.330 1.374 -0.044 0.006 N 
10 1 C6    A DG 7  ? ? N1    A DG 7  ? ? 1.336 1.391 -0.055 0.007 N 
11 1 C8    A DG 7  ? ? N9    A DG 7  ? ? 1.329 1.374 -0.045 0.007 N 
12 1 "O4'" A DT 8  ? ? "C4'" A DT 8  ? ? 1.385 1.446 -0.061 0.010 N 
13 1 C5    A DT 8  ? ? C7    A DT 8  ? ? 1.550 1.496 0.054  0.006 N 
14 1 N1    A DC 9  ? ? C2    A DC 9  ? ? 1.334 1.397 -0.063 0.010 N 
15 1 P     A DA 11 ? ? "O5'" A DA 11 ? ? 1.532 1.593 -0.061 0.010 N 
16 1 C6    A DA 11 ? ? N1    A DA 11 ? ? 1.401 1.351 0.050  0.007 N 
17 1 "O3'" A DC 12 ? ? "C3'" A DC 12 ? ? 1.380 1.419 -0.039 0.006 N 
18 1 "C5'" A DC 13 ? ? "C4'" A DC 13 ? ? 1.560 1.512 0.048  0.007 N 
19 1 "C5'" B DG 21 ? ? "C4'" B DG 21 ? ? 1.577 1.512 0.065  0.007 N 
20 1 C6    B DG 21 ? ? N1    B DG 21 ? ? 1.345 1.391 -0.046 0.007 N 
21 1 "O4'" B DG 22 ? ? "C4'" B DG 22 ? ? 1.371 1.446 -0.075 0.010 N 
22 1 "C5'" B DT 23 ? ? "C4'" B DT 23 ? ? 1.440 1.509 -0.069 0.011 N 
23 1 "O3'" B DT 23 ? ? "C3'" B DT 23 ? ? 1.383 1.419 -0.036 0.006 N 
24 1 C5    B DT 23 ? ? C7    B DT 23 ? ? 1.452 1.496 -0.044 0.006 N 
25 1 N3    B DT 24 ? ? C4    B DT 24 ? ? 1.324 1.382 -0.058 0.008 N 
26 1 N3    B DG 25 ? ? C4    B DG 25 ? ? 1.301 1.350 -0.049 0.007 N 
27 1 C4    B DG 25 ? ? C5    B DG 25 ? ? 1.335 1.379 -0.044 0.007 N 
28 1 C6    B DG 25 ? ? N1    B DG 25 ? ? 1.348 1.391 -0.043 0.007 N 
29 1 N3    B DA 26 ? ? C4    B DA 26 ? ? 1.306 1.344 -0.038 0.006 N 
30 1 C4    B DA 26 ? ? C5    B DA 26 ? ? 1.341 1.383 -0.042 0.007 N 
31 1 C5    B DT 28 ? ? C6    B DT 28 ? ? 1.294 1.339 -0.045 0.007 N 
32 1 C6    B DT 28 ? ? N1    B DT 28 ? ? 1.316 1.378 -0.062 0.007 N 
33 1 C6    B DT 29 ? ? N1    B DT 29 ? ? 1.329 1.378 -0.049 0.007 N 
34 1 C5    B DT 29 ? ? C7    B DT 29 ? ? 1.536 1.496 0.040  0.006 N 
35 1 "C4'" B DG 31 ? ? "C3'" B DG 31 ? ? 1.460 1.521 -0.061 0.010 N 
36 1 N1    B DG 31 ? ? C2    B DG 31 ? ? 1.323 1.373 -0.050 0.008 N 
37 1 C4    B DG 31 ? ? C5    B DG 31 ? ? 1.334 1.379 -0.045 0.007 N 
38 1 "C5'" B DT 32 ? ? "C4'" B DT 32 ? ? 1.418 1.509 -0.091 0.011 N 
39 1 "C4'" B DT 32 ? ? "C3'" B DT 32 ? ? 1.450 1.521 -0.071 0.010 N 
40 1 C6    B DT 32 ? ? N1    B DT 32 ? ? 1.332 1.378 -0.046 0.007 N 
41 1 "O3'" B DT 32 ? ? P     B DC 33 ? ? 1.687 1.607 0.080  0.012 Y 
42 1 "C4'" B DC 33 ? ? "C3'" B DC 33 ? ? 1.461 1.521 -0.060 0.010 N 
43 1 "O4'" B DC 33 ? ? "C4'" B DC 33 ? ? 1.374 1.446 -0.072 0.010 N 
# 
loop_
_pdbx_validate_rmsd_angle.id 
_pdbx_validate_rmsd_angle.PDB_model_num 
_pdbx_validate_rmsd_angle.auth_atom_id_1 
_pdbx_validate_rmsd_angle.auth_asym_id_1 
_pdbx_validate_rmsd_angle.auth_comp_id_1 
_pdbx_validate_rmsd_angle.auth_seq_id_1 
_pdbx_validate_rmsd_angle.PDB_ins_code_1 
_pdbx_validate_rmsd_angle.label_alt_id_1 
_pdbx_validate_rmsd_angle.auth_atom_id_2 
_pdbx_validate_rmsd_angle.auth_asym_id_2 
_pdbx_validate_rmsd_angle.auth_comp_id_2 
_pdbx_validate_rmsd_angle.auth_seq_id_2 
_pdbx_validate_rmsd_angle.PDB_ins_code_2 
_pdbx_validate_rmsd_angle.label_alt_id_2 
_pdbx_validate_rmsd_angle.auth_atom_id_3 
_pdbx_validate_rmsd_angle.auth_asym_id_3 
_pdbx_validate_rmsd_angle.auth_comp_id_3 
_pdbx_validate_rmsd_angle.auth_seq_id_3 
_pdbx_validate_rmsd_angle.PDB_ins_code_3 
_pdbx_validate_rmsd_angle.label_alt_id_3 
_pdbx_validate_rmsd_angle.angle_value 
_pdbx_validate_rmsd_angle.angle_target_value 
_pdbx_validate_rmsd_angle.angle_deviation 
_pdbx_validate_rmsd_angle.angle_standard_deviation 
_pdbx_validate_rmsd_angle.linker_flag 
1   1 "O4'" A DG 1  ? ? "C4'" A DG 1  ? ? "C3'" A DG 1  ? ? 99.94  104.50 -4.56  0.40 N 
2   1 "O4'" A DG 1  ? ? "C1'" A DG 1  ? ? "C2'" A DG 1  ? ? 98.35  105.90 -7.55  0.80 N 
3   1 C6    A DG 1  ? ? N1    A DG 1  ? ? C2    A DG 1  ? ? 121.41 125.10 -3.69  0.60 N 
4   1 N1    A DG 1  ? ? C2    A DG 1  ? ? N3    A DG 1  ? ? 127.98 123.90 4.08   0.60 N 
5   1 C4    A DG 1  ? ? C5    A DG 1  ? ? N7    A DG 1  ? ? 108.25 110.80 -2.55  0.40 N 
6   1 N9    A DG 1  ? ? C4    A DG 1  ? ? C5    A DG 1  ? ? 108.29 105.40 2.89   0.40 N 
7   1 "O4'" A DA 2  ? ? "C4'" A DA 2  ? ? "C3'" A DA 2  ? ? 110.60 106.00 4.60   0.60 N 
8   1 "C4'" A DA 2  ? ? "C3'" A DA 2  ? ? "C2'" A DA 2  ? ? 96.97  102.20 -5.23  0.70 N 
9   1 "O4'" A DC 3  ? ? "C1'" A DC 3  ? ? "C2'" A DC 3  ? ? 100.78 105.90 -5.12  0.80 N 
10  1 "O4'" A DC 3  ? ? "C1'" A DC 3  ? ? N1    A DC 3  ? ? 113.66 108.30 5.36   0.30 N 
11  1 "O4'" A DT 4  ? ? "C1'" A DT 4  ? ? "C2'" A DT 4  ? ? 100.08 105.90 -5.82  0.80 N 
12  1 C4    A DT 4  ? ? C5    A DT 4  ? ? C6    A DT 4  ? ? 121.94 118.00 3.94   0.60 N 
13  1 C6    A DT 4  ? ? C5    A DT 4  ? ? C7    A DT 4  ? ? 118.38 122.90 -4.52  0.60 N 
14  1 "O3'" A DT 4  ? ? P     A DA 5  ? ? "O5'" A DA 5  ? ? 89.23  104.00 -14.77 1.90 Y 
15  1 "O4'" A DA 5  ? ? "C4'" A DA 5  ? ? "C3'" A DA 5  ? ? 100.59 104.50 -3.91  0.40 N 
16  1 "C1'" A DA 5  ? ? "O4'" A DA 5  ? ? "C4'" A DA 5  ? ? 116.02 110.30 5.72   0.70 N 
17  1 "O4'" A DA 5  ? ? "C1'" A DA 5  ? ? "C2'" A DA 5  ? ? 99.62  105.90 -6.28  0.80 N 
18  1 N9    A DA 5  ? ? C4    A DA 5  ? ? C5    A DA 5  ? ? 108.65 105.80 2.85   0.40 N 
19  1 "O4'" A DA 6  ? ? "C1'" A DA 6  ? ? "C2'" A DA 6  ? ? 100.07 105.90 -5.83  0.80 N 
20  1 N9    A DA 6  ? ? C4    A DA 6  ? ? C5    A DA 6  ? ? 108.58 105.80 2.78   0.40 N 
21  1 N1    A DA 6  ? ? C6    A DA 6  ? ? N6    A DA 6  ? ? 114.45 118.60 -4.15  0.60 N 
22  1 C4    A DG 7  ? ? C5    A DG 7  ? ? N7    A DG 7  ? ? 107.90 110.80 -2.90  0.40 N 
23  1 N9    A DG 7  ? ? C4    A DG 7  ? ? C5    A DG 7  ? ? 108.05 105.40 2.65   0.40 N 
24  1 N1    A DG 7  ? ? C6    A DG 7  ? ? O6    A DG 7  ? ? 113.37 119.90 -6.53  0.60 N 
25  1 C5    A DG 7  ? ? C6    A DG 7  ? ? O6    A DG 7  ? ? 133.93 128.60 5.33   0.60 N 
26  1 "O4'" A DT 8  ? ? "C4'" A DT 8  ? ? "C3'" A DT 8  ? ? 99.66  104.50 -4.84  0.40 N 
27  1 "O4'" A DT 8  ? ? "C1'" A DT 8  ? ? "C2'" A DT 8  ? ? 88.82  105.90 -17.08 0.80 N 
28  1 N3    A DT 8  ? ? C2    A DT 8  ? ? O2    A DT 8  ? ? 118.53 122.30 -3.77  0.60 N 
29  1 C6    A DT 8  ? ? C5    A DT 8  ? ? C7    A DT 8  ? ? 118.23 122.90 -4.67  0.60 N 
30  1 "C3'" A DT 8  ? ? "O3'" A DT 8  ? ? P     A DC 9  ? ? 127.12 119.70 7.42   1.20 Y 
31  1 "O4'" A DA 10 ? ? "C1'" A DA 10 ? ? "C2'" A DA 10 ? ? 97.31  105.90 -8.59  0.80 N 
32  1 "O4'" A DA 10 ? ? "C1'" A DA 10 ? ? N9    A DA 10 ? ? 116.79 108.30 8.49   0.30 N 
33  1 N1    A DA 10 ? ? C2    A DA 10 ? ? N3    A DA 10 ? ? 126.28 129.30 -3.02  0.50 N 
34  1 "O4'" A DA 11 ? ? "C1'" A DA 11 ? ? "C2'" A DA 11 ? ? 98.35  105.90 -7.55  0.80 N 
35  1 "O4'" A DA 11 ? ? "C1'" A DA 11 ? ? N9    A DA 11 ? ? 113.04 108.30 4.74   0.30 N 
36  1 "O4'" A DC 12 ? ? "C1'" A DC 12 ? ? "C2'" A DC 12 ? ? 96.17  105.90 -9.73  0.80 N 
37  1 "O4'" A DC 12 ? ? "C1'" A DC 12 ? ? N1    A DC 12 ? ? 112.21 108.30 3.91   0.30 N 
38  1 "O4'" A DC 13 ? ? "C1'" A DC 13 ? ? N1    A DC 13 ? ? 111.03 108.30 2.73   0.30 N 
39  1 C4    A DC 13 ? ? C5    A DC 13 ? ? C6    A DC 13 ? ? 114.39 117.40 -3.01  0.50 N 
40  1 "O4'" B DG 21 ? ? "C1'" B DG 21 ? ? N9    B DG 21 ? ? 112.29 108.30 3.99   0.30 N 
41  1 N9    B DG 21 ? ? C4    B DG 21 ? ? C5    B DG 21 ? ? 108.79 105.40 3.39   0.40 N 
42  1 N3    B DG 21 ? ? C2    B DG 21 ? ? N2    B DG 21 ? ? 114.17 119.90 -5.73  0.70 N 
43  1 "C3'" B DG 22 ? ? "C2'" B DG 22 ? ? "C1'" B DG 22 ? ? 96.94  102.40 -5.46  0.80 N 
44  1 "O4'" B DG 22 ? ? "C1'" B DG 22 ? ? "C2'" B DG 22 ? ? 94.73  105.90 -11.17 0.80 N 
45  1 P     B DT 23 ? ? "O5'" B DT 23 ? ? "C5'" B DT 23 ? ? 105.51 120.90 -15.39 1.60 N 
46  1 N3    B DT 23 ? ? C2    B DT 23 ? ? O2    B DT 23 ? ? 116.29 122.30 -6.01  0.60 N 
47  1 C6    B DT 23 ? ? C5    B DT 23 ? ? C7    B DT 23 ? ? 119.04 122.90 -3.86  0.60 N 
48  1 "O4'" B DT 24 ? ? "C4'" B DT 24 ? ? "C3'" B DT 24 ? ? 97.44  104.50 -7.06  0.40 N 
49  1 "O4'" B DT 24 ? ? "C1'" B DT 24 ? ? "C2'" B DT 24 ? ? 95.15  105.90 -10.75 0.80 N 
50  1 N3    B DT 24 ? ? C2    B DT 24 ? ? O2    B DT 24 ? ? 117.51 122.30 -4.79  0.60 N 
51  1 N3    B DT 24 ? ? C4    B DT 24 ? ? O4    B DT 24 ? ? 115.16 119.90 -4.74  0.60 N 
52  1 C5    B DT 24 ? ? C4    B DT 24 ? ? O4    B DT 24 ? ? 131.22 124.90 6.32   0.70 N 
53  1 C4    B DT 24 ? ? C5    B DT 24 ? ? C7    B DT 24 ? ? 123.52 119.00 4.52   0.60 N 
54  1 C6    B DT 24 ? ? C5    B DT 24 ? ? C7    B DT 24 ? ? 116.90 122.90 -6.00  0.60 N 
55  1 "O4'" B DG 25 ? ? "C1'" B DG 25 ? ? N9    B DG 25 ? ? 119.82 108.30 11.52  0.30 N 
56  1 C8    B DG 25 ? ? N9    B DG 25 ? ? C4    B DG 25 ? ? 103.89 106.40 -2.51  0.40 N 
57  1 N9    B DG 25 ? ? C4    B DG 25 ? ? C5    B DG 25 ? ? 108.53 105.40 3.13   0.40 N 
58  1 "C4'" B DA 26 ? ? "C3'" B DA 26 ? ? "C2'" B DA 26 ? ? 97.27  102.20 -4.93  0.70 N 
59  1 "O4'" B DA 26 ? ? "C1'" B DA 26 ? ? "C2'" B DA 26 ? ? 98.72  105.90 -7.18  0.80 N 
60  1 "O4'" B DA 26 ? ? "C1'" B DA 26 ? ? N9    B DA 26 ? ? 112.85 108.30 4.55   0.30 N 
61  1 P     B DC 27 ? ? "O5'" B DC 27 ? ? "C5'" B DC 27 ? ? 110.42 120.90 -10.48 1.60 N 
62  1 "O4'" B DC 27 ? ? "C1'" B DC 27 ? ? "C2'" B DC 27 ? ? 92.83  105.90 -13.07 0.80 N 
63  1 "O4'" B DC 27 ? ? "C1'" B DC 27 ? ? N1    B DC 27 ? ? 111.51 108.30 3.21   0.30 N 
64  1 "O3'" B DC 27 ? ? P     B DT 28 ? ? "O5'" B DT 28 ? ? 90.50  104.00 -13.50 1.90 Y 
65  1 C4    B DT 28 ? ? C5    B DT 28 ? ? C6    B DT 28 ? ? 122.16 118.00 4.16   0.60 N 
66  1 N3    B DT 28 ? ? C2    B DT 28 ? ? O2    B DT 28 ? ? 118.11 122.30 -4.19  0.60 N 
67  1 C6    B DT 28 ? ? C5    B DT 28 ? ? C7    B DT 28 ? ? 118.93 122.90 -3.97  0.60 N 
68  1 "C4'" B DT 29 ? ? "C3'" B DT 29 ? ? "C2'" B DT 29 ? ? 97.66  102.20 -4.54  0.70 N 
69  1 "O4'" B DT 29 ? ? "C1'" B DT 29 ? ? "C2'" B DT 29 ? ? 92.38  105.90 -13.52 0.80 N 
70  1 "O4'" B DT 29 ? ? "C1'" B DT 29 ? ? N1    B DT 29 ? ? 114.61 108.30 6.31   0.30 N 
71  1 C4    B DT 29 ? ? C5    B DT 29 ? ? C6    B DT 29 ? ? 121.82 118.00 3.82   0.60 N 
72  1 N1    B DT 29 ? ? C2    B DT 29 ? ? O2    B DT 29 ? ? 129.70 123.10 6.60   0.80 N 
73  1 N3    B DT 29 ? ? C2    B DT 29 ? ? O2    B DT 29 ? ? 112.31 122.30 -9.99  0.60 N 
74  1 "C4'" B DA 30 ? ? "C3'" B DA 30 ? ? "C2'" B DA 30 ? ? 95.87  102.20 -6.33  0.70 N 
75  1 "O4'" B DA 30 ? ? "C1'" B DA 30 ? ? "C2'" B DA 30 ? ? 90.47  105.90 -15.43 0.80 N 
76  1 N1    B DA 30 ? ? C2    B DA 30 ? ? N3    B DA 30 ? ? 125.63 129.30 -3.67  0.50 N 
77  1 "C5'" B DG 31 ? ? "C4'" B DG 31 ? ? "C3'" B DG 31 ? ? 101.82 114.10 -12.28 1.80 N 
78  1 "C4'" B DG 31 ? ? "C3'" B DG 31 ? ? "C2'" B DG 31 ? ? 96.13  102.20 -6.07  0.70 N 
79  1 "O4'" B DG 31 ? ? "C1'" B DG 31 ? ? "C2'" B DG 31 ? ? 97.22  105.90 -8.68  0.80 N 
80  1 C6    B DG 31 ? ? N1    B DG 31 ? ? C2    B DG 31 ? ? 121.40 125.10 -3.70  0.60 N 
81  1 C2    B DG 31 ? ? N3    B DG 31 ? ? C4    B DG 31 ? ? 116.21 111.90 4.31   0.50 N 
82  1 N3    B DG 31 ? ? C4    B DG 31 ? ? C5    B DG 31 ? ? 125.10 128.60 -3.50  0.50 N 
83  1 C5    B DG 31 ? ? C6    B DG 31 ? ? N1    B DG 31 ? ? 116.75 111.50 5.25   0.50 N 
84  1 P     B DT 32 ? ? "O5'" B DT 32 ? ? "C5'" B DT 32 ? ? 107.44 120.90 -13.46 1.60 N 
85  1 "C1'" B DT 32 ? ? "O4'" B DT 32 ? ? "C4'" B DT 32 ? ? 115.56 110.30 5.26   0.70 N 
86  1 "C4'" B DT 32 ? ? "C3'" B DT 32 ? ? "C2'" B DT 32 ? ? 94.11  102.20 -8.09  0.70 N 
87  1 "O4'" B DT 32 ? ? "C1'" B DT 32 ? ? "C2'" B DT 32 ? ? 96.21  105.90 -9.69  0.80 N 
88  1 C6    B DT 32 ? ? N1    B DT 32 ? ? C2    B DT 32 ? ? 118.08 121.30 -3.22  0.50 N 
89  1 N1    B DT 32 ? ? C2    B DT 32 ? ? N3    B DT 32 ? ? 118.77 114.60 4.17   0.60 N 
90  1 C4    B DT 32 ? ? C5    B DT 32 ? ? C6    B DT 32 ? ? 122.52 118.00 4.52   0.60 N 
91  1 N3    B DT 32 ? ? C2    B DT 32 ? ? O2    B DT 32 ? ? 114.49 122.30 -7.81  0.60 N 
92  1 C6    B DT 32 ? ? C5    B DT 32 ? ? C7    B DT 32 ? ? 118.49 122.90 -4.41  0.60 N 
93  1 "O3'" B DT 32 ? ? P     B DC 33 ? ? "O5'" B DC 33 ? ? 88.93  104.00 -15.07 1.90 Y 
94  1 "O3'" B DT 32 ? ? P     B DC 33 ? ? OP1   B DC 33 ? ? 117.32 110.50 6.82   1.10 Y 
95  1 P     B DC 33 ? ? "O5'" B DC 33 ? ? "C5'" B DC 33 ? ? 110.83 120.90 -10.07 1.60 N 
96  1 "O4'" B DC 33 ? ? "C4'" B DC 33 ? ? "C3'" B DC 33 ? ? 102.02 104.50 -2.48  0.40 N 
97  1 "C1'" B DC 33 ? ? "O4'" B DC 33 ? ? "C4'" B DC 33 ? ? 119.74 110.30 9.44   0.70 N 
98  1 "O4'" B DC 33 ? ? "C1'" B DC 33 ? ? "C2'" B DC 33 ? ? 93.55  105.90 -12.35 0.80 N 
99  1 N1    B DC 33 ? ? C2    B DC 33 ? ? O2    B DC 33 ? ? 123.63 118.90 4.73   0.60 N 
100 1 N3    B DC 33 ? ? C2    B DC 33 ? ? O2    B DC 33 ? ? 114.49 121.90 -7.41  0.70 N 
# 
loop_
_pdbx_validate_torsion.id 
_pdbx_validate_torsion.PDB_model_num 
_pdbx_validate_torsion.auth_comp_id 
_pdbx_validate_torsion.auth_asym_id 
_pdbx_validate_torsion.auth_seq_id 
_pdbx_validate_torsion.PDB_ins_code 
_pdbx_validate_torsion.label_alt_id 
_pdbx_validate_torsion.phi 
_pdbx_validate_torsion.psi 
1  1 PRO C 121 ? ? -76.24  42.47   
2  1 SER C 183 ? ? -113.72 -77.16  
3  1 PRO C 184 ? ? -86.46  45.81   
4  1 ASP C 185 ? ? 68.56   -48.03  
5  1 LYS C 186 ? ? 60.00   -123.89 
6  1 LYS C 189 ? ? 76.13   113.06  
7  1 PHE C 203 ? ? -81.62  41.50   
8  1 CYS C 207 ? ? -163.07 95.46   
9  1 LYS C 213 ? ? 88.60   109.49  
10 1 PHE C 215 ? ? -45.30  98.72   
11 1 LEU C 217 ? ? -66.65  -90.55  
# 
_pdbx_validate_peptide_omega.id               1 
_pdbx_validate_peptide_omega.PDB_model_num    1 
_pdbx_validate_peptide_omega.auth_comp_id_1   LYS 
_pdbx_validate_peptide_omega.auth_asym_id_1   C 
_pdbx_validate_peptide_omega.auth_seq_id_1    186 
_pdbx_validate_peptide_omega.PDB_ins_code_1   ? 
_pdbx_validate_peptide_omega.label_alt_id_1   ? 
_pdbx_validate_peptide_omega.auth_comp_id_2   PRO 
_pdbx_validate_peptide_omega.auth_asym_id_2   C 
_pdbx_validate_peptide_omega.auth_seq_id_2    187 
_pdbx_validate_peptide_omega.PDB_ins_code_2   ? 
_pdbx_validate_peptide_omega.label_alt_id_2   ? 
_pdbx_validate_peptide_omega.omega            147.81 
# 
loop_
_pdbx_validate_planes.id 
_pdbx_validate_planes.PDB_model_num 
_pdbx_validate_planes.auth_comp_id 
_pdbx_validate_planes.auth_asym_id 
_pdbx_validate_planes.auth_seq_id 
_pdbx_validate_planes.PDB_ins_code 
_pdbx_validate_planes.label_alt_id 
_pdbx_validate_planes.rmsd 
_pdbx_validate_planes.type 
1 1 DT A 4  ? ? 0.075 'SIDE CHAIN' 
2 1 DG B 25 ? ? 0.052 'SIDE CHAIN' 
3 1 DT B 29 ? ? 0.063 'SIDE CHAIN' 
4 1 DG B 31 ? ? 0.063 'SIDE CHAIN' 
# 
loop_
_chem_comp_atom.comp_id 
_chem_comp_atom.atom_id 
_chem_comp_atom.type_symbol 
_chem_comp_atom.pdbx_aromatic_flag 
_chem_comp_atom.pdbx_stereo_config 
_chem_comp_atom.pdbx_ordinal 
ALA N      N  N N 1   
ALA CA     C  N S 2   
ALA C      C  N N 3   
ALA O      O  N N 4   
ALA CB     C  N N 5   
ALA OXT    O  N N 6   
ALA H      H  N N 7   
ALA H2     H  N N 8   
ALA HA     H  N N 9   
ALA HB1    H  N N 10  
ALA HB2    H  N N 11  
ALA HB3    H  N N 12  
ALA HXT    H  N N 13  
ARG N      N  N N 14  
ARG CA     C  N S 15  
ARG C      C  N N 16  
ARG O      O  N N 17  
ARG CB     C  N N 18  
ARG CG     C  N N 19  
ARG CD     C  N N 20  
ARG NE     N  N N 21  
ARG CZ     C  N N 22  
ARG NH1    N  N N 23  
ARG NH2    N  N N 24  
ARG OXT    O  N N 25  
ARG H      H  N N 26  
ARG H2     H  N N 27  
ARG HA     H  N N 28  
ARG HB2    H  N N 29  
ARG HB3    H  N N 30  
ARG HG2    H  N N 31  
ARG HG3    H  N N 32  
ARG HD2    H  N N 33  
ARG HD3    H  N N 34  
ARG HE     H  N N 35  
ARG HH11   H  N N 36  
ARG HH12   H  N N 37  
ARG HH21   H  N N 38  
ARG HH22   H  N N 39  
ARG HXT    H  N N 40  
ASN N      N  N N 41  
ASN CA     C  N S 42  
ASN C      C  N N 43  
ASN O      O  N N 44  
ASN CB     C  N N 45  
ASN CG     C  N N 46  
ASN OD1    O  N N 47  
ASN ND2    N  N N 48  
ASN OXT    O  N N 49  
ASN H      H  N N 50  
ASN H2     H  N N 51  
ASN HA     H  N N 52  
ASN HB2    H  N N 53  
ASN HB3    H  N N 54  
ASN HD21   H  N N 55  
ASN HD22   H  N N 56  
ASN HXT    H  N N 57  
ASP N      N  N N 58  
ASP CA     C  N S 59  
ASP C      C  N N 60  
ASP O      O  N N 61  
ASP CB     C  N N 62  
ASP CG     C  N N 63  
ASP OD1    O  N N 64  
ASP OD2    O  N N 65  
ASP OXT    O  N N 66  
ASP H      H  N N 67  
ASP H2     H  N N 68  
ASP HA     H  N N 69  
ASP HB2    H  N N 70  
ASP HB3    H  N N 71  
ASP HD2    H  N N 72  
ASP HXT    H  N N 73  
CYS N      N  N N 74  
CYS CA     C  N R 75  
CYS C      C  N N 76  
CYS O      O  N N 77  
CYS CB     C  N N 78  
CYS SG     S  N N 79  
CYS OXT    O  N N 80  
CYS H      H  N N 81  
CYS H2     H  N N 82  
CYS HA     H  N N 83  
CYS HB2    H  N N 84  
CYS HB3    H  N N 85  
CYS HG     H  N N 86  
CYS HXT    H  N N 87  
DA  OP3    O  N N 88  
DA  P      P  N N 89  
DA  OP1    O  N N 90  
DA  OP2    O  N N 91  
DA  "O5'"  O  N N 92  
DA  "C5'"  C  N N 93  
DA  "C4'"  C  N R 94  
DA  "O4'"  O  N N 95  
DA  "C3'"  C  N S 96  
DA  "O3'"  O  N N 97  
DA  "C2'"  C  N N 98  
DA  "C1'"  C  N R 99  
DA  N9     N  Y N 100 
DA  C8     C  Y N 101 
DA  N7     N  Y N 102 
DA  C5     C  Y N 103 
DA  C6     C  Y N 104 
DA  N6     N  N N 105 
DA  N1     N  Y N 106 
DA  C2     C  Y N 107 
DA  N3     N  Y N 108 
DA  C4     C  Y N 109 
DA  HOP3   H  N N 110 
DA  HOP2   H  N N 111 
DA  "H5'"  H  N N 112 
DA  "H5''" H  N N 113 
DA  "H4'"  H  N N 114 
DA  "H3'"  H  N N 115 
DA  "HO3'" H  N N 116 
DA  "H2'"  H  N N 117 
DA  "H2''" H  N N 118 
DA  "H1'"  H  N N 119 
DA  H8     H  N N 120 
DA  H61    H  N N 121 
DA  H62    H  N N 122 
DA  H2     H  N N 123 
DC  OP3    O  N N 124 
DC  P      P  N N 125 
DC  OP1    O  N N 126 
DC  OP2    O  N N 127 
DC  "O5'"  O  N N 128 
DC  "C5'"  C  N N 129 
DC  "C4'"  C  N R 130 
DC  "O4'"  O  N N 131 
DC  "C3'"  C  N S 132 
DC  "O3'"  O  N N 133 
DC  "C2'"  C  N N 134 
DC  "C1'"  C  N R 135 
DC  N1     N  N N 136 
DC  C2     C  N N 137 
DC  O2     O  N N 138 
DC  N3     N  N N 139 
DC  C4     C  N N 140 
DC  N4     N  N N 141 
DC  C5     C  N N 142 
DC  C6     C  N N 143 
DC  HOP3   H  N N 144 
DC  HOP2   H  N N 145 
DC  "H5'"  H  N N 146 
DC  "H5''" H  N N 147 
DC  "H4'"  H  N N 148 
DC  "H3'"  H  N N 149 
DC  "HO3'" H  N N 150 
DC  "H2'"  H  N N 151 
DC  "H2''" H  N N 152 
DC  "H1'"  H  N N 153 
DC  H41    H  N N 154 
DC  H42    H  N N 155 
DC  H5     H  N N 156 
DC  H6     H  N N 157 
DG  OP3    O  N N 158 
DG  P      P  N N 159 
DG  OP1    O  N N 160 
DG  OP2    O  N N 161 
DG  "O5'"  O  N N 162 
DG  "C5'"  C  N N 163 
DG  "C4'"  C  N R 164 
DG  "O4'"  O  N N 165 
DG  "C3'"  C  N S 166 
DG  "O3'"  O  N N 167 
DG  "C2'"  C  N N 168 
DG  "C1'"  C  N R 169 
DG  N9     N  Y N 170 
DG  C8     C  Y N 171 
DG  N7     N  Y N 172 
DG  C5     C  Y N 173 
DG  C6     C  N N 174 
DG  O6     O  N N 175 
DG  N1     N  N N 176 
DG  C2     C  N N 177 
DG  N2     N  N N 178 
DG  N3     N  N N 179 
DG  C4     C  Y N 180 
DG  HOP3   H  N N 181 
DG  HOP2   H  N N 182 
DG  "H5'"  H  N N 183 
DG  "H5''" H  N N 184 
DG  "H4'"  H  N N 185 
DG  "H3'"  H  N N 186 
DG  "HO3'" H  N N 187 
DG  "H2'"  H  N N 188 
DG  "H2''" H  N N 189 
DG  "H1'"  H  N N 190 
DG  H8     H  N N 191 
DG  H1     H  N N 192 
DG  H21    H  N N 193 
DG  H22    H  N N 194 
DT  OP3    O  N N 195 
DT  P      P  N N 196 
DT  OP1    O  N N 197 
DT  OP2    O  N N 198 
DT  "O5'"  O  N N 199 
DT  "C5'"  C  N N 200 
DT  "C4'"  C  N R 201 
DT  "O4'"  O  N N 202 
DT  "C3'"  C  N S 203 
DT  "O3'"  O  N N 204 
DT  "C2'"  C  N N 205 
DT  "C1'"  C  N R 206 
DT  N1     N  N N 207 
DT  C2     C  N N 208 
DT  O2     O  N N 209 
DT  N3     N  N N 210 
DT  C4     C  N N 211 
DT  O4     O  N N 212 
DT  C5     C  N N 213 
DT  C7     C  N N 214 
DT  C6     C  N N 215 
DT  HOP3   H  N N 216 
DT  HOP2   H  N N 217 
DT  "H5'"  H  N N 218 
DT  "H5''" H  N N 219 
DT  "H4'"  H  N N 220 
DT  "H3'"  H  N N 221 
DT  "HO3'" H  N N 222 
DT  "H2'"  H  N N 223 
DT  "H2''" H  N N 224 
DT  "H1'"  H  N N 225 
DT  H3     H  N N 226 
DT  H71    H  N N 227 
DT  H72    H  N N 228 
DT  H73    H  N N 229 
DT  H6     H  N N 230 
GLN N      N  N N 231 
GLN CA     C  N S 232 
GLN C      C  N N 233 
GLN O      O  N N 234 
GLN CB     C  N N 235 
GLN CG     C  N N 236 
GLN CD     C  N N 237 
GLN OE1    O  N N 238 
GLN NE2    N  N N 239 
GLN OXT    O  N N 240 
GLN H      H  N N 241 
GLN H2     H  N N 242 
GLN HA     H  N N 243 
GLN HB2    H  N N 244 
GLN HB3    H  N N 245 
GLN HG2    H  N N 246 
GLN HG3    H  N N 247 
GLN HE21   H  N N 248 
GLN HE22   H  N N 249 
GLN HXT    H  N N 250 
GLU N      N  N N 251 
GLU CA     C  N S 252 
GLU C      C  N N 253 
GLU O      O  N N 254 
GLU CB     C  N N 255 
GLU CG     C  N N 256 
GLU CD     C  N N 257 
GLU OE1    O  N N 258 
GLU OE2    O  N N 259 
GLU OXT    O  N N 260 
GLU H      H  N N 261 
GLU H2     H  N N 262 
GLU HA     H  N N 263 
GLU HB2    H  N N 264 
GLU HB3    H  N N 265 
GLU HG2    H  N N 266 
GLU HG3    H  N N 267 
GLU HE2    H  N N 268 
GLU HXT    H  N N 269 
GLY N      N  N N 270 
GLY CA     C  N N 271 
GLY C      C  N N 272 
GLY O      O  N N 273 
GLY OXT    O  N N 274 
GLY H      H  N N 275 
GLY H2     H  N N 276 
GLY HA2    H  N N 277 
GLY HA3    H  N N 278 
GLY HXT    H  N N 279 
HIS N      N  N N 280 
HIS CA     C  N S 281 
HIS C      C  N N 282 
HIS O      O  N N 283 
HIS CB     C  N N 284 
HIS CG     C  Y N 285 
HIS ND1    N  Y N 286 
HIS CD2    C  Y N 287 
HIS CE1    C  Y N 288 
HIS NE2    N  Y N 289 
HIS OXT    O  N N 290 
HIS H      H  N N 291 
HIS H2     H  N N 292 
HIS HA     H  N N 293 
HIS HB2    H  N N 294 
HIS HB3    H  N N 295 
HIS HD1    H  N N 296 
HIS HD2    H  N N 297 
HIS HE1    H  N N 298 
HIS HE2    H  N N 299 
HIS HXT    H  N N 300 
HOH O      O  N N 301 
HOH H1     H  N N 302 
HOH H2     H  N N 303 
ILE N      N  N N 304 
ILE CA     C  N S 305 
ILE C      C  N N 306 
ILE O      O  N N 307 
ILE CB     C  N S 308 
ILE CG1    C  N N 309 
ILE CG2    C  N N 310 
ILE CD1    C  N N 311 
ILE OXT    O  N N 312 
ILE H      H  N N 313 
ILE H2     H  N N 314 
ILE HA     H  N N 315 
ILE HB     H  N N 316 
ILE HG12   H  N N 317 
ILE HG13   H  N N 318 
ILE HG21   H  N N 319 
ILE HG22   H  N N 320 
ILE HG23   H  N N 321 
ILE HD11   H  N N 322 
ILE HD12   H  N N 323 
ILE HD13   H  N N 324 
ILE HXT    H  N N 325 
LEU N      N  N N 326 
LEU CA     C  N S 327 
LEU C      C  N N 328 
LEU O      O  N N 329 
LEU CB     C  N N 330 
LEU CG     C  N N 331 
LEU CD1    C  N N 332 
LEU CD2    C  N N 333 
LEU OXT    O  N N 334 
LEU H      H  N N 335 
LEU H2     H  N N 336 
LEU HA     H  N N 337 
LEU HB2    H  N N 338 
LEU HB3    H  N N 339 
LEU HG     H  N N 340 
LEU HD11   H  N N 341 
LEU HD12   H  N N 342 
LEU HD13   H  N N 343 
LEU HD21   H  N N 344 
LEU HD22   H  N N 345 
LEU HD23   H  N N 346 
LEU HXT    H  N N 347 
LYS N      N  N N 348 
LYS CA     C  N S 349 
LYS C      C  N N 350 
LYS O      O  N N 351 
LYS CB     C  N N 352 
LYS CG     C  N N 353 
LYS CD     C  N N 354 
LYS CE     C  N N 355 
LYS NZ     N  N N 356 
LYS OXT    O  N N 357 
LYS H      H  N N 358 
LYS H2     H  N N 359 
LYS HA     H  N N 360 
LYS HB2    H  N N 361 
LYS HB3    H  N N 362 
LYS HG2    H  N N 363 
LYS HG3    H  N N 364 
LYS HD2    H  N N 365 
LYS HD3    H  N N 366 
LYS HE2    H  N N 367 
LYS HE3    H  N N 368 
LYS HZ1    H  N N 369 
LYS HZ2    H  N N 370 
LYS HZ3    H  N N 371 
LYS HXT    H  N N 372 
MET N      N  N N 373 
MET CA     C  N S 374 
MET C      C  N N 375 
MET O      O  N N 376 
MET CB     C  N N 377 
MET CG     C  N N 378 
MET SD     S  N N 379 
MET CE     C  N N 380 
MET OXT    O  N N 381 
MET H      H  N N 382 
MET H2     H  N N 383 
MET HA     H  N N 384 
MET HB2    H  N N 385 
MET HB3    H  N N 386 
MET HG2    H  N N 387 
MET HG3    H  N N 388 
MET HE1    H  N N 389 
MET HE2    H  N N 390 
MET HE3    H  N N 391 
MET HXT    H  N N 392 
MG  MG     MG N N 393 
PHE N      N  N N 394 
PHE CA     C  N S 395 
PHE C      C  N N 396 
PHE O      O  N N 397 
PHE CB     C  N N 398 
PHE CG     C  Y N 399 
PHE CD1    C  Y N 400 
PHE CD2    C  Y N 401 
PHE CE1    C  Y N 402 
PHE CE2    C  Y N 403 
PHE CZ     C  Y N 404 
PHE OXT    O  N N 405 
PHE H      H  N N 406 
PHE H2     H  N N 407 
PHE HA     H  N N 408 
PHE HB2    H  N N 409 
PHE HB3    H  N N 410 
PHE HD1    H  N N 411 
PHE HD2    H  N N 412 
PHE HE1    H  N N 413 
PHE HE2    H  N N 414 
PHE HZ     H  N N 415 
PHE HXT    H  N N 416 
PRO N      N  N N 417 
PRO CA     C  N S 418 
PRO C      C  N N 419 
PRO O      O  N N 420 
PRO CB     C  N N 421 
PRO CG     C  N N 422 
PRO CD     C  N N 423 
PRO OXT    O  N N 424 
PRO H      H  N N 425 
PRO HA     H  N N 426 
PRO HB2    H  N N 427 
PRO HB3    H  N N 428 
PRO HG2    H  N N 429 
PRO HG3    H  N N 430 
PRO HD2    H  N N 431 
PRO HD3    H  N N 432 
PRO HXT    H  N N 433 
SER N      N  N N 434 
SER CA     C  N S 435 
SER C      C  N N 436 
SER O      O  N N 437 
SER CB     C  N N 438 
SER OG     O  N N 439 
SER OXT    O  N N 440 
SER H      H  N N 441 
SER H2     H  N N 442 
SER HA     H  N N 443 
SER HB2    H  N N 444 
SER HB3    H  N N 445 
SER HG     H  N N 446 
SER HXT    H  N N 447 
THR N      N  N N 448 
THR CA     C  N S 449 
THR C      C  N N 450 
THR O      O  N N 451 
THR CB     C  N R 452 
THR OG1    O  N N 453 
THR CG2    C  N N 454 
THR OXT    O  N N 455 
THR H      H  N N 456 
THR H2     H  N N 457 
THR HA     H  N N 458 
THR HB     H  N N 459 
THR HG1    H  N N 460 
THR HG21   H  N N 461 
THR HG22   H  N N 462 
THR HG23   H  N N 463 
THR HXT    H  N N 464 
TRP N      N  N N 465 
TRP CA     C  N S 466 
TRP C      C  N N 467 
TRP O      O  N N 468 
TRP CB     C  N N 469 
TRP CG     C  Y N 470 
TRP CD1    C  Y N 471 
TRP CD2    C  Y N 472 
TRP NE1    N  Y N 473 
TRP CE2    C  Y N 474 
TRP CE3    C  Y N 475 
TRP CZ2    C  Y N 476 
TRP CZ3    C  Y N 477 
TRP CH2    C  Y N 478 
TRP OXT    O  N N 479 
TRP H      H  N N 480 
TRP H2     H  N N 481 
TRP HA     H  N N 482 
TRP HB2    H  N N 483 
TRP HB3    H  N N 484 
TRP HD1    H  N N 485 
TRP HE1    H  N N 486 
TRP HE3    H  N N 487 
TRP HZ2    H  N N 488 
TRP HZ3    H  N N 489 
TRP HH2    H  N N 490 
TRP HXT    H  N N 491 
TYR N      N  N N 492 
TYR CA     C  N S 493 
TYR C      C  N N 494 
TYR O      O  N N 495 
TYR CB     C  N N 496 
TYR CG     C  Y N 497 
TYR CD1    C  Y N 498 
TYR CD2    C  Y N 499 
TYR CE1    C  Y N 500 
TYR CE2    C  Y N 501 
TYR CZ     C  Y N 502 
TYR OH     O  N N 503 
TYR OXT    O  N N 504 
TYR H      H  N N 505 
TYR H2     H  N N 506 
TYR HA     H  N N 507 
TYR HB2    H  N N 508 
TYR HB3    H  N N 509 
TYR HD1    H  N N 510 
TYR HD2    H  N N 511 
TYR HE1    H  N N 512 
TYR HE2    H  N N 513 
TYR HH     H  N N 514 
TYR HXT    H  N N 515 
VAL N      N  N N 516 
VAL CA     C  N S 517 
VAL C      C  N N 518 
VAL O      O  N N 519 
VAL CB     C  N N 520 
VAL CG1    C  N N 521 
VAL CG2    C  N N 522 
VAL OXT    O  N N 523 
VAL H      H  N N 524 
VAL H2     H  N N 525 
VAL HA     H  N N 526 
VAL HB     H  N N 527 
VAL HG11   H  N N 528 
VAL HG12   H  N N 529 
VAL HG13   H  N N 530 
VAL HG21   H  N N 531 
VAL HG22   H  N N 532 
VAL HG23   H  N N 533 
VAL HXT    H  N N 534 
# 
loop_
_chem_comp_bond.comp_id 
_chem_comp_bond.atom_id_1 
_chem_comp_bond.atom_id_2 
_chem_comp_bond.value_order 
_chem_comp_bond.pdbx_aromatic_flag 
_chem_comp_bond.pdbx_stereo_config 
_chem_comp_bond.pdbx_ordinal 
ALA N     CA     sing N N 1   
ALA N     H      sing N N 2   
ALA N     H2     sing N N 3   
ALA CA    C      sing N N 4   
ALA CA    CB     sing N N 5   
ALA CA    HA     sing N N 6   
ALA C     O      doub N N 7   
ALA C     OXT    sing N N 8   
ALA CB    HB1    sing N N 9   
ALA CB    HB2    sing N N 10  
ALA CB    HB3    sing N N 11  
ALA OXT   HXT    sing N N 12  
ARG N     CA     sing N N 13  
ARG N     H      sing N N 14  
ARG N     H2     sing N N 15  
ARG CA    C      sing N N 16  
ARG CA    CB     sing N N 17  
ARG CA    HA     sing N N 18  
ARG C     O      doub N N 19  
ARG C     OXT    sing N N 20  
ARG CB    CG     sing N N 21  
ARG CB    HB2    sing N N 22  
ARG CB    HB3    sing N N 23  
ARG CG    CD     sing N N 24  
ARG CG    HG2    sing N N 25  
ARG CG    HG3    sing N N 26  
ARG CD    NE     sing N N 27  
ARG CD    HD2    sing N N 28  
ARG CD    HD3    sing N N 29  
ARG NE    CZ     sing N N 30  
ARG NE    HE     sing N N 31  
ARG CZ    NH1    sing N N 32  
ARG CZ    NH2    doub N N 33  
ARG NH1   HH11   sing N N 34  
ARG NH1   HH12   sing N N 35  
ARG NH2   HH21   sing N N 36  
ARG NH2   HH22   sing N N 37  
ARG OXT   HXT    sing N N 38  
ASN N     CA     sing N N 39  
ASN N     H      sing N N 40  
ASN N     H2     sing N N 41  
ASN CA    C      sing N N 42  
ASN CA    CB     sing N N 43  
ASN CA    HA     sing N N 44  
ASN C     O      doub N N 45  
ASN C     OXT    sing N N 46  
ASN CB    CG     sing N N 47  
ASN CB    HB2    sing N N 48  
ASN CB    HB3    sing N N 49  
ASN CG    OD1    doub N N 50  
ASN CG    ND2    sing N N 51  
ASN ND2   HD21   sing N N 52  
ASN ND2   HD22   sing N N 53  
ASN OXT   HXT    sing N N 54  
ASP N     CA     sing N N 55  
ASP N     H      sing N N 56  
ASP N     H2     sing N N 57  
ASP CA    C      sing N N 58  
ASP CA    CB     sing N N 59  
ASP CA    HA     sing N N 60  
ASP C     O      doub N N 61  
ASP C     OXT    sing N N 62  
ASP CB    CG     sing N N 63  
ASP CB    HB2    sing N N 64  
ASP CB    HB3    sing N N 65  
ASP CG    OD1    doub N N 66  
ASP CG    OD2    sing N N 67  
ASP OD2   HD2    sing N N 68  
ASP OXT   HXT    sing N N 69  
CYS N     CA     sing N N 70  
CYS N     H      sing N N 71  
CYS N     H2     sing N N 72  
CYS CA    C      sing N N 73  
CYS CA    CB     sing N N 74  
CYS CA    HA     sing N N 75  
CYS C     O      doub N N 76  
CYS C     OXT    sing N N 77  
CYS CB    SG     sing N N 78  
CYS CB    HB2    sing N N 79  
CYS CB    HB3    sing N N 80  
CYS SG    HG     sing N N 81  
CYS OXT   HXT    sing N N 82  
DA  OP3   P      sing N N 83  
DA  OP3   HOP3   sing N N 84  
DA  P     OP1    doub N N 85  
DA  P     OP2    sing N N 86  
DA  P     "O5'"  sing N N 87  
DA  OP2   HOP2   sing N N 88  
DA  "O5'" "C5'"  sing N N 89  
DA  "C5'" "C4'"  sing N N 90  
DA  "C5'" "H5'"  sing N N 91  
DA  "C5'" "H5''" sing N N 92  
DA  "C4'" "O4'"  sing N N 93  
DA  "C4'" "C3'"  sing N N 94  
DA  "C4'" "H4'"  sing N N 95  
DA  "O4'" "C1'"  sing N N 96  
DA  "C3'" "O3'"  sing N N 97  
DA  "C3'" "C2'"  sing N N 98  
DA  "C3'" "H3'"  sing N N 99  
DA  "O3'" "HO3'" sing N N 100 
DA  "C2'" "C1'"  sing N N 101 
DA  "C2'" "H2'"  sing N N 102 
DA  "C2'" "H2''" sing N N 103 
DA  "C1'" N9     sing N N 104 
DA  "C1'" "H1'"  sing N N 105 
DA  N9    C8     sing Y N 106 
DA  N9    C4     sing Y N 107 
DA  C8    N7     doub Y N 108 
DA  C8    H8     sing N N 109 
DA  N7    C5     sing Y N 110 
DA  C5    C6     sing Y N 111 
DA  C5    C4     doub Y N 112 
DA  C6    N6     sing N N 113 
DA  C6    N1     doub Y N 114 
DA  N6    H61    sing N N 115 
DA  N6    H62    sing N N 116 
DA  N1    C2     sing Y N 117 
DA  C2    N3     doub Y N 118 
DA  C2    H2     sing N N 119 
DA  N3    C4     sing Y N 120 
DC  OP3   P      sing N N 121 
DC  OP3   HOP3   sing N N 122 
DC  P     OP1    doub N N 123 
DC  P     OP2    sing N N 124 
DC  P     "O5'"  sing N N 125 
DC  OP2   HOP2   sing N N 126 
DC  "O5'" "C5'"  sing N N 127 
DC  "C5'" "C4'"  sing N N 128 
DC  "C5'" "H5'"  sing N N 129 
DC  "C5'" "H5''" sing N N 130 
DC  "C4'" "O4'"  sing N N 131 
DC  "C4'" "C3'"  sing N N 132 
DC  "C4'" "H4'"  sing N N 133 
DC  "O4'" "C1'"  sing N N 134 
DC  "C3'" "O3'"  sing N N 135 
DC  "C3'" "C2'"  sing N N 136 
DC  "C3'" "H3'"  sing N N 137 
DC  "O3'" "HO3'" sing N N 138 
DC  "C2'" "C1'"  sing N N 139 
DC  "C2'" "H2'"  sing N N 140 
DC  "C2'" "H2''" sing N N 141 
DC  "C1'" N1     sing N N 142 
DC  "C1'" "H1'"  sing N N 143 
DC  N1    C2     sing N N 144 
DC  N1    C6     sing N N 145 
DC  C2    O2     doub N N 146 
DC  C2    N3     sing N N 147 
DC  N3    C4     doub N N 148 
DC  C4    N4     sing N N 149 
DC  C4    C5     sing N N 150 
DC  N4    H41    sing N N 151 
DC  N4    H42    sing N N 152 
DC  C5    C6     doub N N 153 
DC  C5    H5     sing N N 154 
DC  C6    H6     sing N N 155 
DG  OP3   P      sing N N 156 
DG  OP3   HOP3   sing N N 157 
DG  P     OP1    doub N N 158 
DG  P     OP2    sing N N 159 
DG  P     "O5'"  sing N N 160 
DG  OP2   HOP2   sing N N 161 
DG  "O5'" "C5'"  sing N N 162 
DG  "C5'" "C4'"  sing N N 163 
DG  "C5'" "H5'"  sing N N 164 
DG  "C5'" "H5''" sing N N 165 
DG  "C4'" "O4'"  sing N N 166 
DG  "C4'" "C3'"  sing N N 167 
DG  "C4'" "H4'"  sing N N 168 
DG  "O4'" "C1'"  sing N N 169 
DG  "C3'" "O3'"  sing N N 170 
DG  "C3'" "C2'"  sing N N 171 
DG  "C3'" "H3'"  sing N N 172 
DG  "O3'" "HO3'" sing N N 173 
DG  "C2'" "C1'"  sing N N 174 
DG  "C2'" "H2'"  sing N N 175 
DG  "C2'" "H2''" sing N N 176 
DG  "C1'" N9     sing N N 177 
DG  "C1'" "H1'"  sing N N 178 
DG  N9    C8     sing Y N 179 
DG  N9    C4     sing Y N 180 
DG  C8    N7     doub Y N 181 
DG  C8    H8     sing N N 182 
DG  N7    C5     sing Y N 183 
DG  C5    C6     sing N N 184 
DG  C5    C4     doub Y N 185 
DG  C6    O6     doub N N 186 
DG  C6    N1     sing N N 187 
DG  N1    C2     sing N N 188 
DG  N1    H1     sing N N 189 
DG  C2    N2     sing N N 190 
DG  C2    N3     doub N N 191 
DG  N2    H21    sing N N 192 
DG  N2    H22    sing N N 193 
DG  N3    C4     sing N N 194 
DT  OP3   P      sing N N 195 
DT  OP3   HOP3   sing N N 196 
DT  P     OP1    doub N N 197 
DT  P     OP2    sing N N 198 
DT  P     "O5'"  sing N N 199 
DT  OP2   HOP2   sing N N 200 
DT  "O5'" "C5'"  sing N N 201 
DT  "C5'" "C4'"  sing N N 202 
DT  "C5'" "H5'"  sing N N 203 
DT  "C5'" "H5''" sing N N 204 
DT  "C4'" "O4'"  sing N N 205 
DT  "C4'" "C3'"  sing N N 206 
DT  "C4'" "H4'"  sing N N 207 
DT  "O4'" "C1'"  sing N N 208 
DT  "C3'" "O3'"  sing N N 209 
DT  "C3'" "C2'"  sing N N 210 
DT  "C3'" "H3'"  sing N N 211 
DT  "O3'" "HO3'" sing N N 212 
DT  "C2'" "C1'"  sing N N 213 
DT  "C2'" "H2'"  sing N N 214 
DT  "C2'" "H2''" sing N N 215 
DT  "C1'" N1     sing N N 216 
DT  "C1'" "H1'"  sing N N 217 
DT  N1    C2     sing N N 218 
DT  N1    C6     sing N N 219 
DT  C2    O2     doub N N 220 
DT  C2    N3     sing N N 221 
DT  N3    C4     sing N N 222 
DT  N3    H3     sing N N 223 
DT  C4    O4     doub N N 224 
DT  C4    C5     sing N N 225 
DT  C5    C7     sing N N 226 
DT  C5    C6     doub N N 227 
DT  C7    H71    sing N N 228 
DT  C7    H72    sing N N 229 
DT  C7    H73    sing N N 230 
DT  C6    H6     sing N N 231 
GLN N     CA     sing N N 232 
GLN N     H      sing N N 233 
GLN N     H2     sing N N 234 
GLN CA    C      sing N N 235 
GLN CA    CB     sing N N 236 
GLN CA    HA     sing N N 237 
GLN C     O      doub N N 238 
GLN C     OXT    sing N N 239 
GLN CB    CG     sing N N 240 
GLN CB    HB2    sing N N 241 
GLN CB    HB3    sing N N 242 
GLN CG    CD     sing N N 243 
GLN CG    HG2    sing N N 244 
GLN CG    HG3    sing N N 245 
GLN CD    OE1    doub N N 246 
GLN CD    NE2    sing N N 247 
GLN NE2   HE21   sing N N 248 
GLN NE2   HE22   sing N N 249 
GLN OXT   HXT    sing N N 250 
GLU N     CA     sing N N 251 
GLU N     H      sing N N 252 
GLU N     H2     sing N N 253 
GLU CA    C      sing N N 254 
GLU CA    CB     sing N N 255 
GLU CA    HA     sing N N 256 
GLU C     O      doub N N 257 
GLU C     OXT    sing N N 258 
GLU CB    CG     sing N N 259 
GLU CB    HB2    sing N N 260 
GLU CB    HB3    sing N N 261 
GLU CG    CD     sing N N 262 
GLU CG    HG2    sing N N 263 
GLU CG    HG3    sing N N 264 
GLU CD    OE1    doub N N 265 
GLU CD    OE2    sing N N 266 
GLU OE2   HE2    sing N N 267 
GLU OXT   HXT    sing N N 268 
GLY N     CA     sing N N 269 
GLY N     H      sing N N 270 
GLY N     H2     sing N N 271 
GLY CA    C      sing N N 272 
GLY CA    HA2    sing N N 273 
GLY CA    HA3    sing N N 274 
GLY C     O      doub N N 275 
GLY C     OXT    sing N N 276 
GLY OXT   HXT    sing N N 277 
HIS N     CA     sing N N 278 
HIS N     H      sing N N 279 
HIS N     H2     sing N N 280 
HIS CA    C      sing N N 281 
HIS CA    CB     sing N N 282 
HIS CA    HA     sing N N 283 
HIS C     O      doub N N 284 
HIS C     OXT    sing N N 285 
HIS CB    CG     sing N N 286 
HIS CB    HB2    sing N N 287 
HIS CB    HB3    sing N N 288 
HIS CG    ND1    sing Y N 289 
HIS CG    CD2    doub Y N 290 
HIS ND1   CE1    doub Y N 291 
HIS ND1   HD1    sing N N 292 
HIS CD2   NE2    sing Y N 293 
HIS CD2   HD2    sing N N 294 
HIS CE1   NE2    sing Y N 295 
HIS CE1   HE1    sing N N 296 
HIS NE2   HE2    sing N N 297 
HIS OXT   HXT    sing N N 298 
HOH O     H1     sing N N 299 
HOH O     H2     sing N N 300 
ILE N     CA     sing N N 301 
ILE N     H      sing N N 302 
ILE N     H2     sing N N 303 
ILE CA    C      sing N N 304 
ILE CA    CB     sing N N 305 
ILE CA    HA     sing N N 306 
ILE C     O      doub N N 307 
ILE C     OXT    sing N N 308 
ILE CB    CG1    sing N N 309 
ILE CB    CG2    sing N N 310 
ILE CB    HB     sing N N 311 
ILE CG1   CD1    sing N N 312 
ILE CG1   HG12   sing N N 313 
ILE CG1   HG13   sing N N 314 
ILE CG2   HG21   sing N N 315 
ILE CG2   HG22   sing N N 316 
ILE CG2   HG23   sing N N 317 
ILE CD1   HD11   sing N N 318 
ILE CD1   HD12   sing N N 319 
ILE CD1   HD13   sing N N 320 
ILE OXT   HXT    sing N N 321 
LEU N     CA     sing N N 322 
LEU N     H      sing N N 323 
LEU N     H2     sing N N 324 
LEU CA    C      sing N N 325 
LEU CA    CB     sing N N 326 
LEU CA    HA     sing N N 327 
LEU C     O      doub N N 328 
LEU C     OXT    sing N N 329 
LEU CB    CG     sing N N 330 
LEU CB    HB2    sing N N 331 
LEU CB    HB3    sing N N 332 
LEU CG    CD1    sing N N 333 
LEU CG    CD2    sing N N 334 
LEU CG    HG     sing N N 335 
LEU CD1   HD11   sing N N 336 
LEU CD1   HD12   sing N N 337 
LEU CD1   HD13   sing N N 338 
LEU CD2   HD21   sing N N 339 
LEU CD2   HD22   sing N N 340 
LEU CD2   HD23   sing N N 341 
LEU OXT   HXT    sing N N 342 
LYS N     CA     sing N N 343 
LYS N     H      sing N N 344 
LYS N     H2     sing N N 345 
LYS CA    C      sing N N 346 
LYS CA    CB     sing N N 347 
LYS CA    HA     sing N N 348 
LYS C     O      doub N N 349 
LYS C     OXT    sing N N 350 
LYS CB    CG     sing N N 351 
LYS CB    HB2    sing N N 352 
LYS CB    HB3    sing N N 353 
LYS CG    CD     sing N N 354 
LYS CG    HG2    sing N N 355 
LYS CG    HG3    sing N N 356 
LYS CD    CE     sing N N 357 
LYS CD    HD2    sing N N 358 
LYS CD    HD3    sing N N 359 
LYS CE    NZ     sing N N 360 
LYS CE    HE2    sing N N 361 
LYS CE    HE3    sing N N 362 
LYS NZ    HZ1    sing N N 363 
LYS NZ    HZ2    sing N N 364 
LYS NZ    HZ3    sing N N 365 
LYS OXT   HXT    sing N N 366 
MET N     CA     sing N N 367 
MET N     H      sing N N 368 
MET N     H2     sing N N 369 
MET CA    C      sing N N 370 
MET CA    CB     sing N N 371 
MET CA    HA     sing N N 372 
MET C     O      doub N N 373 
MET C     OXT    sing N N 374 
MET CB    CG     sing N N 375 
MET CB    HB2    sing N N 376 
MET CB    HB3    sing N N 377 
MET CG    SD     sing N N 378 
MET CG    HG2    sing N N 379 
MET CG    HG3    sing N N 380 
MET SD    CE     sing N N 381 
MET CE    HE1    sing N N 382 
MET CE    HE2    sing N N 383 
MET CE    HE3    sing N N 384 
MET OXT   HXT    sing N N 385 
PHE N     CA     sing N N 386 
PHE N     H      sing N N 387 
PHE N     H2     sing N N 388 
PHE CA    C      sing N N 389 
PHE CA    CB     sing N N 390 
PHE CA    HA     sing N N 391 
PHE C     O      doub N N 392 
PHE C     OXT    sing N N 393 
PHE CB    CG     sing N N 394 
PHE CB    HB2    sing N N 395 
PHE CB    HB3    sing N N 396 
PHE CG    CD1    doub Y N 397 
PHE CG    CD2    sing Y N 398 
PHE CD1   CE1    sing Y N 399 
PHE CD1   HD1    sing N N 400 
PHE CD2   CE2    doub Y N 401 
PHE CD2   HD2    sing N N 402 
PHE CE1   CZ     doub Y N 403 
PHE CE1   HE1    sing N N 404 
PHE CE2   CZ     sing Y N 405 
PHE CE2   HE2    sing N N 406 
PHE CZ    HZ     sing N N 407 
PHE OXT   HXT    sing N N 408 
PRO N     CA     sing N N 409 
PRO N     CD     sing N N 410 
PRO N     H      sing N N 411 
PRO CA    C      sing N N 412 
PRO CA    CB     sing N N 413 
PRO CA    HA     sing N N 414 
PRO C     O      doub N N 415 
PRO C     OXT    sing N N 416 
PRO CB    CG     sing N N 417 
PRO CB    HB2    sing N N 418 
PRO CB    HB3    sing N N 419 
PRO CG    CD     sing N N 420 
PRO CG    HG2    sing N N 421 
PRO CG    HG3    sing N N 422 
PRO CD    HD2    sing N N 423 
PRO CD    HD3    sing N N 424 
PRO OXT   HXT    sing N N 425 
SER N     CA     sing N N 426 
SER N     H      sing N N 427 
SER N     H2     sing N N 428 
SER CA    C      sing N N 429 
SER CA    CB     sing N N 430 
SER CA    HA     sing N N 431 
SER C     O      doub N N 432 
SER C     OXT    sing N N 433 
SER CB    OG     sing N N 434 
SER CB    HB2    sing N N 435 
SER CB    HB3    sing N N 436 
SER OG    HG     sing N N 437 
SER OXT   HXT    sing N N 438 
THR N     CA     sing N N 439 
THR N     H      sing N N 440 
THR N     H2     sing N N 441 
THR CA    C      sing N N 442 
THR CA    CB     sing N N 443 
THR CA    HA     sing N N 444 
THR C     O      doub N N 445 
THR C     OXT    sing N N 446 
THR CB    OG1    sing N N 447 
THR CB    CG2    sing N N 448 
THR CB    HB     sing N N 449 
THR OG1   HG1    sing N N 450 
THR CG2   HG21   sing N N 451 
THR CG2   HG22   sing N N 452 
THR CG2   HG23   sing N N 453 
THR OXT   HXT    sing N N 454 
TRP N     CA     sing N N 455 
TRP N     H      sing N N 456 
TRP N     H2     sing N N 457 
TRP CA    C      sing N N 458 
TRP CA    CB     sing N N 459 
TRP CA    HA     sing N N 460 
TRP C     O      doub N N 461 
TRP C     OXT    sing N N 462 
TRP CB    CG     sing N N 463 
TRP CB    HB2    sing N N 464 
TRP CB    HB3    sing N N 465 
TRP CG    CD1    doub Y N 466 
TRP CG    CD2    sing Y N 467 
TRP CD1   NE1    sing Y N 468 
TRP CD1   HD1    sing N N 469 
TRP CD2   CE2    doub Y N 470 
TRP CD2   CE3    sing Y N 471 
TRP NE1   CE2    sing Y N 472 
TRP NE1   HE1    sing N N 473 
TRP CE2   CZ2    sing Y N 474 
TRP CE3   CZ3    doub Y N 475 
TRP CE3   HE3    sing N N 476 
TRP CZ2   CH2    doub Y N 477 
TRP CZ2   HZ2    sing N N 478 
TRP CZ3   CH2    sing Y N 479 
TRP CZ3   HZ3    sing N N 480 
TRP CH2   HH2    sing N N 481 
TRP OXT   HXT    sing N N 482 
TYR N     CA     sing N N 483 
TYR N     H      sing N N 484 
TYR N     H2     sing N N 485 
TYR CA    C      sing N N 486 
TYR CA    CB     sing N N 487 
TYR CA    HA     sing N N 488 
TYR C     O      doub N N 489 
TYR C     OXT    sing N N 490 
TYR CB    CG     sing N N 491 
TYR CB    HB2    sing N N 492 
TYR CB    HB3    sing N N 493 
TYR CG    CD1    doub Y N 494 
TYR CG    CD2    sing Y N 495 
TYR CD1   CE1    sing Y N 496 
TYR CD1   HD1    sing N N 497 
TYR CD2   CE2    doub Y N 498 
TYR CD2   HD2    sing N N 499 
TYR CE1   CZ     doub Y N 500 
TYR CE1   HE1    sing N N 501 
TYR CE2   CZ     sing Y N 502 
TYR CE2   HE2    sing N N 503 
TYR CZ    OH     sing N N 504 
TYR OH    HH     sing N N 505 
TYR OXT   HXT    sing N N 506 
VAL N     CA     sing N N 507 
VAL N     H      sing N N 508 
VAL N     H2     sing N N 509 
VAL CA    C      sing N N 510 
VAL CA    CB     sing N N 511 
VAL CA    HA     sing N N 512 
VAL C     O      doub N N 513 
VAL C     OXT    sing N N 514 
VAL CB    CG1    sing N N 515 
VAL CB    CG2    sing N N 516 
VAL CB    HB     sing N N 517 
VAL CG1   HG11   sing N N 518 
VAL CG1   HG12   sing N N 519 
VAL CG1   HG13   sing N N 520 
VAL CG2   HG21   sing N N 521 
VAL CG2   HG22   sing N N 522 
VAL CG2   HG23   sing N N 523 
VAL OXT   HXT    sing N N 524 
# 
_ndb_struct_conf_na.entry_id   1VTN 
_ndb_struct_conf_na.feature    'b-form double helix' 
# 
loop_
_ndb_struct_na_base_pair.model_number 
_ndb_struct_na_base_pair.i_label_asym_id 
_ndb_struct_na_base_pair.i_label_comp_id 
_ndb_struct_na_base_pair.i_label_seq_id 
_ndb_struct_na_base_pair.i_symmetry 
_ndb_struct_na_base_pair.j_label_asym_id 
_ndb_struct_na_base_pair.j_label_comp_id 
_ndb_struct_na_base_pair.j_label_seq_id 
_ndb_struct_na_base_pair.j_symmetry 
_ndb_struct_na_base_pair.shear 
_ndb_struct_na_base_pair.stretch 
_ndb_struct_na_base_pair.stagger 
_ndb_struct_na_base_pair.buckle 
_ndb_struct_na_base_pair.propeller 
_ndb_struct_na_base_pair.opening 
_ndb_struct_na_base_pair.pair_number 
_ndb_struct_na_base_pair.pair_name 
_ndb_struct_na_base_pair.i_auth_asym_id 
_ndb_struct_na_base_pair.i_auth_seq_id 
_ndb_struct_na_base_pair.i_PDB_ins_code 
_ndb_struct_na_base_pair.j_auth_asym_id 
_ndb_struct_na_base_pair.j_auth_seq_id 
_ndb_struct_na_base_pair.j_PDB_ins_code 
_ndb_struct_na_base_pair.hbond_type_28 
_ndb_struct_na_base_pair.hbond_type_12 
1 A DG 1  1_555 B DC 13 1_555 -1.089 -0.609 -0.074 -3.576  -3.629  -3.757 1  A_DG1:DC33_B  A 1  ? B 33 ? 19 1 
1 A DA 2  1_555 B DT 12 1_555 -0.571 -0.350 0.187  3.201   -11.291 3.882  2  A_DA2:DT32_B  A 2  ? B 32 ? 20 1 
1 A DC 3  1_555 B DG 11 1_555 0.194  -0.184 0.242  1.899   -4.267  -0.728 3  A_DC3:DG31_B  A 3  ? B 31 ? 19 1 
1 A DT 4  1_555 B DA 10 1_555 0.258  -0.274 -0.151 12.050  -6.711  -3.478 4  A_DT4:DA30_B  A 4  ? B 30 ? 20 1 
1 A DA 5  1_555 B DT 9  1_555 0.548  -0.307 0.306  9.617   -18.348 -2.682 5  A_DA5:DT29_B  A 5  ? B 29 ? 20 1 
1 A DA 6  1_555 B DT 8  1_555 -0.284 -0.251 0.083  -3.637  -12.059 0.529  6  A_DA6:DT28_B  A 6  ? B 28 ? 20 1 
1 A DG 7  1_555 B DC 7  1_555 -0.140 -0.081 -0.091 -6.648  -13.938 -1.493 7  A_DG7:DC27_B  A 7  ? B 27 ? 19 1 
1 A DT 8  1_555 B DA 6  1_555 -0.185 -0.320 -0.480 -11.374 -26.298 -0.822 8  A_DT8:DA26_B  A 8  ? B 26 ? 20 1 
1 A DC 9  1_555 B DG 5  1_555 0.676  -0.428 -0.108 -0.228  -0.602  0.021  9  A_DC9:DG25_B  A 9  ? B 25 ? 19 1 
1 A DA 10 1_555 B DT 4  1_555 0.123  -0.275 0.019  0.436   -12.821 9.062  10 A_DA10:DT24_B A 10 ? B 24 ? 20 1 
1 A DA 11 1_555 B DT 3  1_555 -0.326 -0.166 0.209  10.343  -20.041 -0.084 11 A_DA11:DT23_B A 11 ? B 23 ? 20 1 
1 A DC 12 1_555 B DG 2  1_555 -0.066 -0.094 -0.073 13.963  -12.367 -2.043 12 A_DC12:DG22_B A 12 ? B 22 ? 19 1 
1 A DC 13 1_555 B DG 1  1_555 0.122  -0.393 0.452  5.858   -15.216 0.513  13 A_DC13:DG21_B A 13 ? B 21 ? 19 1 
# 
loop_
_ndb_struct_na_base_pair_step.model_number 
_ndb_struct_na_base_pair_step.i_label_asym_id_1 
_ndb_struct_na_base_pair_step.i_label_comp_id_1 
_ndb_struct_na_base_pair_step.i_label_seq_id_1 
_ndb_struct_na_base_pair_step.i_symmetry_1 
_ndb_struct_na_base_pair_step.j_label_asym_id_1 
_ndb_struct_na_base_pair_step.j_label_comp_id_1 
_ndb_struct_na_base_pair_step.j_label_seq_id_1 
_ndb_struct_na_base_pair_step.j_symmetry_1 
_ndb_struct_na_base_pair_step.i_label_asym_id_2 
_ndb_struct_na_base_pair_step.i_label_comp_id_2 
_ndb_struct_na_base_pair_step.i_label_seq_id_2 
_ndb_struct_na_base_pair_step.i_symmetry_2 
_ndb_struct_na_base_pair_step.j_label_asym_id_2 
_ndb_struct_na_base_pair_step.j_label_comp_id_2 
_ndb_struct_na_base_pair_step.j_label_seq_id_2 
_ndb_struct_na_base_pair_step.j_symmetry_2 
_ndb_struct_na_base_pair_step.shift 
_ndb_struct_na_base_pair_step.slide 
_ndb_struct_na_base_pair_step.rise 
_ndb_struct_na_base_pair_step.tilt 
_ndb_struct_na_base_pair_step.roll 
_ndb_struct_na_base_pair_step.twist 
_ndb_struct_na_base_pair_step.x_displacement 
_ndb_struct_na_base_pair_step.y_displacement 
_ndb_struct_na_base_pair_step.helical_rise 
_ndb_struct_na_base_pair_step.inclination 
_ndb_struct_na_base_pair_step.tip 
_ndb_struct_na_base_pair_step.helical_twist 
_ndb_struct_na_base_pair_step.step_number 
_ndb_struct_na_base_pair_step.step_name 
_ndb_struct_na_base_pair_step.i_auth_asym_id_1 
_ndb_struct_na_base_pair_step.i_auth_seq_id_1 
_ndb_struct_na_base_pair_step.i_PDB_ins_code_1 
_ndb_struct_na_base_pair_step.j_auth_asym_id_1 
_ndb_struct_na_base_pair_step.j_auth_seq_id_1 
_ndb_struct_na_base_pair_step.j_PDB_ins_code_1 
_ndb_struct_na_base_pair_step.i_auth_asym_id_2 
_ndb_struct_na_base_pair_step.i_auth_seq_id_2 
_ndb_struct_na_base_pair_step.i_PDB_ins_code_2 
_ndb_struct_na_base_pair_step.j_auth_asym_id_2 
_ndb_struct_na_base_pair_step.j_auth_seq_id_2 
_ndb_struct_na_base_pair_step.j_PDB_ins_code_2 
1 A DG 1  1_555 B DC 13 1_555 A DA 2  1_555 B DT 12 1_555 0.193  0.966  3.147 -1.290 -1.691 43.044 1.475  -0.384 3.102 -2.303 
1.756   43.094 1  AA_DG1DA2:DT32DC33_BB   A 1  ? B 33 ? A 2  ? B 32 ? 
1 A DA 2  1_555 B DT 12 1_555 A DC 3  1_555 B DG 11 1_555 -0.006 0.304  3.485 -0.889 -0.890 36.849 0.609  -0.118 3.477 -1.407 
1.406   36.870 2  AA_DA2DC3:DG31DT32_BB   A 2  ? B 32 ? A 3  ? B 31 ? 
1 A DC 3  1_555 B DG 11 1_555 A DT 4  1_555 B DA 10 1_555 1.107  0.515  3.024 8.095  4.586  33.374 0.177  -0.644 3.237 7.799  
-13.766 34.611 3  AA_DC3DT4:DA30DG31_BB   A 3  ? B 31 ? A 4  ? B 30 ? 
1 A DT 4  1_555 B DA 10 1_555 A DA 5  1_555 B DT 9  1_555 -0.696 0.056  3.473 -2.736 -0.738 40.052 0.171  0.681  3.510 -1.076 
3.988   40.148 4  AA_DT4DA5:DT29DA30_BB   A 4  ? B 30 ? A 5  ? B 29 ? 
1 A DA 5  1_555 B DT 9  1_555 A DA 6  1_555 B DT 8  1_555 0.187  -0.919 3.617 -0.245 1.214  31.141 -1.966 -0.399 3.578 2.261  
0.456   31.165 5  AA_DA5DA6:DT28DT29_BB   A 5  ? B 29 ? A 6  ? B 28 ? 
1 A DA 6  1_555 B DT 8  1_555 A DG 7  1_555 B DC 7  1_555 -0.090 -0.596 3.240 -1.459 5.168  39.108 -1.480 -0.035 3.141 7.675  
2.167   39.460 6  AA_DA6DG7:DC27DT28_BB   A 6  ? B 28 ? A 7  ? B 27 ? 
1 A DG 7  1_555 B DC 7  1_555 A DT 8  1_555 B DA 6  1_555 -0.911 -0.628 3.311 1.105  0.099  32.365 -1.144 1.829  3.277 0.177  
-1.981  32.384 7  AA_DG7DT8:DA26DC27_BB   A 7  ? B 27 ? A 8  ? B 26 ? 
1 A DT 8  1_555 B DA 6  1_555 A DC 9  1_555 B DG 5  1_555 0.236  0.694  3.293 -4.538 5.504  37.553 0.354  -0.942 3.309 8.457  
6.972   38.200 8  AA_DT8DC9:DG25DA26_BB   A 8  ? B 26 ? A 9  ? B 25 ? 
1 A DC 9  1_555 B DG 5  1_555 A DA 10 1_555 B DT 4  1_555 0.847  -0.301 3.202 2.914  7.997  20.771 -3.678 -1.118 2.971 21.073 
-7.679  22.430 9  AA_DC9DA10:DT24DG25_BB  A 9  ? B 25 ? A 10 ? B 24 ? 
1 A DA 10 1_555 B DT 4  1_555 A DA 11 1_555 B DT 3  1_555 -0.752 -0.053 3.063 -0.199 -0.793 32.317 0.037  1.317  3.068 -1.424 
0.357   32.327 10 AA_DA10DA11:DT23DT24_BB A 10 ? B 24 ? A 11 ? B 23 ? 
1 A DA 11 1_555 B DT 3  1_555 A DC 12 1_555 B DG 2  1_555 0.516  -0.923 3.202 1.448  5.419  33.898 -2.377 -0.657 3.041 9.215  
-2.462  34.345 11 AA_DA11DC12:DG22DT23_BB A 11 ? B 23 ? A 12 ? B 22 ? 
1 A DC 12 1_555 B DG 2  1_555 A DC 13 1_555 B DG 1  1_555 0.434  -0.701 3.369 -3.430 7.166  37.931 -1.940 -1.078 3.140 10.878 
5.207   38.724 12 AA_DC12DC13:DG21DG22_BB A 12 ? B 22 ? A 13 ? B 21 ? 
# 
_atom_sites.entry_id                    1VTN 
_atom_sites.fract_transf_matrix[1][1]   -0.01278123 
_atom_sites.fract_transf_matrix[1][2]   -0.00085566 
_atom_sites.fract_transf_matrix[1][3]   -0.00868874 
_atom_sites.fract_transf_matrix[2][1]   -0.00086084 
_atom_sites.fract_transf_matrix[2][2]   0.00787785 
_atom_sites.fract_transf_matrix[2][3]   -0.01329653 
_atom_sites.fract_transf_matrix[3][1]   0.00452343 
_atom_sites.fract_transf_matrix[3][2]   -0.00920635 
_atom_sites.fract_transf_matrix[3][3]   -0.00574738 
_atom_sites.fract_transf_vector[1]      0.319758 
_atom_sites.fract_transf_vector[2]      0.366648 
_atom_sites.fract_transf_vector[3]      0.160860 
# 
loop_
_atom_type.symbol 
C  
MG 
N  
O  
P  
S  
# 
loop_
_atom_site.group_PDB 
_atom_site.id 
_atom_site.type_symbol 
_atom_site.label_atom_id 
_atom_site.label_alt_id 
_atom_site.label_comp_id 
_atom_site.label_asym_id 
_atom_site.label_entity_id 
_atom_site.label_seq_id 
_atom_site.pdbx_PDB_ins_code 
_atom_site.Cartn_x 
_atom_site.Cartn_y 
_atom_site.Cartn_z 
_atom_site.occupancy 
_atom_site.B_iso_or_equiv 
_atom_site.pdbx_formal_charge 
_atom_site.auth_seq_id 
_atom_site.auth_comp_id 
_atom_site.auth_asym_id 
_atom_site.auth_atom_id 
_atom_site.pdbx_PDB_model_num 
ATOM   1    O  "O5'" . DG  A 1 1   ? -2.562  -16.483 -31.424 1.00 41.45 ? 1   DG  A "O5'" 1 
ATOM   2    C  "C5'" . DG  A 1 1   ? -2.056  -16.947 -30.145 1.00 36.63 ? 1   DG  A "C5'" 1 
ATOM   3    C  "C4'" . DG  A 1 1   ? -3.126  -17.287 -29.036 1.00 33.76 ? 1   DG  A "C4'" 1 
ATOM   4    O  "O4'" . DG  A 1 1   ? -2.511  -17.575 -27.746 1.00 31.95 ? 1   DG  A "O4'" 1 
ATOM   5    C  "C3'" . DG  A 1 1   ? -3.982  -16.125 -28.660 1.00 31.19 ? 1   DG  A "C3'" 1 
ATOM   6    O  "O3'" . DG  A 1 1   ? -5.040  -16.789 -27.968 1.00 31.53 ? 1   DG  A "O3'" 1 
ATOM   7    C  "C2'" . DG  A 1 1   ? -2.957  -15.367 -27.797 1.00 28.35 ? 1   DG  A "C2'" 1 
ATOM   8    C  "C1'" . DG  A 1 1   ? -2.629  -16.509 -26.804 1.00 24.50 ? 1   DG  A "C1'" 1 
ATOM   9    N  N9    . DG  A 1 1   ? -1.350  -16.350 -26.071 1.00 17.49 ? 1   DG  A N9    1 
ATOM   10   C  C8    . DG  A 1 1   ? -0.302  -15.540 -26.361 1.00 17.74 ? 1   DG  A C8    1 
ATOM   11   N  N7    . DG  A 1 1   ? 0.651   -15.592 -25.427 1.00 21.67 ? 1   DG  A N7    1 
ATOM   12   C  C5    . DG  A 1 1   ? 0.214   -16.485 -24.458 1.00 8.77  ? 1   DG  A C5    1 
ATOM   13   C  C6    . DG  A 1 1   ? 0.822   -16.889 -23.259 1.00 14.84 ? 1   DG  A C6    1 
ATOM   14   O  O6    . DG  A 1 1   ? 1.936   -16.589 -22.817 1.00 16.82 ? 1   DG  A O6    1 
ATOM   15   N  N1    . DG  A 1 1   ? 0.080   -17.790 -22.568 1.00 8.97  ? 1   DG  A N1    1 
ATOM   16   C  C2    . DG  A 1 1   ? -1.100  -18.242 -23.043 1.00 19.05 ? 1   DG  A C2    1 
ATOM   17   N  N2    . DG  A 1 1   ? -1.623  -19.207 -22.370 1.00 21.61 ? 1   DG  A N2    1 
ATOM   18   N  N3    . DG  A 1 1   ? -1.722  -17.885 -24.164 1.00 19.85 ? 1   DG  A N3    1 
ATOM   19   C  C4    . DG  A 1 1   ? -0.989  -16.968 -24.838 1.00 17.30 ? 1   DG  A C4    1 
ATOM   20   P  P     . DA  A 1 2   ? -6.449  -16.000 -27.758 1.00 39.84 ? 2   DA  A P     1 
ATOM   21   O  OP1   . DA  A 1 2   ? -7.588  -16.594 -28.509 1.00 39.06 ? 2   DA  A OP1   1 
ATOM   22   O  OP2   . DA  A 1 2   ? -6.095  -14.569 -27.990 1.00 38.90 ? 2   DA  A OP2   1 
ATOM   23   O  "O5'" . DA  A 1 2   ? -6.775  -16.402 -26.208 1.00 33.72 ? 2   DA  A "O5'" 1 
ATOM   24   C  "C5'" . DA  A 1 2   ? -6.735  -17.793 -25.997 1.00 31.86 ? 2   DA  A "C5'" 1 
ATOM   25   C  "C4'" . DA  A 1 2   ? -6.735  -18.284 -24.567 1.00 36.16 ? 2   DA  A "C4'" 1 
ATOM   26   O  "O4'" . DA  A 1 2   ? -5.524  -18.026 -23.794 1.00 36.00 ? 2   DA  A "O4'" 1 
ATOM   27   C  "C3'" . DA  A 1 2   ? -7.922  -17.619 -23.928 1.00 36.63 ? 2   DA  A "C3'" 1 
ATOM   28   O  "O3'" . DA  A 1 2   ? -8.439  -18.613 -23.045 1.00 36.96 ? 2   DA  A "O3'" 1 
ATOM   29   C  "C2'" . DA  A 1 2   ? -7.153  -16.436 -23.289 1.00 38.46 ? 2   DA  A "C2'" 1 
ATOM   30   C  "C1'" . DA  A 1 2   ? -5.744  -16.979 -22.904 1.00 33.04 ? 2   DA  A "C1'" 1 
ATOM   31   N  N9    . DA  A 1 2   ? -4.699  -15.960 -23.127 1.00 30.90 ? 2   DA  A N9    1 
ATOM   32   C  C8    . DA  A 1 2   ? -4.545  -14.968 -24.103 1.00 27.76 ? 2   DA  A C8    1 
ATOM   33   N  N7    . DA  A 1 2   ? -3.423  -14.251 -23.989 1.00 26.87 ? 2   DA  A N7    1 
ATOM   34   C  C5    . DA  A 1 2   ? -2.807  -14.815 -22.865 1.00 25.99 ? 2   DA  A C5    1 
ATOM   35   C  C6    . DA  A 1 2   ? -1.611  -14.542 -22.213 1.00 27.07 ? 2   DA  A C6    1 
ATOM   36   N  N6    . DA  A 1 2   ? -0.709  -13.636 -22.631 1.00 30.54 ? 2   DA  A N6    1 
ATOM   37   N  N1    . DA  A 1 2   ? -1.334  -15.282 -21.128 1.00 26.63 ? 2   DA  A N1    1 
ATOM   38   C  C2    . DA  A 1 2   ? -2.174  -16.230 -20.720 1.00 25.13 ? 2   DA  A C2    1 
ATOM   39   N  N3    . DA  A 1 2   ? -3.335  -16.604 -21.253 1.00 25.96 ? 2   DA  A N3    1 
ATOM   40   C  C4    . DA  A 1 2   ? -3.579  -15.836 -22.338 1.00 28.06 ? 2   DA  A C4    1 
ATOM   41   P  P     . DC  A 1 3   ? -9.681  -18.390 -22.055 1.00 41.27 ? 3   DC  A P     1 
ATOM   42   O  OP1   . DC  A 1 3   ? -10.818 -19.263 -22.372 1.00 45.14 ? 3   DC  A OP1   1 
ATOM   43   O  OP2   . DC  A 1 3   ? -9.902  -16.935 -21.872 1.00 39.41 ? 3   DC  A OP2   1 
ATOM   44   O  "O5'" . DC  A 1 3   ? -9.033  -19.082 -20.704 1.00 42.89 ? 3   DC  A "O5'" 1 
ATOM   45   C  "C5'" . DC  A 1 3   ? -7.766  -18.518 -20.261 1.00 40.25 ? 3   DC  A "C5'" 1 
ATOM   46   C  "C4'" . DC  A 1 3   ? -7.587  -18.051 -18.809 1.00 31.39 ? 3   DC  A "C4'" 1 
ATOM   47   O  "O4'" . DC  A 1 3   ? -6.510  -17.061 -18.789 1.00 27.83 ? 3   DC  A "O4'" 1 
ATOM   48   C  "C3'" . DC  A 1 3   ? -8.761  -17.281 -18.287 1.00 29.56 ? 3   DC  A "C3'" 1 
ATOM   49   O  "O3'" . DC  A 1 3   ? -8.493  -17.295 -16.941 1.00 28.50 ? 3   DC  A "O3'" 1 
ATOM   50   C  "C2'" . DC  A 1 3   ? -8.505  -15.950 -18.987 1.00 27.53 ? 3   DC  A "C2'" 1 
ATOM   51   C  "C1'" . DC  A 1 3   ? -7.003  -15.743 -18.630 1.00 21.03 ? 3   DC  A "C1'" 1 
ATOM   52   N  N1    . DC  A 1 3   ? -6.318  -14.723 -19.524 1.00 13.20 ? 3   DC  A N1    1 
ATOM   53   C  C2    . DC  A 1 3   ? -5.104  -14.232 -19.149 1.00 13.28 ? 3   DC  A C2    1 
ATOM   54   O  O2    . DC  A 1 3   ? -4.528  -14.645 -18.135 1.00 12.89 ? 3   DC  A O2    1 
ATOM   55   N  N3    . DC  A 1 3   ? -4.533  -13.275 -19.914 1.00 13.96 ? 3   DC  A N3    1 
ATOM   56   C  C4    . DC  A 1 3   ? -5.126  -12.808 -21.002 1.00 13.42 ? 3   DC  A C4    1 
ATOM   57   N  N4    . DC  A 1 3   ? -4.555  -11.873 -21.765 1.00 13.92 ? 3   DC  A N4    1 
ATOM   58   C  C5    . DC  A 1 3   ? -6.349  -13.302 -21.375 1.00 11.00 ? 3   DC  A C5    1 
ATOM   59   C  C6    . DC  A 1 3   ? -6.896  -14.252 -20.611 1.00 14.49 ? 3   DC  A C6    1 
ATOM   60   P  P     . DT  A 1 4   ? -9.611  -16.905 -15.906 1.00 42.20 ? 4   DT  A P     1 
ATOM   61   O  OP1   . DT  A 1 4   ? -9.717  -18.025 -14.921 1.00 30.35 ? 4   DT  A OP1   1 
ATOM   62   O  OP2   . DT  A 1 4   ? -10.756 -16.289 -16.663 1.00 38.35 ? 4   DT  A OP2   1 
ATOM   63   O  "O5'" . DT  A 1 4   ? -9.008  -15.694 -15.058 1.00 36.90 ? 4   DT  A "O5'" 1 
ATOM   64   C  "C5'" . DT  A 1 4   ? -7.835  -15.841 -14.255 1.00 25.59 ? 4   DT  A "C5'" 1 
ATOM   65   C  "C4'" . DT  A 1 4   ? -7.276  -14.465 -14.112 1.00 19.36 ? 4   DT  A "C4'" 1 
ATOM   66   O  "O4'" . DT  A 1 4   ? -7.025  -13.855 -15.383 1.00 12.79 ? 4   DT  A "O4'" 1 
ATOM   67   C  "C3'" . DT  A 1 4   ? -8.304  -13.557 -13.476 1.00 15.24 ? 4   DT  A "C3'" 1 
ATOM   68   O  "O3'" . DT  A 1 4   ? -7.576  -12.837 -12.587 1.00 20.94 ? 4   DT  A "O3'" 1 
ATOM   69   C  "C2'" . DT  A 1 4   ? -8.682  -12.680 -14.631 1.00 11.19 ? 4   DT  A "C2'" 1 
ATOM   70   C  "C1'" . DT  A 1 4   ? -7.379  -12.539 -15.266 1.00 12.99 ? 4   DT  A "C1'" 1 
ATOM   71   N  N1    . DT  A 1 4   ? -7.383  -12.044 -16.589 1.00 13.78 ? 4   DT  A N1    1 
ATOM   72   C  C2    . DT  A 1 4   ? -6.191  -11.497 -17.019 1.00 18.63 ? 4   DT  A C2    1 
ATOM   73   O  O2    . DT  A 1 4   ? -5.106  -11.696 -16.433 1.00 15.86 ? 4   DT  A O2    1 
ATOM   74   N  N3    . DT  A 1 4   ? -6.259  -10.865 -18.269 1.00 20.15 ? 4   DT  A N3    1 
ATOM   75   C  C4    . DT  A 1 4   ? -7.368  -10.796 -19.089 1.00 21.43 ? 4   DT  A C4    1 
ATOM   76   O  O4    . DT  A 1 4   ? -7.336  -10.245 -20.182 1.00 23.37 ? 4   DT  A O4    1 
ATOM   77   C  C5    . DT  A 1 4   ? -8.516  -11.457 -18.549 1.00 20.35 ? 4   DT  A C5    1 
ATOM   78   C  C7    . DT  A 1 4   ? -9.700  -11.697 -19.432 1.00 21.84 ? 4   DT  A C7    1 
ATOM   79   C  C6    . DT  A 1 4   ? -8.500  -12.029 -17.337 1.00 17.27 ? 4   DT  A C6    1 
ATOM   80   P  P     . DA  A 1 5   ? -7.835  -12.734 -11.066 1.00 22.39 ? 5   DA  A P     1 
ATOM   81   O  OP1   . DA  A 1 5   ? -7.623  -13.961 -10.301 1.00 25.45 ? 5   DA  A OP1   1 
ATOM   82   O  OP2   . DA  A 1 5   ? -9.045  -11.864 -10.957 1.00 30.79 ? 5   DA  A OP2   1 
ATOM   83   O  "O5'" . DA  A 1 5   ? -6.491  -11.914 -10.915 1.00 25.67 ? 5   DA  A "O5'" 1 
ATOM   84   C  "C5'" . DA  A 1 5   ? -5.185  -12.508 -10.840 1.00 16.74 ? 5   DA  A "C5'" 1 
ATOM   85   C  "C4'" . DA  A 1 5   ? -4.168  -11.370 -11.042 1.00 13.02 ? 5   DA  A "C4'" 1 
ATOM   86   O  "O4'" . DA  A 1 5   ? -4.492  -10.717 -12.260 1.00 10.35 ? 5   DA  A "O4'" 1 
ATOM   87   C  "C3'" . DA  A 1 5   ? -4.317  -10.197 -10.043 1.00 11.24 ? 5   DA  A "C3'" 1 
ATOM   88   O  "O3'" . DA  A 1 5   ? -3.038  -9.738  -9.755  1.00 11.37 ? 5   DA  A "O3'" 1 
ATOM   89   C  "C2'" . DA  A 1 5   ? -5.091  -9.159  -10.817 1.00 9.86  ? 5   DA  A "C2'" 1 
ATOM   90   C  "C1'" . DA  A 1 5   ? -4.580  -9.321  -12.205 1.00 10.90 ? 5   DA  A "C1'" 1 
ATOM   91   N  N9    . DA  A 1 5   ? -5.520  -8.955  -13.258 1.00 8.02  ? 5   DA  A N9    1 
ATOM   92   C  C8    . DA  A 1 5   ? -6.817  -9.256  -13.344 1.00 9.30  ? 5   DA  A C8    1 
ATOM   93   N  N7    . DA  A 1 5   ? -7.391  -8.826  -14.459 1.00 9.27  ? 5   DA  A N7    1 
ATOM   94   C  C5    . DA  A 1 5   ? -6.384  -8.192  -15.153 1.00 4.78  ? 5   DA  A C5    1 
ATOM   95   C  C6    . DA  A 1 5   ? -6.353  -7.532  -16.399 1.00 11.58 ? 5   DA  A C6    1 
ATOM   96   N  N6    . DA  A 1 5   ? -7.454  -7.322  -17.190 1.00 12.45 ? 5   DA  A N6    1 
ATOM   97   N  N1    . DA  A 1 5   ? -5.189  -7.029  -16.796 1.00 8.00  ? 5   DA  A N1    1 
ATOM   98   C  C2    . DA  A 1 5   ? -4.179  -7.183  -15.981 1.00 10.92 ? 5   DA  A C2    1 
ATOM   99   N  N3    . DA  A 1 5   ? -4.071  -7.772  -14.775 1.00 11.02 ? 5   DA  A N3    1 
ATOM   100  C  C4    . DA  A 1 5   ? -5.249  -8.270  -14.424 1.00 7.93  ? 5   DA  A C4    1 
ATOM   101  P  P     . DA  A 1 6   ? -2.900  -8.454  -8.891  1.00 13.88 ? 6   DA  A P     1 
ATOM   102  O  OP1   . DA  A 1 6   ? -1.711  -8.692  -8.081  1.00 14.78 ? 6   DA  A OP1   1 
ATOM   103  O  OP2   . DA  A 1 6   ? -4.191  -8.177  -8.283  1.00 13.05 ? 6   DA  A OP2   1 
ATOM   104  O  "O5'" . DA  A 1 6   ? -2.641  -7.316  -9.960  1.00 9.47  ? 6   DA  A "O5'" 1 
ATOM   105  C  "C5'" . DA  A 1 6   ? -1.438  -7.219  -10.669 1.00 4.39  ? 6   DA  A "C5'" 1 
ATOM   106  C  "C4'" . DA  A 1 6   ? -1.403  -6.001  -11.529 1.00 4.31  ? 6   DA  A "C4'" 1 
ATOM   107  O  "O4'" . DA  A 1 6   ? -2.533  -5.992  -12.459 1.00 8.32  ? 6   DA  A "O4'" 1 
ATOM   108  C  "C3'" . DA  A 1 6   ? -1.518  -4.744  -10.699 1.00 7.11  ? 6   DA  A "C3'" 1 
ATOM   109  O  "O3'" . DA  A 1 6   ? -0.665  -3.758  -11.215 1.00 15.48 ? 6   DA  A "O3'" 1 
ATOM   110  C  "C2'" . DA  A 1 6   ? -2.893  -4.313  -11.050 1.00 7.62  ? 6   DA  A "C2'" 1 
ATOM   111  C  "C1'" . DA  A 1 6   ? -3.058  -4.687  -12.484 1.00 7.59  ? 6   DA  A "C1'" 1 
ATOM   112  N  N9    . DA  A 1 6   ? -4.432  -4.768  -12.876 1.00 6.66  ? 6   DA  A N9    1 
ATOM   113  C  C8    . DA  A 1 6   ? -5.461  -5.482  -12.316 1.00 10.96 ? 6   DA  A C8    1 
ATOM   114  N  N7    . DA  A 1 6   ? -6.560  -5.468  -13.037 1.00 15.65 ? 6   DA  A N7    1 
ATOM   115  C  C5    . DA  A 1 6   ? -6.209  -4.680  -14.141 1.00 11.74 ? 6   DA  A C5    1 
ATOM   116  C  C6    . DA  A 1 6   ? -6.890  -4.274  -15.287 1.00 13.05 ? 6   DA  A C6    1 
ATOM   117  N  N6    . DA  A 1 6   ? -8.127  -4.560  -15.574 1.00 20.31 ? 6   DA  A N6    1 
ATOM   118  N  N1    . DA  A 1 6   ? -6.290  -3.529  -16.171 1.00 13.69 ? 6   DA  A N1    1 
ATOM   119  C  C2    . DA  A 1 6   ? -5.032  -3.213  -15.894 1.00 21.46 ? 6   DA  A C2    1 
ATOM   120  N  N3    . DA  A 1 6   ? -4.244  -3.516  -14.850 1.00 16.81 ? 6   DA  A N3    1 
ATOM   121  C  C4    . DA  A 1 6   ? -4.922  -4.267  -14.006 1.00 10.65 ? 6   DA  A C4    1 
ATOM   122  P  P     . DG  A 1 7   ? -0.492  -2.374  -10.545 1.00 12.34 ? 7   DG  A P     1 
ATOM   123  O  OP1   . DG  A 1 7   ? 0.930   -2.027  -10.470 1.00 15.49 ? 7   DG  A OP1   1 
ATOM   124  O  OP2   . DG  A 1 7   ? -1.365  -2.408  -9.376  1.00 10.52 ? 7   DG  A OP2   1 
ATOM   125  O  "O5'" . DG  A 1 7   ? -1.039  -1.563  -11.767 1.00 9.69  ? 7   DG  A "O5'" 1 
ATOM   126  C  "C5'" . DG  A 1 7   ? -0.353  -1.527  -13.003 1.00 6.12  ? 7   DG  A "C5'" 1 
ATOM   127  C  "C4'" . DG  A 1 7   ? -0.998  -0.468  -13.874 1.00 5.89  ? 7   DG  A "C4'" 1 
ATOM   128  O  "O4'" . DG  A 1 7   ? -2.354  -0.842  -14.019 1.00 11.04 ? 7   DG  A "O4'" 1 
ATOM   129  C  "C3'" . DG  A 1 7   ? -1.111  0.970   -13.258 1.00 9.01  ? 7   DG  A "C3'" 1 
ATOM   130  O  "O3'" . DG  A 1 7   ? -0.900  1.954   -14.286 1.00 12.61 ? 7   DG  A "O3'" 1 
ATOM   131  C  "C2'" . DG  A 1 7   ? -2.541  1.038   -12.739 1.00 8.10  ? 7   DG  A "C2'" 1 
ATOM   132  C  "C1'" . DG  A 1 7   ? -3.238  0.228   -13.793 1.00 10.72 ? 7   DG  A "C1'" 1 
ATOM   133  N  N9    . DG  A 1 7   ? -4.512  -0.413  -13.454 1.00 7.67  ? 7   DG  A N9    1 
ATOM   134  C  C8    . DG  A 1 7   ? -4.826  -1.169  -12.406 1.00 13.40 ? 7   DG  A C8    1 
ATOM   135  N  N7    . DG  A 1 7   ? -6.066  -1.672  -12.463 1.00 18.58 ? 7   DG  A N7    1 
ATOM   136  C  C5    . DG  A 1 7   ? -6.600  -1.182  -13.676 1.00 12.61 ? 7   DG  A C5    1 
ATOM   137  C  C6    . DG  A 1 7   ? -7.866  -1.381  -14.330 1.00 13.21 ? 7   DG  A C6    1 
ATOM   138  O  O6    . DG  A 1 7   ? -8.851  -2.079  -14.090 1.00 14.05 ? 7   DG  A O6    1 
ATOM   139  N  N1    . DG  A 1 7   ? -7.951  -0.726  -15.492 1.00 11.30 ? 7   DG  A N1    1 
ATOM   140  C  C2    . DG  A 1 7   ? -6.987  0.032   -16.007 1.00 15.70 ? 7   DG  A C2    1 
ATOM   141  N  N2    . DG  A 1 7   ? -7.325  0.594   -17.144 1.00 15.48 ? 7   DG  A N2    1 
ATOM   142  N  N3    . DG  A 1 7   ? -5.788  0.246   -15.446 1.00 17.46 ? 7   DG  A N3    1 
ATOM   143  C  C4    . DG  A 1 7   ? -5.650  -0.405  -14.269 1.00 12.55 ? 7   DG  A C4    1 
ATOM   144  P  P     . DT  A 1 8   ? -0.713  3.493   -14.041 1.00 14.74 ? 8   DT  A P     1 
ATOM   145  O  OP1   . DT  A 1 8   ? 0.461   3.981   -14.753 1.00 9.30  ? 8   DT  A OP1   1 
ATOM   146  O  OP2   . DT  A 1 8   ? -0.927  3.691   -12.625 1.00 19.28 ? 8   DT  A OP2   1 
ATOM   147  O  "O5'" . DT  A 1 8   ? -2.002  4.057   -14.713 1.00 14.61 ? 8   DT  A "O5'" 1 
ATOM   148  C  "C5'" . DT  A 1 8   ? -2.123  3.973   -16.145 1.00 8.10  ? 8   DT  A "C5'" 1 
ATOM   149  C  "C4'" . DT  A 1 8   ? -3.463  4.495   -16.605 1.00 8.05  ? 8   DT  A "C4'" 1 
ATOM   150  O  "O4'" . DT  A 1 8   ? -4.436  3.738   -15.974 1.00 10.00 ? 8   DT  A "O4'" 1 
ATOM   151  C  "C3'" . DT  A 1 8   ? -3.840  5.859   -16.103 1.00 12.91 ? 8   DT  A "C3'" 1 
ATOM   152  O  "O3'" . DT  A 1 8   ? -4.207  6.702   -17.170 1.00 21.36 ? 8   DT  A "O3'" 1 
ATOM   153  C  "C2'" . DT  A 1 8   ? -5.122  5.535   -15.361 1.00 12.65 ? 8   DT  A "C2'" 1 
ATOM   154  C  "C1'" . DT  A 1 8   ? -5.701  4.331   -16.014 1.00 12.61 ? 8   DT  A "C1'" 1 
ATOM   155  N  N1    . DT  A 1 8   ? -6.560  3.503   -15.121 1.00 18.84 ? 8   DT  A N1    1 
ATOM   156  C  C2    . DT  A 1 8   ? -7.773  3.099   -15.501 1.00 18.93 ? 8   DT  A C2    1 
ATOM   157  O  O2    . DT  A 1 8   ? -8.264  3.371   -16.571 1.00 27.56 ? 8   DT  A O2    1 
ATOM   158  N  N3    . DT  A 1 8   ? -8.517  2.413   -14.605 1.00 21.71 ? 8   DT  A N3    1 
ATOM   159  C  C4    . DT  A 1 8   ? -8.154  2.096   -13.333 1.00 21.69 ? 8   DT  A C4    1 
ATOM   160  O  O4    . DT  A 1 8   ? -8.948  1.522   -12.581 1.00 27.78 ? 8   DT  A O4    1 
ATOM   161  C  C5    . DT  A 1 8   ? -6.857  2.547   -12.987 1.00 19.42 ? 8   DT  A C5    1 
ATOM   162  C  C7    . DT  A 1 8   ? -6.265  2.327   -11.571 1.00 21.04 ? 8   DT  A C7    1 
ATOM   163  C  C6    . DT  A 1 8   ? -6.132  3.208   -13.872 1.00 20.60 ? 8   DT  A C6    1 
ATOM   164  P  P     . DC  A 1 9   ? -4.301  8.290   -17.151 1.00 25.03 ? 9   DC  A P     1 
ATOM   165  O  OP1   . DC  A 1 9   ? -3.923  8.781   -18.475 1.00 29.97 ? 9   DC  A OP1   1 
ATOM   166  O  OP2   . DC  A 1 9   ? -3.700  8.853   -15.931 1.00 30.52 ? 9   DC  A OP2   1 
ATOM   167  O  "O5'" . DC  A 1 9   ? -5.841  8.313   -17.056 1.00 28.06 ? 9   DC  A "O5'" 1 
ATOM   168  C  "C5'" . DC  A 1 9   ? -6.594  7.828   -18.163 1.00 27.91 ? 9   DC  A "C5'" 1 
ATOM   169  C  "C4'" . DC  A 1 9   ? -8.078  8.206   -18.037 1.00 28.89 ? 9   DC  A "C4'" 1 
ATOM   170  O  "O4'" . DC  A 1 9   ? -8.826  7.375   -17.136 1.00 23.24 ? 9   DC  A "O4'" 1 
ATOM   171  C  "C3'" . DC  A 1 9   ? -8.101  9.665   -17.469 1.00 34.77 ? 9   DC  A "C3'" 1 
ATOM   172  O  "O3'" . DC  A 1 9   ? -9.122  10.382  -18.221 1.00 38.99 ? 9   DC  A "O3'" 1 
ATOM   173  C  "C2'" . DC  A 1 9   ? -8.377  9.419   -15.943 1.00 23.93 ? 9   DC  A "C2'" 1 
ATOM   174  C  "C1'" . DC  A 1 9   ? -9.282  8.147   -16.010 1.00 25.13 ? 9   DC  A "C1'" 1 
ATOM   175  N  N1    . DC  A 1 9   ? -9.125  7.279   -14.835 1.00 19.86 ? 9   DC  A N1    1 
ATOM   176  C  C2    . DC  A 1 9   ? -10.145 6.479   -14.523 1.00 20.68 ? 9   DC  A C2    1 
ATOM   177  O  O2    . DC  A 1 9   ? -11.150 6.440   -15.199 1.00 19.17 ? 9   DC  A O2    1 
ATOM   178  N  N3    . DC  A 1 9   ? -10.019 5.675   -13.445 1.00 23.37 ? 9   DC  A N3    1 
ATOM   179  C  C4    . DC  A 1 9   ? -8.910  5.671   -12.704 1.00 19.87 ? 9   DC  A C4    1 
ATOM   180  N  N4    . DC  A 1 9   ? -8.887  4.908   -11.618 1.00 19.59 ? 9   DC  A N4    1 
ATOM   181  C  C5    . DC  A 1 9   ? -7.810  6.501   -13.027 1.00 17.57 ? 9   DC  A C5    1 
ATOM   182  C  C6    . DC  A 1 9   ? -7.982  7.283   -14.104 1.00 19.63 ? 9   DC  A C6    1 
ATOM   183  P  P     . DA  A 1 10  ? -9.524  11.922  -17.939 1.00 45.54 ? 10  DA  A P     1 
ATOM   184  O  OP1   . DA  A 1 10  ? -10.118 12.400  -19.218 1.00 47.00 ? 10  DA  A OP1   1 
ATOM   185  O  OP2   . DA  A 1 10  ? -8.441  12.675  -17.223 1.00 36.73 ? 10  DA  A OP2   1 
ATOM   186  O  "O5'" . DA  A 1 10  ? -10.751 11.651  -16.938 1.00 41.41 ? 10  DA  A "O5'" 1 
ATOM   187  C  "C5'" . DA  A 1 10  ? -11.890 10.897  -17.398 1.00 38.73 ? 10  DA  A "C5'" 1 
ATOM   188  C  "C4'" . DA  A 1 10  ? -12.925 10.671  -16.296 1.00 37.90 ? 10  DA  A "C4'" 1 
ATOM   189  O  "O4'" . DA  A 1 10  ? -12.554 9.616   -15.380 1.00 40.28 ? 10  DA  A "O4'" 1 
ATOM   190  C  "C3'" . DA  A 1 10  ? -12.934 11.948  -15.433 1.00 37.91 ? 10  DA  A "C3'" 1 
ATOM   191  O  "O3'" . DA  A 1 10  ? -14.250 12.283  -14.922 1.00 38.21 ? 10  DA  A "O3'" 1 
ATOM   192  C  "C2'" . DA  A 1 10  ? -12.033 11.476  -14.270 1.00 35.19 ? 10  DA  A "C2'" 1 
ATOM   193  C  "C1'" . DA  A 1 10  ? -12.619 10.087  -14.022 1.00 33.11 ? 10  DA  A "C1'" 1 
ATOM   194  N  N9    . DA  A 1 10  ? -11.774 9.363   -13.012 1.00 25.42 ? 10  DA  A N9    1 
ATOM   195  C  C8    . DA  A 1 10  ? -10.529 9.677   -12.570 1.00 24.11 ? 10  DA  A C8    1 
ATOM   196  N  N7    . DA  A 1 10  ? -10.100 8.959   -11.578 1.00 22.26 ? 10  DA  A N7    1 
ATOM   197  C  C5    . DA  A 1 10  ? -11.141 8.110   -11.357 1.00 20.21 ? 10  DA  A C5    1 
ATOM   198  C  C6    . DA  A 1 10  ? -11.314 7.117   -10.427 1.00 22.47 ? 10  DA  A C6    1 
ATOM   199  N  N6    . DA  A 1 10  ? -10.367 6.787   -9.531  1.00 27.29 ? 10  DA  A N6    1 
ATOM   200  N  N1    . DA  A 1 10  ? -12.485 6.456   -10.459 1.00 24.09 ? 10  DA  A N1    1 
ATOM   201  C  C2    . DA  A 1 10  ? -13.409 6.768   -11.356 1.00 22.86 ? 10  DA  A C2    1 
ATOM   202  N  N3    . DA  A 1 10  ? -13.315 7.712   -12.288 1.00 24.34 ? 10  DA  A N3    1 
ATOM   203  C  C4    . DA  A 1 10  ? -12.152 8.343   -12.226 1.00 19.73 ? 10  DA  A C4    1 
ATOM   204  P  P     . DA  A 1 11  ? -14.736 13.854  -14.762 1.00 36.17 ? 11  DA  A P     1 
ATOM   205  O  OP1   . DA  A 1 11  ? -14.931 14.417  -16.108 1.00 35.43 ? 11  DA  A OP1   1 
ATOM   206  O  OP2   . DA  A 1 11  ? -13.995 14.592  -13.713 1.00 29.95 ? 11  DA  A OP2   1 
ATOM   207  O  "O5'" . DA  A 1 11  ? -16.094 13.463  -14.172 1.00 30.56 ? 11  DA  A "O5'" 1 
ATOM   208  C  "C5'" . DA  A 1 11  ? -16.859 12.570  -14.908 1.00 29.13 ? 11  DA  A "C5'" 1 
ATOM   209  C  "C4'" . DA  A 1 11  ? -17.724 11.800  -13.957 1.00 31.03 ? 11  DA  A "C4'" 1 
ATOM   210  O  "O4'" . DA  A 1 11  ? -16.945 10.845  -13.232 1.00 32.20 ? 11  DA  A "O4'" 1 
ATOM   211  C  "C3'" . DA  A 1 11  ? -18.357 12.725  -12.959 1.00 27.94 ? 11  DA  A "C3'" 1 
ATOM   212  O  "O3'" . DA  A 1 11  ? -19.561 12.191  -12.496 1.00 32.35 ? 11  DA  A "O3'" 1 
ATOM   213  C  "C2'" . DA  A 1 11  ? -17.344 12.578  -11.863 1.00 28.93 ? 11  DA  A "C2'" 1 
ATOM   214  C  "C1'" . DA  A 1 11  ? -17.061 11.050  -11.842 1.00 26.26 ? 11  DA  A "C1'" 1 
ATOM   215  N  N9    . DA  A 1 11  ? -15.793 10.788  -11.106 1.00 18.72 ? 11  DA  A N9    1 
ATOM   216  C  C8    . DA  A 1 11  ? -14.720 11.630  -11.033 1.00 16.22 ? 11  DA  A C8    1 
ATOM   217  N  N7    . DA  A 1 11  ? -13.816 11.261  -10.211 1.00 18.38 ? 11  DA  A N7    1 
ATOM   218  C  C5    . DA  A 1 11  ? -14.321 10.052  -9.690  1.00 16.63 ? 11  DA  A C5    1 
ATOM   219  C  C6    . DA  A 1 11  ? -13.826 9.165   -8.694  1.00 20.67 ? 11  DA  A C6    1 
ATOM   220  N  N6    . DA  A 1 11  ? -12.588 9.387   -8.135  1.00 18.29 ? 11  DA  A N6    1 
ATOM   221  N  N1    . DA  A 1 11  ? -14.610 8.060   -8.340  1.00 17.76 ? 11  DA  A N1    1 
ATOM   222  C  C2    . DA  A 1 11  ? -15.760 7.931   -8.992  1.00 18.96 ? 11  DA  A C2    1 
ATOM   223  N  N3    . DA  A 1 11  ? -16.302 8.716   -9.952  1.00 16.92 ? 11  DA  A N3    1 
ATOM   224  C  C4    . DA  A 1 11  ? -15.523 9.766   -10.244 1.00 15.18 ? 11  DA  A C4    1 
ATOM   225  P  P     . DC  A 1 12  ? -20.520 13.250  -11.738 1.00 39.28 ? 12  DC  A P     1 
ATOM   226  O  OP1   . DC  A 1 12  ? -21.849 13.078  -12.362 1.00 39.03 ? 12  DC  A OP1   1 
ATOM   227  O  OP2   . DC  A 1 12  ? -19.825 14.574  -11.633 1.00 33.79 ? 12  DC  A OP2   1 
ATOM   228  O  "O5'" . DC  A 1 12  ? -20.691 12.722  -10.250 1.00 36.53 ? 12  DC  A "O5'" 1 
ATOM   229  C  "C5'" . DC  A 1 12  ? -21.355 11.488  -10.091 1.00 35.16 ? 12  DC  A "C5'" 1 
ATOM   230  C  "C4'" . DC  A 1 12  ? -20.924 10.899  -8.772  1.00 34.00 ? 12  DC  A "C4'" 1 
ATOM   231  O  "O4'" . DC  A 1 12  ? -19.479 10.793  -8.738  1.00 33.15 ? 12  DC  A "O4'" 1 
ATOM   232  C  "C3'" . DC  A 1 12  ? -21.309 11.818  -7.622  1.00 33.72 ? 12  DC  A "C3'" 1 
ATOM   233  O  "O3'" . DC  A 1 12  ? -21.733 11.148  -6.492  1.00 35.88 ? 12  DC  A "O3'" 1 
ATOM   234  C  "C2'" . DC  A 1 12  ? -19.937 12.280  -7.212  1.00 32.25 ? 12  DC  A "C2'" 1 
ATOM   235  C  "C1'" . DC  A 1 12  ? -19.103 11.023  -7.404  1.00 29.19 ? 12  DC  A "C1'" 1 
ATOM   236  N  N1    . DC  A 1 12  ? -17.672 11.336  -7.276  1.00 29.63 ? 12  DC  A N1    1 
ATOM   237  C  C2    . DC  A 1 12  ? -16.899 10.502  -6.482  1.00 29.87 ? 12  DC  A C2    1 
ATOM   238  O  O2    . DC  A 1 12  ? -17.424 9.552   -5.921  1.00 33.30 ? 12  DC  A O2    1 
ATOM   239  N  N3    . DC  A 1 12  ? -15.584 10.761  -6.311  1.00 29.23 ? 12  DC  A N3    1 
ATOM   240  C  C4    . DC  A 1 12  ? -15.057 11.840  -6.925  1.00 31.27 ? 12  DC  A C4    1 
ATOM   241  N  N4    . DC  A 1 12  ? -13.757 12.117  -6.786  1.00 35.16 ? 12  DC  A N4    1 
ATOM   242  C  C5    . DC  A 1 12  ? -15.829 12.719  -7.747  1.00 29.57 ? 12  DC  A C5    1 
ATOM   243  C  C6    . DC  A 1 12  ? -17.128 12.420  -7.889  1.00 29.56 ? 12  DC  A C6    1 
ATOM   244  P  P     . DC  A 1 13  ? -22.535 11.920  -5.353  1.00 40.18 ? 13  DC  A P     1 
ATOM   245  O  OP1   . DC  A 1 13  ? -23.711 12.375  -6.092  1.00 41.14 ? 13  DC  A OP1   1 
ATOM   246  O  OP2   . DC  A 1 13  ? -21.751 12.866  -4.520  1.00 38.36 ? 13  DC  A OP2   1 
ATOM   247  O  "O5'" . DC  A 1 13  ? -22.793 10.620  -4.446  1.00 40.65 ? 13  DC  A "O5'" 1 
ATOM   248  C  "C5'" . DC  A 1 13  ? -21.702 9.626   -4.456  1.00 42.08 ? 13  DC  A "C5'" 1 
ATOM   249  C  "C4'" . DC  A 1 13  ? -20.825 9.388   -3.188  1.00 39.67 ? 13  DC  A "C4'" 1 
ATOM   250  O  "O4'" . DC  A 1 13  ? -19.426 9.754   -3.371  1.00 36.07 ? 13  DC  A "O4'" 1 
ATOM   251  C  "C3'" . DC  A 1 13  ? -21.377 10.225  -2.026  1.00 40.31 ? 13  DC  A "C3'" 1 
ATOM   252  O  "O3'" . DC  A 1 13  ? -21.090 9.551   -0.754  1.00 34.80 ? 13  DC  A "O3'" 1 
ATOM   253  C  "C2'" . DC  A 1 13  ? -20.539 11.516  -2.239  1.00 38.21 ? 13  DC  A "C2'" 1 
ATOM   254  C  "C1'" . DC  A 1 13  ? -19.144 10.833  -2.455  1.00 37.57 ? 13  DC  A "C1'" 1 
ATOM   255  N  N1    . DC  A 1 13  ? -18.107 11.772  -3.027  1.00 32.84 ? 13  DC  A N1    1 
ATOM   256  C  C2    . DC  A 1 13  ? -16.857 11.637  -2.563  1.00 29.01 ? 13  DC  A C2    1 
ATOM   257  O  O2    . DC  A 1 13  ? -16.643 10.807  -1.705  1.00 22.12 ? 13  DC  A O2    1 
ATOM   258  N  N3    . DC  A 1 13  ? -15.899 12.427  -3.087  1.00 29.86 ? 13  DC  A N3    1 
ATOM   259  C  C4    . DC  A 1 13  ? -16.170 13.326  -4.043  1.00 32.38 ? 13  DC  A C4    1 
ATOM   260  N  N4    . DC  A 1 13  ? -15.200 14.093  -4.527  1.00 36.56 ? 13  DC  A N4    1 
ATOM   261  C  C5    . DC  A 1 13  ? -17.469 13.505  -4.559  1.00 31.62 ? 13  DC  A C5    1 
ATOM   262  C  C6    . DC  A 1 13  ? -18.400 12.703  -4.012  1.00 35.09 ? 13  DC  A C6    1 
ATOM   263  O  "O5'" . DG  B 2 1   ? -6.307  11.947  -0.281  1.00 49.80 ? 21  DG  B "O5'" 1 
ATOM   264  C  "C5'" . DG  B 2 1   ? -6.301  12.042  1.181   1.00 49.29 ? 21  DG  B "C5'" 1 
ATOM   265  C  "C4'" . DG  B 2 1   ? -7.536  11.508  2.005   1.00 43.43 ? 21  DG  B "C4'" 1 
ATOM   266  O  "O4'" . DG  B 2 1   ? -8.718  12.211  1.607   1.00 43.60 ? 21  DG  B "O4'" 1 
ATOM   267  C  "C3'" . DG  B 2 1   ? -7.815  10.032  1.818   1.00 43.46 ? 21  DG  B "C3'" 1 
ATOM   268  O  "O3'" . DG  B 2 1   ? -8.662  9.582   2.882   1.00 40.83 ? 21  DG  B "O3'" 1 
ATOM   269  C  "C2'" . DG  B 2 1   ? -8.574  10.116  0.519   1.00 43.58 ? 21  DG  B "C2'" 1 
ATOM   270  C  "C1'" . DG  B 2 1   ? -9.486  11.327  0.800   1.00 41.46 ? 21  DG  B "C1'" 1 
ATOM   271  N  N9    . DG  B 2 1   ? -9.862  11.936  -0.504  1.00 39.88 ? 21  DG  B N9    1 
ATOM   272  C  C8    . DG  B 2 1   ? -9.159  12.632  -1.440  1.00 40.14 ? 21  DG  B C8    1 
ATOM   273  N  N7    . DG  B 2 1   ? -9.890  13.001  -2.472  1.00 40.74 ? 21  DG  B N7    1 
ATOM   274  C  C5    . DG  B 2 1   ? -11.164 12.513  -2.192  1.00 35.84 ? 21  DG  B C5    1 
ATOM   275  C  C6    . DG  B 2 1   ? -12.390 12.589  -2.900  1.00 36.02 ? 21  DG  B C6    1 
ATOM   276  O  O6    . DG  B 2 1   ? -12.676 13.150  -3.956  1.00 36.38 ? 21  DG  B O6    1 
ATOM   277  N  N1    . DG  B 2 1   ? -13.378 11.956  -2.243  1.00 30.36 ? 21  DG  B N1    1 
ATOM   278  C  C2    . DG  B 2 1   ? -13.217 11.343  -1.078  1.00 33.67 ? 21  DG  B C2    1 
ATOM   279  N  N2    . DG  B 2 1   ? -14.226 10.739  -0.550  1.00 37.52 ? 21  DG  B N2    1 
ATOM   280  N  N3    . DG  B 2 1   ? -12.127 11.252  -0.392  1.00 36.07 ? 21  DG  B N3    1 
ATOM   281  C  C4    . DG  B 2 1   ? -11.131 11.866  -1.009  1.00 37.37 ? 21  DG  B C4    1 
ATOM   282  P  P     . DG  B 2 2   ? -8.613  8.071   3.486   1.00 36.19 ? 22  DG  B P     1 
ATOM   283  O  OP1   . DG  B 2 2   ? -9.261  8.149   4.807   1.00 38.73 ? 22  DG  B OP1   1 
ATOM   284  O  OP2   . DG  B 2 2   ? -7.250  7.476   3.364   1.00 30.50 ? 22  DG  B OP2   1 
ATOM   285  O  "O5'" . DG  B 2 2   ? -9.679  7.397   2.452   1.00 33.85 ? 22  DG  B "O5'" 1 
ATOM   286  C  "C5'" . DG  B 2 2   ? -11.022 7.267   2.927   1.00 26.04 ? 22  DG  B "C5'" 1 
ATOM   287  C  "C4'" . DG  B 2 2   ? -12.074 6.675   2.003   1.00 17.20 ? 22  DG  B "C4'" 1 
ATOM   288  O  "O4'" . DG  B 2 2   ? -12.107 7.508   0.914   1.00 20.35 ? 22  DG  B "O4'" 1 
ATOM   289  C  "C3'" . DG  B 2 2   ? -11.831 5.357   1.397   1.00 20.92 ? 22  DG  B "C3'" 1 
ATOM   290  O  "O3'" . DG  B 2 2   ? -13.102 4.827   1.063   1.00 21.33 ? 22  DG  B "O3'" 1 
ATOM   291  C  "C2'" . DG  B 2 2   ? -11.117 5.792   0.127   1.00 22.97 ? 22  DG  B "C2'" 1 
ATOM   292  C  "C1'" . DG  B 2 2   ? -12.120 6.808   -0.305  1.00 21.76 ? 22  DG  B "C1'" 1 
ATOM   293  N  N9    . DG  B 2 2   ? -11.778 7.748   -1.427  1.00 20.23 ? 22  DG  B N9    1 
ATOM   294  C  C8    . DG  B 2 2   ? -10.599 8.309   -1.729  1.00 19.57 ? 22  DG  B C8    1 
ATOM   295  N  N7    . DG  B 2 2   ? -10.642 9.096   -2.797  1.00 22.57 ? 22  DG  B N7    1 
ATOM   296  C  C5    . DG  B 2 2   ? -11.945 9.037   -3.227  1.00 19.62 ? 22  DG  B C5    1 
ATOM   297  C  C6    . DG  B 2 2   ? -12.559 9.647   -4.340  1.00 24.46 ? 22  DG  B C6    1 
ATOM   298  O  O6    . DG  B 2 2   ? -12.040 10.314  -5.224  1.00 30.42 ? 22  DG  B O6    1 
ATOM   299  N  N1    . DG  B 2 2   ? -13.896 9.374   -4.462  1.00 22.22 ? 22  DG  B N1    1 
ATOM   300  C  C2    . DG  B 2 2   ? -14.559 8.600   -3.598  1.00 22.96 ? 22  DG  B C2    1 
ATOM   301  N  N2    . DG  B 2 2   ? -15.834 8.585   -3.849  1.00 23.56 ? 22  DG  B N2    1 
ATOM   302  N  N3    . DG  B 2 2   ? -14.021 7.967   -2.535  1.00 19.39 ? 22  DG  B N3    1 
ATOM   303  C  C4    . DG  B 2 2   ? -12.679 8.232   -2.406  1.00 20.00 ? 22  DG  B C4    1 
ATOM   304  P  P     . DT  B 2 3   ? -13.271 3.261   0.988   1.00 22.92 ? 23  DT  B P     1 
ATOM   305  O  OP1   . DT  B 2 3   ? -13.575 2.684   2.299   1.00 23.09 ? 23  DT  B OP1   1 
ATOM   306  O  OP2   . DT  B 2 3   ? -12.072 2.800   0.305   1.00 30.14 ? 23  DT  B OP2   1 
ATOM   307  O  "O5'" . DT  B 2 3   ? -14.520 3.020   0.097   1.00 18.21 ? 23  DT  B "O5'" 1 
ATOM   308  C  "C5'" . DT  B 2 3   ? -14.438 3.950   -0.911  1.00 16.98 ? 23  DT  B "C5'" 1 
ATOM   309  C  "C4'" . DT  B 2 3   ? -15.659 3.955   -1.674  1.00 21.39 ? 23  DT  B "C4'" 1 
ATOM   310  O  "O4'" . DT  B 2 3   ? -15.497 4.906   -2.719  1.00 19.82 ? 23  DT  B "O4'" 1 
ATOM   311  C  "C3'" . DT  B 2 3   ? -15.880 2.624   -2.334  1.00 22.63 ? 23  DT  B "C3'" 1 
ATOM   312  O  "O3'" . DT  B 2 3   ? -17.202 2.522   -2.728  1.00 29.45 ? 23  DT  B "O3'" 1 
ATOM   313  C  "C2'" . DT  B 2 3   ? -15.055 2.852   -3.582  1.00 26.17 ? 23  DT  B "C2'" 1 
ATOM   314  C  "C1'" . DT  B 2 3   ? -15.389 4.307   -3.970  1.00 21.82 ? 23  DT  B "C1'" 1 
ATOM   315  N  N1    . DT  B 2 3   ? -14.289 5.015   -4.617  1.00 21.85 ? 23  DT  B N1    1 
ATOM   316  C  C2    . DT  B 2 3   ? -14.606 5.839   -5.688  1.00 25.95 ? 23  DT  B C2    1 
ATOM   317  O  O2    . DT  B 2 3   ? -15.709 6.008   -6.194  1.00 28.13 ? 23  DT  B O2    1 
ATOM   318  N  N3    . DT  B 2 3   ? -13.592 6.507   -6.244  1.00 25.76 ? 23  DT  B N3    1 
ATOM   319  C  C4    . DT  B 2 3   ? -12.289 6.442   -5.842  1.00 25.10 ? 23  DT  B C4    1 
ATOM   320  O  O4    . DT  B 2 3   ? -11.479 7.176   -6.426  1.00 31.87 ? 23  DT  B O4    1 
ATOM   321  C  C5    . DT  B 2 3   ? -12.034 5.560   -4.726  1.00 21.08 ? 23  DT  B C5    1 
ATOM   322  C  C7    . DT  B 2 3   ? -10.702 5.483   -4.151  1.00 16.36 ? 23  DT  B C7    1 
ATOM   323  C  C6    . DT  B 2 3   ? -13.011 4.886   -4.163  1.00 20.77 ? 23  DT  B C6    1 
ATOM   324  P  P     . DT  B 2 4   ? -17.638 1.138   -3.353  1.00 33.83 ? 24  DT  B P     1 
ATOM   325  O  OP1   . DT  B 2 4   ? -19.034 0.926   -2.919  1.00 31.96 ? 24  DT  B OP1   1 
ATOM   326  O  OP2   . DT  B 2 4   ? -16.564 0.173   -3.015  1.00 33.85 ? 24  DT  B OP2   1 
ATOM   327  O  "O5'" . DT  B 2 4   ? -17.646 1.456   -4.917  1.00 30.44 ? 24  DT  B "O5'" 1 
ATOM   328  C  "C5'" . DT  B 2 4   ? -18.723 2.192   -5.473  1.00 26.23 ? 24  DT  B "C5'" 1 
ATOM   329  C  "C4'" . DT  B 2 4   ? -18.456 2.413   -6.952  1.00 28.83 ? 24  DT  B "C4'" 1 
ATOM   330  O  "O4'" . DT  B 2 4   ? -17.139 2.891   -7.043  1.00 27.63 ? 24  DT  B "O4'" 1 
ATOM   331  C  "C3'" . DT  B 2 4   ? -18.270 1.182   -7.768  1.00 31.31 ? 24  DT  B "C3'" 1 
ATOM   332  O  "O3'" . DT  B 2 4   ? -19.439 0.914   -8.555  1.00 37.16 ? 24  DT  B "O3'" 1 
ATOM   333  C  "C2'" . DT  B 2 4   ? -17.071 1.519   -8.698  1.00 27.81 ? 24  DT  B "C2'" 1 
ATOM   334  C  "C1'" . DT  B 2 4   ? -16.728 2.952   -8.387  1.00 26.09 ? 24  DT  B "C1'" 1 
ATOM   335  N  N1    . DT  B 2 4   ? -15.285 3.267   -8.302  1.00 26.79 ? 24  DT  B N1    1 
ATOM   336  C  C2    . DT  B 2 4   ? -14.773 4.291   -9.047  1.00 28.82 ? 24  DT  B C2    1 
ATOM   337  O  O2    . DT  B 2 4   ? -15.397 5.024   -9.817  1.00 36.03 ? 24  DT  B O2    1 
ATOM   338  N  N3    . DT  B 2 4   ? -13.445 4.526   -8.896  1.00 24.54 ? 24  DT  B N3    1 
ATOM   339  C  C4    . DT  B 2 4   ? -12.568 3.904   -8.124  1.00 21.29 ? 24  DT  B C4    1 
ATOM   340  O  O4    . DT  B 2 4   ? -11.419 4.340   -8.181  1.00 23.59 ? 24  DT  B O4    1 
ATOM   341  C  C5    . DT  B 2 4   ? -13.140 2.828   -7.351  1.00 20.66 ? 24  DT  B C5    1 
ATOM   342  C  C7    . DT  B 2 4   ? -12.333 1.946   -6.419  1.00 19.21 ? 24  DT  B C7    1 
ATOM   343  C  C6    . DT  B 2 4   ? -14.447 2.555   -7.463  1.00 23.79 ? 24  DT  B C6    1 
ATOM   344  P  P     . DG  B 2 5   ? -19.561 -0.555  -9.312  1.00 44.88 ? 25  DG  B P     1 
ATOM   345  O  OP1   . DG  B 2 5   ? -20.711 -1.288  -8.744  1.00 42.79 ? 25  DG  B OP1   1 
ATOM   346  O  OP2   . DG  B 2 5   ? -18.219 -1.234  -9.380  1.00 45.28 ? 25  DG  B OP2   1 
ATOM   347  O  "O5'" . DG  B 2 5   ? -19.947 -0.028  -10.799 1.00 39.70 ? 25  DG  B "O5'" 1 
ATOM   348  C  "C5'" . DG  B 2 5   ? -19.378 1.260   -11.146 1.00 34.54 ? 25  DG  B "C5'" 1 
ATOM   349  C  "C4'" . DG  B 2 5   ? -19.057 1.455   -12.557 1.00 28.98 ? 25  DG  B "C4'" 1 
ATOM   350  O  "O4'" . DG  B 2 5   ? -17.977 2.411   -12.667 1.00 31.69 ? 25  DG  B "O4'" 1 
ATOM   351  C  "C3'" . DG  B 2 5   ? -18.521 0.148   -13.051 1.00 31.87 ? 25  DG  B "C3'" 1 
ATOM   352  O  "O3'" . DG  B 2 5   ? -18.474 0.068   -14.458 1.00 39.12 ? 25  DG  B "O3'" 1 
ATOM   353  C  "C2'" . DG  B 2 5   ? -17.094 0.281   -12.524 1.00 26.11 ? 25  DG  B "C2'" 1 
ATOM   354  C  "C1'" . DG  B 2 5   ? -16.767 1.671   -12.985 1.00 24.17 ? 25  DG  B "C1'" 1 
ATOM   355  N  N9    . DG  B 2 5   ? -15.498 1.991   -12.279 1.00 19.99 ? 25  DG  B N9    1 
ATOM   356  C  C8    . DG  B 2 5   ? -14.941 1.393   -11.180 1.00 17.91 ? 25  DG  B C8    1 
ATOM   357  N  N7    . DG  B 2 5   ? -13.727 1.823   -10.934 1.00 19.75 ? 25  DG  B N7    1 
ATOM   358  C  C5    . DG  B 2 5   ? -13.453 2.757   -11.910 1.00 12.31 ? 25  DG  B C5    1 
ATOM   359  C  C6    . DG  B 2 5   ? -12.325 3.517   -12.118 1.00 18.06 ? 25  DG  B C6    1 
ATOM   360  O  O6    . DG  B 2 5   ? -11.247 3.491   -11.524 1.00 21.76 ? 25  DG  B O6    1 
ATOM   361  N  N1    . DG  B 2 5   ? -12.465 4.342   -13.176 1.00 18.22 ? 25  DG  B N1    1 
ATOM   362  C  C2    . DG  B 2 5   ? -13.561 4.399   -13.931 1.00 19.83 ? 25  DG  B C2    1 
ATOM   363  N  N2    . DG  B 2 5   ? -13.572 5.291   -14.900 1.00 18.55 ? 25  DG  B N2    1 
ATOM   364  N  N3    . DG  B 2 5   ? -14.628 3.657   -13.746 1.00 16.86 ? 25  DG  B N3    1 
ATOM   365  C  C4    . DG  B 2 5   ? -14.509 2.869   -12.718 1.00 15.41 ? 25  DG  B C4    1 
ATOM   366  P  P     . DA  B 2 6   ? -19.662 -0.453  -15.375 1.00 39.25 ? 26  DA  B P     1 
ATOM   367  O  OP1   . DA  B 2 6   ? -20.832 0.314   -14.919 1.00 40.50 ? 26  DA  B OP1   1 
ATOM   368  O  OP2   . DA  B 2 6   ? -19.598 -1.924  -15.381 1.00 38.11 ? 26  DA  B OP2   1 
ATOM   369  O  "O5'" . DA  B 2 6   ? -19.272 0.053   -16.828 1.00 33.26 ? 26  DA  B "O5'" 1 
ATOM   370  C  "C5'" . DA  B 2 6   ? -19.107 1.466   -17.051 1.00 26.24 ? 26  DA  B "C5'" 1 
ATOM   371  C  "C4'" . DA  B 2 6   ? -17.825 1.817   -17.836 1.00 23.74 ? 26  DA  B "C4'" 1 
ATOM   372  O  "O4'" . DA  B 2 6   ? -16.601 1.920   -17.031 1.00 21.89 ? 26  DA  B "O4'" 1 
ATOM   373  C  "C3'" . DA  B 2 6   ? -17.627 0.669   -18.862 1.00 26.76 ? 26  DA  B "C3'" 1 
ATOM   374  O  "O3'" . DA  B 2 6   ? -17.211 1.245   -20.139 1.00 32.04 ? 26  DA  B "O3'" 1 
ATOM   375  C  "C2'" . DA  B 2 6   ? -16.489 -0.100  -18.083 1.00 25.92 ? 26  DA  B "C2'" 1 
ATOM   376  C  "C1'" . DA  B 2 6   ? -15.578 1.062   -17.558 1.00 22.27 ? 26  DA  B "C1'" 1 
ATOM   377  N  N9    . DA  B 2 6   ? -14.615 0.588   -16.506 1.00 17.29 ? 26  DA  B N9    1 
ATOM   378  C  C8    . DA  B 2 6   ? -14.702 -0.529  -15.718 1.00 18.92 ? 26  DA  B C8    1 
ATOM   379  N  N7    . DA  B 2 6   ? -13.745 -0.648  -14.826 1.00 17.90 ? 26  DA  B N7    1 
ATOM   380  C  C5    . DA  B 2 6   ? -12.990 0.478   -15.073 1.00 16.43 ? 26  DA  B C5    1 
ATOM   381  C  C6    . DA  B 2 6   ? -11.831 0.923   -14.501 1.00 19.72 ? 26  DA  B C6    1 
ATOM   382  N  N6    . DA  B 2 6   ? -11.237 0.278   -13.521 1.00 21.86 ? 26  DA  B N6    1 
ATOM   383  N  N1    . DA  B 2 6   ? -11.273 2.038   -14.960 1.00 22.96 ? 26  DA  B N1    1 
ATOM   384  C  C2    . DA  B 2 6   ? -11.902 2.657   -15.959 1.00 20.05 ? 26  DA  B C2    1 
ATOM   385  N  N3    . DA  B 2 6   ? -13.017 2.314   -16.567 1.00 17.64 ? 26  DA  B N3    1 
ATOM   386  C  C4    . DA  B 2 6   ? -13.505 1.209   -16.072 1.00 13.56 ? 26  DA  B C4    1 
ATOM   387  P  P     . DC  B 2 7   ? -17.146 0.391   -21.508 1.00 36.56 ? 27  DC  B P     1 
ATOM   388  O  OP1   . DC  B 2 7   ? -17.601 1.263   -22.571 1.00 40.65 ? 27  DC  B OP1   1 
ATOM   389  O  OP2   . DC  B 2 7   ? -17.788 -0.918  -21.298 1.00 35.65 ? 27  DC  B OP2   1 
ATOM   390  O  "O5'" . DC  B 2 7   ? -15.619 0.182   -21.813 1.00 35.82 ? 27  DC  B "O5'" 1 
ATOM   391  C  "C5'" . DC  B 2 7   ? -14.950 1.414   -21.829 1.00 32.47 ? 27  DC  B "C5'" 1 
ATOM   392  C  "C4'" . DC  B 2 7   ? -13.487 1.210   -21.456 1.00 34.59 ? 27  DC  B "C4'" 1 
ATOM   393  O  "O4'" . DC  B 2 7   ? -13.316 0.720   -20.110 1.00 33.47 ? 27  DC  B "O4'" 1 
ATOM   394  C  "C3'" . DC  B 2 7   ? -12.869 0.120   -22.342 1.00 34.08 ? 27  DC  B "C3'" 1 
ATOM   395  O  "O3'" . DC  B 2 7   ? -11.728 0.606   -23.053 1.00 32.86 ? 27  DC  B "O3'" 1 
ATOM   396  C  "C2'" . DC  B 2 7   ? -12.342 -0.795  -21.257 1.00 34.24 ? 27  DC  B "C2'" 1 
ATOM   397  C  "C1'" . DC  B 2 7   ? -12.028 0.161   -20.090 1.00 29.83 ? 27  DC  B "C1'" 1 
ATOM   398  N  N1    . DC  B 2 7   ? -11.793 -0.598  -18.866 1.00 26.17 ? 27  DC  B N1    1 
ATOM   399  C  C2    . DC  B 2 7   ? -10.696 -0.319  -18.085 1.00 24.16 ? 27  DC  B C2    1 
ATOM   400  O  O2    . DC  B 2 7   ? -9.884  0.563   -18.375 1.00 20.20 ? 27  DC  B O2    1 
ATOM   401  N  N3    . DC  B 2 7   ? -10.484 -1.085  -16.992 1.00 22.83 ? 27  DC  B N3    1 
ATOM   402  C  C4    . DC  B 2 7   ? -11.303 -2.086  -16.670 1.00 24.79 ? 27  DC  B C4    1 
ATOM   403  N  N4    . DC  B 2 7   ? -11.102 -2.802  -15.560 1.00 26.04 ? 27  DC  B N4    1 
ATOM   404  C  C5    . DC  B 2 7   ? -12.421 -2.381  -17.470 1.00 27.69 ? 27  DC  B C5    1 
ATOM   405  C  C6    . DC  B 2 7   ? -12.623 -1.605  -18.553 1.00 26.50 ? 27  DC  B C6    1 
ATOM   406  P  P     . DT  B 2 8   ? -10.936 -0.326  -24.061 1.00 33.10 ? 28  DT  B P     1 
ATOM   407  O  OP1   . DT  B 2 8   ? -10.781 0.449   -25.310 1.00 34.04 ? 28  DT  B OP1   1 
ATOM   408  O  OP2   . DT  B 2 8   ? -11.416 -1.724  -24.124 1.00 28.20 ? 28  DT  B OP2   1 
ATOM   409  O  "O5'" . DT  B 2 8   ? -9.643  -0.256  -23.131 1.00 29.20 ? 28  DT  B "O5'" 1 
ATOM   410  C  "C5'" . DT  B 2 8   ? -8.969  0.966   -23.278 1.00 28.45 ? 28  DT  B "C5'" 1 
ATOM   411  C  "C4'" . DT  B 2 8   ? -7.546  0.918   -22.762 1.00 25.79 ? 28  DT  B "C4'" 1 
ATOM   412  O  "O4'" . DT  B 2 8   ? -7.694  0.387   -21.446 1.00 24.35 ? 28  DT  B "O4'" 1 
ATOM   413  C  "C3'" . DT  B 2 8   ? -6.513  0.041   -23.508 1.00 22.37 ? 28  DT  B "C3'" 1 
ATOM   414  O  "O3'" . DT  B 2 8   ? -5.298  0.730   -23.349 1.00 26.00 ? 28  DT  B "O3'" 1 
ATOM   415  C  "C2'" . DT  B 2 8   ? -6.549  -1.235  -22.687 1.00 20.89 ? 28  DT  B "C2'" 1 
ATOM   416  C  "C1'" . DT  B 2 8   ? -6.802  -0.692  -21.242 1.00 18.84 ? 28  DT  B "C1'" 1 
ATOM   417  N  N1    . DT  B 2 8   ? -7.481  -1.639  -20.388 1.00 11.54 ? 28  DT  B N1    1 
ATOM   418  C  C2    . DT  B 2 8   ? -6.953  -1.995  -19.215 1.00 13.08 ? 28  DT  B C2    1 
ATOM   419  O  O2    . DT  B 2 8   ? -5.853  -1.668  -18.783 1.00 16.75 ? 28  DT  B O2    1 
ATOM   420  N  N3    . DT  B 2 8   ? -7.661  -2.899  -18.522 1.00 13.14 ? 28  DT  B N3    1 
ATOM   421  C  C4    . DT  B 2 8   ? -8.826  -3.487  -18.880 1.00 14.99 ? 28  DT  B C4    1 
ATOM   422  O  O4    . DT  B 2 8   ? -9.434  -4.284  -18.138 1.00 20.27 ? 28  DT  B O4    1 
ATOM   423  C  C5    . DT  B 2 8   ? -9.262  -3.045  -20.133 1.00 11.43 ? 28  DT  B C5    1 
ATOM   424  C  C7    . DT  B 2 8   ? -10.476 -3.662  -20.728 1.00 14.19 ? 28  DT  B C7    1 
ATOM   425  C  C6    . DT  B 2 8   ? -8.609  -2.163  -20.819 1.00 12.97 ? 28  DT  B C6    1 
ATOM   426  P  P     . DT  B 2 9   ? -3.948  0.275   -23.992 1.00 29.93 ? 29  DT  B P     1 
ATOM   427  O  OP1   . DT  B 2 9   ? -3.215  1.531   -24.315 1.00 23.39 ? 29  DT  B OP1   1 
ATOM   428  O  OP2   . DT  B 2 9   ? -4.360  -0.755  -24.949 1.00 26.65 ? 29  DT  B OP2   1 
ATOM   429  O  "O5'" . DT  B 2 9   ? -3.073  -0.490  -22.943 1.00 26.84 ? 29  DT  B "O5'" 1 
ATOM   430  C  "C5'" . DT  B 2 9   ? -2.368  0.272   -21.962 1.00 17.54 ? 29  DT  B "C5'" 1 
ATOM   431  C  "C4'" . DT  B 2 9   ? -1.933  -0.636  -20.911 1.00 12.78 ? 29  DT  B "C4'" 1 
ATOM   432  O  "O4'" . DT  B 2 9   ? -3.023  -1.457  -20.423 1.00 15.53 ? 29  DT  B "O4'" 1 
ATOM   433  C  "C3'" . DT  B 2 9   ? -0.963  -1.577  -21.537 1.00 14.86 ? 29  DT  B "C3'" 1 
ATOM   434  O  "O3'" . DT  B 2 9   ? 0.079   -1.882  -20.659 1.00 21.68 ? 29  DT  B "O3'" 1 
ATOM   435  C  "C2'" . DT  B 2 9   ? -1.864  -2.796  -21.581 1.00 16.66 ? 29  DT  B "C2'" 1 
ATOM   436  C  "C1'" . DT  B 2 9   ? -2.502  -2.782  -20.229 1.00 17.31 ? 29  DT  B "C1'" 1 
ATOM   437  N  N1    . DT  B 2 9   ? -3.533  -3.838  -20.100 1.00 15.14 ? 29  DT  B N1    1 
ATOM   438  C  C2    . DT  B 2 9   ? -3.595  -4.655  -18.990 1.00 20.71 ? 29  DT  B C2    1 
ATOM   439  O  O2    . DT  B 2 9   ? -2.836  -4.737  -18.042 1.00 25.28 ? 29  DT  B O2    1 
ATOM   440  N  N3    . DT  B 2 9   ? -4.611  -5.512  -18.900 1.00 19.96 ? 29  DT  B N3    1 
ATOM   441  C  C4    . DT  B 2 9   ? -5.607  -5.686  -19.777 1.00 21.84 ? 29  DT  B C4    1 
ATOM   442  O  O4    . DT  B 2 9   ? -6.565  -6.397  -19.483 1.00 20.97 ? 29  DT  B O4    1 
ATOM   443  C  C5    . DT  B 2 9   ? -5.480  -4.845  -20.915 1.00 21.27 ? 29  DT  B C5    1 
ATOM   444  C  C7    . DT  B 2 9   ? -6.515  -4.973  -22.044 1.00 26.18 ? 29  DT  B C7    1 
ATOM   445  C  C6    . DT  B 2 9   ? -4.468  -3.961  -21.037 1.00 21.17 ? 29  DT  B C6    1 
ATOM   446  P  P     . DA  B 2 10  ? 1.658   -1.891  -21.002 1.00 20.29 ? 30  DA  B P     1 
ATOM   447  O  OP1   . DA  B 2 10  ? 2.226   -0.753  -20.254 1.00 21.00 ? 30  DA  B OP1   1 
ATOM   448  O  OP2   . DA  B 2 10  ? 1.840   -2.033  -22.447 1.00 25.10 ? 30  DA  B OP2   1 
ATOM   449  O  "O5'" . DA  B 2 10  ? 1.900   -3.293  -20.363 1.00 13.33 ? 30  DA  B "O5'" 1 
ATOM   450  C  "C5'" . DA  B 2 10  ? 1.521   -3.398  -19.045 1.00 14.09 ? 30  DA  B "C5'" 1 
ATOM   451  C  "C4'" . DA  B 2 10  ? 1.573   -4.791  -18.547 1.00 15.79 ? 30  DA  B "C4'" 1 
ATOM   452  O  "O4'" . DA  B 2 10  ? 0.254   -5.309  -18.734 1.00 21.89 ? 30  DA  B "O4'" 1 
ATOM   453  C  "C3'" . DA  B 2 10  ? 2.506   -5.679  -19.279 1.00 15.40 ? 30  DA  B "C3'" 1 
ATOM   454  O  "O3'" . DA  B 2 10  ? 3.051   -6.735  -18.531 1.00 20.69 ? 30  DA  B "O3'" 1 
ATOM   455  C  "C2'" . DA  B 2 10  ? 1.436   -6.392  -20.094 1.00 18.55 ? 30  DA  B "C2'" 1 
ATOM   456  C  "C1'" . DA  B 2 10  ? 0.310   -6.682  -19.083 1.00 17.55 ? 30  DA  B "C1'" 1 
ATOM   457  N  N9    . DA  B 2 10  ? -0.931  -7.064  -19.750 1.00 15.36 ? 30  DA  B N9    1 
ATOM   458  C  C8    . DA  B 2 10  ? -1.370  -6.671  -20.998 1.00 11.16 ? 30  DA  B C8    1 
ATOM   459  N  N7    . DA  B 2 10  ? -2.500  -7.224  -21.330 1.00 17.32 ? 30  DA  B N7    1 
ATOM   460  C  C5    . DA  B 2 10  ? -2.812  -8.014  -20.224 1.00 14.15 ? 30  DA  B C5    1 
ATOM   461  C  C6    . DA  B 2 10  ? -3.888  -8.840  -19.943 1.00 18.91 ? 30  DA  B C6    1 
ATOM   462  N  N6    . DA  B 2 10  ? -4.910  -8.929  -20.777 1.00 22.99 ? 30  DA  B N6    1 
ATOM   463  N  N1    . DA  B 2 10  ? -3.912  -9.514  -18.764 1.00 24.02 ? 30  DA  B N1    1 
ATOM   464  C  C2    . DA  B 2 10  ? -2.897  -9.351  -17.893 1.00 19.54 ? 30  DA  B C2    1 
ATOM   465  N  N3    . DA  B 2 10  ? -1.825  -8.560  -18.078 1.00 19.89 ? 30  DA  B N3    1 
ATOM   466  C  C4    . DA  B 2 10  ? -1.857  -7.923  -19.270 1.00 12.60 ? 30  DA  B C4    1 
ATOM   467  P  P     . DG  B 2 11  ? 4.443   -6.556  -17.852 1.00 22.73 ? 31  DG  B P     1 
ATOM   468  O  OP1   . DG  B 2 11  ? 4.578   -5.102  -17.705 1.00 27.75 ? 31  DG  B OP1   1 
ATOM   469  O  OP2   . DG  B 2 11  ? 5.485   -7.387  -18.462 1.00 25.64 ? 31  DG  B OP2   1 
ATOM   470  O  "O5'" . DG  B 2 11  ? 4.025   -7.238  -16.541 1.00 21.43 ? 31  DG  B "O5'" 1 
ATOM   471  C  "C5'" . DG  B 2 11  ? 4.525   -8.505  -16.359 1.00 18.41 ? 31  DG  B "C5'" 1 
ATOM   472  C  "C4'" . DG  B 2 11  ? 3.627   -9.343  -15.525 1.00 16.04 ? 31  DG  B "C4'" 1 
ATOM   473  O  "O4'" . DG  B 2 11  ? 2.358   -9.646  -16.160 1.00 14.97 ? 31  DG  B "O4'" 1 
ATOM   474  C  "C3'" . DG  B 2 11  ? 4.349   -10.611 -15.490 1.00 15.73 ? 31  DG  B "C3'" 1 
ATOM   475  O  "O3'" . DG  B 2 11  ? 4.009   -11.363 -14.367 1.00 15.12 ? 31  DG  B "O3'" 1 
ATOM   476  C  "C2'" . DG  B 2 11  ? 3.775   -11.162 -16.794 1.00 15.08 ? 31  DG  B "C2'" 1 
ATOM   477  C  "C1'" . DG  B 2 11  ? 2.290   -10.925 -16.680 1.00 9.16  ? 31  DG  B "C1'" 1 
ATOM   478  N  N9    . DG  B 2 11  ? 1.594   -10.825 -17.937 1.00 6.41  ? 31  DG  B N9    1 
ATOM   479  C  C8    . DG  B 2 11  ? 1.822   -10.006 -18.982 1.00 3.97  ? 31  DG  B C8    1 
ATOM   480  N  N7    . DG  B 2 11  ? 0.873   -10.074 -19.896 1.00 10.89 ? 31  DG  B N7    1 
ATOM   481  C  C5    . DG  B 2 11  ? -0.048  -11.024 -19.400 1.00 3.01  ? 31  DG  B C5    1 
ATOM   482  C  C6    . DG  B 2 11  ? -1.264  -11.498 -19.869 1.00 7.51  ? 31  DG  B C6    1 
ATOM   483  O  O6    . DG  B 2 11  ? -1.853  -11.101 -20.866 1.00 19.16 ? 31  DG  B O6    1 
ATOM   484  N  N1    . DG  B 2 11  ? -1.914  -12.445 -19.081 1.00 5.51  ? 31  DG  B N1    1 
ATOM   485  C  C2    . DG  B 2 11  ? -1.392  -12.868 -17.942 1.00 8.08  ? 31  DG  B C2    1 
ATOM   486  N  N2    . DG  B 2 11  ? -1.997  -13.786 -17.242 1.00 12.82 ? 31  DG  B N2    1 
ATOM   487  N  N3    . DG  B 2 11  ? -0.233  -12.414 -17.473 1.00 12.78 ? 31  DG  B N3    1 
ATOM   488  C  C4    . DG  B 2 11  ? 0.397   -11.490 -18.232 1.00 8.29  ? 31  DG  B C4    1 
ATOM   489  P  P     . DT  B 2 12  ? 5.172   -12.449 -13.954 1.00 21.78 ? 32  DT  B P     1 
ATOM   490  O  OP1   . DT  B 2 12  ? 5.651   -12.056 -12.625 1.00 24.04 ? 32  DT  B OP1   1 
ATOM   491  O  OP2   . DT  B 2 12  ? 6.111   -12.775 -15.050 1.00 21.56 ? 32  DT  B OP2   1 
ATOM   492  O  "O5'" . DT  B 2 12  ? 4.416   -13.800 -13.716 1.00 23.64 ? 32  DT  B "O5'" 1 
ATOM   493  C  "C5'" . DT  B 2 12  ? 3.550   -13.976 -14.762 1.00 19.61 ? 32  DT  B "C5'" 1 
ATOM   494  C  "C4'" . DT  B 2 12  ? 2.762   -15.142 -14.588 1.00 17.90 ? 32  DT  B "C4'" 1 
ATOM   495  O  "O4'" . DT  B 2 12  ? 1.863   -15.125 -15.709 1.00 18.71 ? 32  DT  B "O4'" 1 
ATOM   496  C  "C3'" . DT  B 2 12  ? 3.621   -16.303 -14.717 1.00 18.92 ? 32  DT  B "C3'" 1 
ATOM   497  O  "O3'" . DT  B 2 12  ? 3.018   -17.470 -14.162 1.00 27.18 ? 32  DT  B "O3'" 1 
ATOM   498  C  "C2'" . DT  B 2 12  ? 3.632   -16.262 -16.235 1.00 20.42 ? 32  DT  B "C2'" 1 
ATOM   499  C  "C1'" . DT  B 2 12  ? 2.218   -15.916 -16.757 1.00 10.59 ? 32  DT  B "C1'" 1 
ATOM   500  N  N1    . DT  B 2 12  ? 2.152   -15.109 -18.011 1.00 11.99 ? 32  DT  B N1    1 
ATOM   501  C  C2    . DT  B 2 12  ? 1.060   -15.223 -18.845 1.00 18.35 ? 32  DT  B C2    1 
ATOM   502  O  O2    . DT  B 2 12  ? -0.011  -15.748 -18.570 1.00 22.14 ? 32  DT  B O2    1 
ATOM   503  N  N3    . DT  B 2 12  ? 1.080   -14.579 -20.040 1.00 18.87 ? 32  DT  B N3    1 
ATOM   504  C  C4    . DT  B 2 12  ? 2.076   -13.791 -20.503 1.00 21.62 ? 32  DT  B C4    1 
ATOM   505  O  O4    . DT  B 2 12  ? 1.998   -13.285 -21.632 1.00 23.52 ? 32  DT  B O4    1 
ATOM   506  C  C5    . DT  B 2 12  ? 3.160   -13.691 -19.569 1.00 16.22 ? 32  DT  B C5    1 
ATOM   507  C  C7    . DT  B 2 12  ? 4.349   -12.814 -19.913 4.00 22.03 ? 32  DT  B C7    1 
ATOM   508  C  C6    . DT  B 2 12  ? 3.161   -14.332 -18.402 1.00 14.16 ? 32  DT  B C6    1 
ATOM   509  P  P     . DC  B 2 13  ? 4.007   -18.796 -13.832 1.00 32.92 ? 33  DC  B P     1 
ATOM   510  O  OP1   . DC  B 2 13  ? 3.826   -19.476 -12.516 1.00 27.83 ? 33  DC  B OP1   1 
ATOM   511  O  OP2   . DC  B 2 13  ? 5.367   -18.477 -14.332 1.00 29.19 ? 33  DC  B OP2   1 
ATOM   512  O  "O5'" . DC  B 2 13  ? 3.121   -19.675 -14.864 1.00 32.41 ? 33  DC  B "O5'" 1 
ATOM   513  C  "C5'" . DC  B 2 13  ? 1.794   -19.851 -14.370 1.00 26.75 ? 33  DC  B "C5'" 1 
ATOM   514  C  "C4'" . DC  B 2 13  ? 1.006   -20.592 -15.329 1.00 23.74 ? 33  DC  B "C4'" 1 
ATOM   515  O  "O4'" . DC  B 2 13  ? 1.040   -19.840 -16.478 1.00 21.69 ? 33  DC  B "O4'" 1 
ATOM   516  C  "C3'" . DC  B 2 13  ? 1.665   -21.825 -15.752 1.00 23.60 ? 33  DC  B "C3'" 1 
ATOM   517  O  "O3'" . DC  B 2 13  ? 0.755   -22.875 -15.497 1.00 35.21 ? 33  DC  B "O3'" 1 
ATOM   518  C  "C2'" . DC  B 2 13  ? 1.949   -21.628 -17.205 1.00 21.68 ? 33  DC  B "C2'" 1 
ATOM   519  C  "C1'" . DC  B 2 13  ? 1.097   -20.479 -17.726 1.00 17.41 ? 33  DC  B "C1'" 1 
ATOM   520  N  N1    . DC  B 2 13  ? 1.844   -19.522 -18.644 1.00 12.99 ? 33  DC  B N1    1 
ATOM   521  C  C2    . DC  B 2 13  ? 1.298   -18.995 -19.766 1.00 12.24 ? 33  DC  B C2    1 
ATOM   522  O  O2    . DC  B 2 13  ? 0.207   -19.307 -20.191 1.00 19.45 ? 33  DC  B O2    1 
ATOM   523  N  N3    . DC  B 2 13  ? 1.950   -18.106 -20.516 1.00 13.59 ? 33  DC  B N3    1 
ATOM   524  C  C4    . DC  B 2 13  ? 3.167   -17.736 -20.161 1.00 15.74 ? 33  DC  B C4    1 
ATOM   525  N  N4    . DC  B 2 13  ? 3.833   -16.900 -20.953 1.00 13.28 ? 33  DC  B N4    1 
ATOM   526  C  C5    . DC  B 2 13  ? 3.787   -18.260 -19.001 1.00 10.95 ? 33  DC  B C5    1 
ATOM   527  C  C6    . DC  B 2 13  ? 3.083   -19.145 -18.288 1.00 11.90 ? 33  DC  B C6    1 
ATOM   528  N  N     . HIS C 3 1   ? 14.814  7.203   -13.883 1.00 44.56 ? 117 HIS C N     1 
ATOM   529  C  CA    . HIS C 3 1   ? 15.046  5.771   -13.691 1.00 40.79 ? 117 HIS C CA    1 
ATOM   530  C  C     . HIS C 3 1   ? 14.027  4.919   -14.452 1.00 39.99 ? 117 HIS C C     1 
ATOM   531  O  O     . HIS C 3 1   ? 13.057  5.439   -15.000 1.00 40.74 ? 117 HIS C O     1 
ATOM   532  C  CB    . HIS C 3 1   ? 14.959  5.417   -12.203 1.00 41.35 ? 117 HIS C CB    1 
ATOM   533  C  CG    . HIS C 3 1   ? 15.893  6.197   -11.328 1.00 44.02 ? 117 HIS C CG    1 
ATOM   534  N  ND1   . HIS C 3 1   ? 17.077  5.670   -10.853 1.00 45.48 ? 117 HIS C ND1   1 
ATOM   535  C  CD2   . HIS C 3 1   ? 15.767  7.416   -10.752 1.00 44.57 ? 117 HIS C CD2   1 
ATOM   536  C  CE1   . HIS C 3 1   ? 17.635  6.526   -10.015 1.00 44.46 ? 117 HIS C CE1   1 
ATOM   537  N  NE2   . HIS C 3 1   ? 16.858  7.593   -9.932  1.00 45.03 ? 117 HIS C NE2   1 
ATOM   538  N  N     . ALA C 3 2   ? 14.195  3.602   -14.394 1.00 35.56 ? 118 ALA C N     1 
ATOM   539  C  CA    . ALA C 3 2   ? 13.159  2.671   -14.849 1.00 35.15 ? 118 ALA C CA    1 
ATOM   540  C  C     . ALA C 3 2   ? 12.219  2.282   -13.703 1.00 31.08 ? 118 ALA C C     1 
ATOM   541  O  O     . ALA C 3 2   ? 12.591  2.365   -12.526 1.00 37.15 ? 118 ALA C O     1 
ATOM   542  C  CB    . ALA C 3 2   ? 13.798  1.420   -15.454 1.00 36.00 ? 118 ALA C CB    1 
ATOM   543  N  N     . LYS C 3 3   ? 11.002  1.867   -14.044 1.00 25.31 ? 119 LYS C N     1 
ATOM   544  C  CA    . LYS C 3 3   ? 10.006  1.492   -13.038 1.00 19.68 ? 119 LYS C CA    1 
ATOM   545  C  C     . LYS C 3 3   ? 10.428  0.304   -12.157 1.00 13.83 ? 119 LYS C C     1 
ATOM   546  O  O     . LYS C 3 3   ? 10.720  -0.778  -12.665 1.00 18.02 ? 119 LYS C O     1 
ATOM   547  C  CB    . LYS C 3 3   ? 8.671   1.180   -13.724 1.00 18.92 ? 119 LYS C CB    1 
ATOM   548  C  CG    . LYS C 3 3   ? 7.544   0.820   -12.764 1.00 17.63 ? 119 LYS C CG    1 
ATOM   549  C  CD    . LYS C 3 3   ? 6.271   0.566   -13.513 1.00 13.24 ? 119 LYS C CD    1 
ATOM   550  C  CE    . LYS C 3 3   ? 5.254   -0.126  -12.636 1.00 18.23 ? 119 LYS C CE    1 
ATOM   551  N  NZ    . LYS C 3 3   ? 3.877   0.370   -12.975 1.00 19.05 ? 119 LYS C NZ    1 
ATOM   552  N  N     . PRO C 3 4   ? 10.432  0.485   -10.826 1.00 11.87 ? 120 PRO C N     1 
ATOM   553  C  CA    . PRO C 3 4   ? 10.631  -0.622  -9.878  1.00 13.17 ? 120 PRO C CA    1 
ATOM   554  C  C     . PRO C 3 4   ? 9.833   -1.874  -10.244 1.00 12.64 ? 120 PRO C C     1 
ATOM   555  O  O     . PRO C 3 4   ? 8.686   -1.793  -10.685 1.00 18.40 ? 120 PRO C O     1 
ATOM   556  C  CB    . PRO C 3 4   ? 10.160  -0.043  -8.535  1.00 14.12 ? 120 PRO C CB    1 
ATOM   557  C  CG    . PRO C 3 4   ? 10.331  1.445   -8.670  1.00 8.73  ? 120 PRO C CG    1 
ATOM   558  C  CD    . PRO C 3 4   ? 10.192  1.771   -10.138 1.00 15.16 ? 120 PRO C CD    1 
ATOM   559  N  N     . PRO C 3 5   ? 10.419  -3.056  -10.012 1.00 11.78 ? 121 PRO C N     1 
ATOM   560  C  CA    . PRO C 3 5   ? 9.841   -4.380  -10.315 1.00 9.49  ? 121 PRO C CA    1 
ATOM   561  C  C     . PRO C 3 5   ? 8.744   -4.884  -9.353  1.00 12.46 ? 121 PRO C C     1 
ATOM   562  O  O     . PRO C 3 5   ? 8.745   -6.050  -8.973  1.00 18.91 ? 121 PRO C O     1 
ATOM   563  C  CB    . PRO C 3 5   ? 11.050  -5.308  -10.263 1.00 6.51  ? 121 PRO C CB    1 
ATOM   564  C  CG    . PRO C 3 5   ? 12.266  -4.410  -10.091 1.00 6.44  ? 121 PRO C CG    1 
ATOM   565  C  CD    . PRO C 3 5   ? 11.786  -3.159  -9.481  1.00 8.32  ? 121 PRO C CD    1 
ATOM   566  N  N     . TYR C 3 6   ? 7.825   -4.011  -8.953  1.00 14.85 ? 122 TYR C N     1 
ATOM   567  C  CA    . TYR C 3 6   ? 6.799   -4.336  -7.952  1.00 9.56  ? 122 TYR C CA    1 
ATOM   568  C  C     . TYR C 3 6   ? 5.486   -3.715  -8.403  1.00 9.48  ? 122 TYR C C     1 
ATOM   569  O  O     . TYR C 3 6   ? 5.492   -2.648  -8.992  1.00 21.86 ? 122 TYR C O     1 
ATOM   570  C  CB    . TYR C 3 6   ? 7.163   -3.728  -6.606  1.00 7.67  ? 122 TYR C CB    1 
ATOM   571  C  CG    . TYR C 3 6   ? 8.554   -4.044  -6.125  1.00 8.29  ? 122 TYR C CG    1 
ATOM   572  C  CD1   . TYR C 3 6   ? 9.543   -3.078  -6.117  1.00 13.09 ? 122 TYR C CD1   1 
ATOM   573  C  CD2   . TYR C 3 6   ? 8.889   -5.315  -5.711  1.00 11.67 ? 122 TYR C CD2   1 
ATOM   574  C  CE1   . TYR C 3 6   ? 10.838  -3.382  -5.731  1.00 5.16  ? 122 TYR C CE1   1 
ATOM   575  C  CE2   . TYR C 3 6   ? 10.168  -5.620  -5.313  1.00 4.44  ? 122 TYR C CE2   1 
ATOM   576  C  CZ    . TYR C 3 6   ? 11.132  -4.656  -5.340  1.00 7.92  ? 122 TYR C CZ    1 
ATOM   577  O  OH    . TYR C 3 6   ? 12.424  -4.995  -5.043  1.00 23.07 ? 122 TYR C OH    1 
ATOM   578  N  N     . SER C 3 7   ? 4.361   -4.363  -8.139  1.00 11.96 ? 123 SER C N     1 
ATOM   579  C  CA    . SER C 3 7   ? 3.063   -3.745  -8.406  1.00 6.78  ? 123 SER C CA    1 
ATOM   580  C  C     . SER C 3 7   ? 2.728   -2.782  -7.269  1.00 10.37 ? 123 SER C C     1 
ATOM   581  O  O     . SER C 3 7   ? 3.366   -2.827  -6.224  1.00 19.33 ? 123 SER C O     1 
ATOM   582  C  CB    . SER C 3 7   ? 1.990   -4.811  -8.469  1.00 13.50 ? 123 SER C CB    1 
ATOM   583  O  OG    . SER C 3 7   ? 1.693   -5.279  -7.169  1.00 12.83 ? 123 SER C OG    1 
ATOM   584  N  N     . TYR C 3 8   ? 1.694   -1.958  -7.421  1.00 14.72 ? 124 TYR C N     1 
ATOM   585  C  CA    . TYR C 3 8   ? 1.288   -1.074  -6.322  1.00 9.69  ? 124 TYR C CA    1 
ATOM   586  C  C     . TYR C 3 8   ? 0.872   -1.892  -5.113  1.00 13.70 ? 124 TYR C C     1 
ATOM   587  O  O     . TYR C 3 8   ? 1.176   -1.534  -3.974  1.00 20.49 ? 124 TYR C O     1 
ATOM   588  C  CB    . TYR C 3 8   ? 0.126   -0.174  -6.724  1.00 8.77  ? 124 TYR C CB    1 
ATOM   589  C  CG    . TYR C 3 8   ? 0.447   0.828   -7.811  1.00 16.64 ? 124 TYR C CG    1 
ATOM   590  C  CD1   . TYR C 3 8   ? -0.483  1.108   -8.806  1.00 18.81 ? 124 TYR C CD1   1 
ATOM   591  C  CD2   . TYR C 3 8   ? 1.678   1.469   -7.870  1.00 14.62 ? 124 TYR C CD2   1 
ATOM   592  C  CE1   . TYR C 3 8   ? -0.208  1.988   -9.818  1.00 11.85 ? 124 TYR C CE1   1 
ATOM   593  C  CE2   . TYR C 3 8   ? 1.959   2.362   -8.892  1.00 17.15 ? 124 TYR C CE2   1 
ATOM   594  C  CZ    . TYR C 3 8   ? 1.001   2.620   -9.858  1.00 16.85 ? 124 TYR C CZ    1 
ATOM   595  O  OH    . TYR C 3 8   ? 1.197   3.575   -10.838 1.00 21.69 ? 124 TYR C OH    1 
ATOM   596  N  N     . ILE C 3 9   ? 0.216   -3.019  -5.372  1.00 15.46 ? 125 ILE C N     1 
ATOM   597  C  CA    . ILE C 3 9   ? -0.205  -3.948  -4.319  1.00 12.23 ? 125 ILE C CA    1 
ATOM   598  C  C     . ILE C 3 9   ? 1.027   -4.358  -3.507  1.00 8.53  ? 125 ILE C C     1 
ATOM   599  O  O     . ILE C 3 9   ? 0.982   -4.444  -2.299  1.00 21.41 ? 125 ILE C O     1 
ATOM   600  C  CB    . ILE C 3 9   ? -0.819  -5.243  -4.914  1.00 12.23 ? 125 ILE C CB    1 
ATOM   601  C  CG1   . ILE C 3 9   ? -1.830  -4.932  -6.004  1.00 -1.91 ? 125 ILE C CG1   1 
ATOM   602  C  CG2   . ILE C 3 9   ? -1.459  -6.036  -3.824  1.00 15.53 ? 125 ILE C CG2   1 
ATOM   603  C  CD1   . ILE C 3 9   ? -3.128  -4.567  -5.469  1.00 8.89  ? 125 ILE C CD1   1 
ATOM   604  N  N     . SER C 3 10  ? 2.101   -4.702  -4.197  1.00 11.08 ? 126 SER C N     1 
ATOM   605  C  CA    . SER C 3 10  ? 3.332   -5.118  -3.551  1.00 8.27  ? 126 SER C CA    1 
ATOM   606  C  C     . SER C 3 10  ? 3.902   -3.934  -2.789  1.00 16.29 ? 126 SER C C     1 
ATOM   607  O  O     . SER C 3 10  ? 4.042   -3.979  -1.567  1.00 28.05 ? 126 SER C O     1 
ATOM   608  C  CB    . SER C 3 10  ? 4.306   -5.583  -4.617  1.00 13.58 ? 126 SER C CB    1 
ATOM   609  O  OG    . SER C 3 10  ? 5.599   -5.834  -4.101  1.00 31.17 ? 126 SER C OG    1 
ATOM   610  N  N     . LEU C 3 11  ? 4.015   -2.806  -3.482  1.00 18.30 ? 127 LEU C N     1 
ATOM   611  C  CA    . LEU C 3 11  ? 4.496   -1.560  -2.900  1.00 8.28  ? 127 LEU C CA    1 
ATOM   612  C  C     . LEU C 3 11  ? 3.787   -1.176  -1.602  1.00 9.53  ? 127 LEU C C     1 
ATOM   613  O  O     . LEU C 3 11  ? 4.419   -1.096  -0.556  1.00 21.07 ? 127 LEU C O     1 
ATOM   614  C  CB    . LEU C 3 11  ? 4.373   -0.444  -3.937  1.00 7.85  ? 127 LEU C CB    1 
ATOM   615  C  CG    . LEU C 3 11  ? 5.550   -0.439  -4.913  1.00 4.98  ? 127 LEU C CG    1 
ATOM   616  C  CD1   . LEU C 3 11  ? 5.522   0.729   -5.836  1.00 0.33  ? 127 LEU C CD1   1 
ATOM   617  C  CD2   . LEU C 3 11  ? 6.803   -0.399  -4.111  1.00 7.97  ? 127 LEU C CD2   1 
ATOM   618  N  N     . ILE C 3 12  ? 2.471   -1.014  -1.650  1.00 13.40 ? 128 ILE C N     1 
ATOM   619  C  CA    . ILE C 3 12  ? 1.661   -0.751  -0.449  1.00 9.47  ? 128 ILE C CA    1 
ATOM   620  C  C     . ILE C 3 12  ? 1.867   -1.774  0.686   1.00 15.74 ? 128 ILE C C     1 
ATOM   621  O  O     . ILE C 3 12  ? 1.893   -1.404  1.860   1.00 24.76 ? 128 ILE C O     1 
ATOM   622  C  CB    . ILE C 3 12  ? 0.174   -0.727  -0.811  1.00 6.10  ? 128 ILE C CB    1 
ATOM   623  C  CG1   . ILE C 3 12  ? -0.081  0.357   -1.841  1.00 2.70  ? 128 ILE C CG1   1 
ATOM   624  C  CG2   . ILE C 3 12  ? -0.664  -0.483  0.411   1.00 7.14  ? 128 ILE C CG2   1 
ATOM   625  C  CD1   . ILE C 3 12  ? -1.326  0.146   -2.624  1.00 5.30  ? 128 ILE C CD1   1 
ATOM   626  N  N     . THR C 3 13  ? 2.080   -3.042  0.337   1.00 14.97 ? 129 THR C N     1 
ATOM   627  C  CA    . THR C 3 13  ? 2.255   -4.097  1.330   1.00 12.76 ? 129 THR C CA    1 
ATOM   628  C  C     . THR C 3 13  ? 3.599   -4.000  2.031   1.00 18.89 ? 129 THR C C     1 
ATOM   629  O  O     . THR C 3 13  ? 3.679   -4.163  3.250   1.00 28.30 ? 129 THR C O     1 
ATOM   630  C  CB    . THR C 3 13  ? 2.121   -5.499  0.705   1.00 9.67  ? 129 THR C CB    1 
ATOM   631  O  OG1   . THR C 3 13  ? 0.827   -5.627  0.116   1.00 12.27 ? 129 THR C OG1   1 
ATOM   632  C  CG2   . THR C 3 13  ? 2.236   -6.568  1.752   1.00 11.79 ? 129 THR C CG2   1 
ATOM   633  N  N     . MET C 3 14  ? 4.647   -3.669  1.288   1.00 16.07 ? 130 MET C N     1 
ATOM   634  C  CA    . MET C 3 14  ? 5.953   -3.458  1.904   1.00 11.98 ? 130 MET C CA    1 
ATOM   635  C  C     . MET C 3 14  ? 5.916   -2.242  2.816   1.00 16.74 ? 130 MET C C     1 
ATOM   636  O  O     . MET C 3 14  ? 6.459   -2.269  3.916   1.00 26.79 ? 130 MET C O     1 
ATOM   637  C  CB    . MET C 3 14  ? 7.012   -3.268  0.829   1.00 9.14  ? 130 MET C CB    1 
ATOM   638  C  CG    . MET C 3 14  ? 7.100   -4.437  -0.101  1.00 9.25  ? 130 MET C CG    1 
ATOM   639  S  SD    . MET C 3 14  ? 8.508   -4.367  -1.162  1.00 17.90 ? 130 MET C SD    1 
ATOM   640  C  CE    . MET C 3 14  ? 8.194   -2.869  -2.076  1.00 13.24 ? 130 MET C CE    1 
ATOM   641  N  N     . ALA C 3 15  ? 5.120   -1.252  2.426   1.00 19.83 ? 131 ALA C N     1 
ATOM   642  C  CA    . ALA C 3 15  ? 5.029   0.018   3.140   1.00 20.13 ? 131 ALA C CA    1 
ATOM   643  C  C     . ALA C 3 15  ? 4.310   -0.158  4.463   1.00 20.63 ? 131 ALA C C     1 
ATOM   644  O  O     . ALA C 3 15  ? 4.724   0.392   5.478   1.00 27.70 ? 131 ALA C O     1 
ATOM   645  C  CB    . ALA C 3 15  ? 4.303   1.067   2.275   1.00 17.54 ? 131 ALA C CB    1 
ATOM   646  N  N     . ILE C 3 16  ? 3.185   -0.863  4.428   1.00 22.98 ? 132 ILE C N     1 
ATOM   647  C  CA    . ILE C 3 16  ? 2.472   -1.243  5.643   1.00 18.32 ? 132 ILE C CA    1 
ATOM   648  C  C     . ILE C 3 16  ? 3.301   -2.158  6.548   1.00 21.19 ? 132 ILE C C     1 
ATOM   649  O  O     . ILE C 3 16  ? 3.515   -1.858  7.713   1.00 28.87 ? 132 ILE C O     1 
ATOM   650  C  CB    . ILE C 3 16  ? 1.141   -1.936  5.293   1.00 16.24 ? 132 ILE C CB    1 
ATOM   651  C  CG1   . ILE C 3 16  ? 0.155   -0.895  4.759   1.00 14.91 ? 132 ILE C CG1   1 
ATOM   652  C  CG2   . ILE C 3 16  ? 0.567   -2.640  6.516   1.00 8.17  ? 132 ILE C CG2   1 
ATOM   653  C  CD1   . ILE C 3 16  ? -0.954  -1.472  3.911   1.00 18.52 ? 132 ILE C CD1   1 
ATOM   654  N  N     . GLN C 3 17  ? 3.841   -3.232  5.997   1.00 22.56 ? 133 GLN C N     1 
ATOM   655  C  CA    . GLN C 3 17  ? 4.578   -4.190  6.806   1.00 23.05 ? 133 GLN C CA    1 
ATOM   656  C  C     . GLN C 3 17  ? 5.757   -3.603  7.594   1.00 28.09 ? 133 GLN C C     1 
ATOM   657  O  O     . GLN C 3 17  ? 6.040   -4.033  8.707   1.00 35.31 ? 133 GLN C O     1 
ATOM   658  C  CB    . GLN C 3 17  ? 5.075   -5.330  5.923   1.00 23.17 ? 133 GLN C CB    1 
ATOM   659  C  CG    . GLN C 3 17  ? 3.983   -6.228  5.379   1.00 24.22 ? 133 GLN C CG    1 
ATOM   660  C  CD    . GLN C 3 17  ? 4.557   -7.384  4.599   1.00 30.73 ? 133 GLN C CD    1 
ATOM   661  O  OE1   . GLN C 3 17  ? 5.589   -7.254  3.932   1.00 31.02 ? 133 GLN C OE1   1 
ATOM   662  N  NE2   . GLN C 3 17  ? 3.923   -8.538  4.710   1.00 36.82 ? 133 GLN C NE2   1 
ATOM   663  N  N     . GLN C 3 18  ? 6.530   -2.727  6.965   1.00 32.47 ? 134 GLN C N     1 
ATOM   664  C  CA    . GLN C 3 18  ? 7.643   -2.082  7.653   1.00 30.63 ? 134 GLN C CA    1 
ATOM   665  C  C     . GLN C 3 18  ? 7.183   -1.036  8.668   1.00 32.03 ? 134 GLN C C     1 
ATOM   666  O  O     . GLN C 3 18  ? 7.988   -0.513  9.423   1.00 40.78 ? 134 GLN C O     1 
ATOM   667  C  CB    . GLN C 3 18  ? 8.586   -1.428  6.641   1.00 32.17 ? 134 GLN C CB    1 
ATOM   668  C  CG    . GLN C 3 18  ? 7.961   -0.287  5.858   1.00 33.57 ? 134 GLN C CG    1 
ATOM   669  C  CD    . GLN C 3 18  ? 8.007   1.036   6.588   1.00 34.40 ? 134 GLN C CD    1 
ATOM   670  O  OE1   . GLN C 3 18  ? 9.068   1.476   7.023   1.00 38.59 ? 134 GLN C OE1   1 
ATOM   671  N  NE2   . GLN C 3 18  ? 6.861   1.697   6.694   1.00 29.51 ? 134 GLN C NE2   1 
ATOM   672  N  N     . ALA C 3 19  ? 5.924   -0.626  8.592   1.00 33.77 ? 135 ALA C N     1 
ATOM   673  C  CA    . ALA C 3 19  ? 5.392   0.354   9.532   1.00 32.37 ? 135 ALA C CA    1 
ATOM   674  C  C     . ALA C 3 19  ? 5.504   -0.177  10.943  1.00 36.07 ? 135 ALA C C     1 
ATOM   675  O  O     . ALA C 3 19  ? 5.056   -1.281  11.228  1.00 36.58 ? 135 ALA C O     1 
ATOM   676  C  CB    . ALA C 3 19  ? 3.953   0.653   9.219   1.00 33.33 ? 135 ALA C CB    1 
ATOM   677  N  N     . PRO C 3 20  ? 6.055   0.629   11.863  1.00 40.40 ? 136 PRO C N     1 
ATOM   678  C  CA    . PRO C 3 20  ? 6.111   0.218   13.268  1.00 38.47 ? 136 PRO C CA    1 
ATOM   679  C  C     . PRO C 3 20  ? 4.770   -0.233  13.827  1.00 35.95 ? 136 PRO C C     1 
ATOM   680  O  O     . PRO C 3 20  ? 4.718   -1.150  14.640  1.00 41.97 ? 136 PRO C O     1 
ATOM   681  C  CB    . PRO C 3 20  ? 6.648   1.457   13.967  1.00 40.25 ? 136 PRO C CB    1 
ATOM   682  C  CG    . PRO C 3 20  ? 7.607   2.022   12.950  1.00 40.71 ? 136 PRO C CG    1 
ATOM   683  C  CD    . PRO C 3 20  ? 6.957   1.769   11.600  1.00 41.96 ? 136 PRO C CD    1 
ATOM   684  N  N     . GLY C 3 21  ? 3.687   0.321   13.294  1.00 31.43 ? 137 GLY C N     1 
ATOM   685  C  CA    . GLY C 3 21  ? 2.361   -0.096  13.719  1.00 29.61 ? 137 GLY C CA    1 
ATOM   686  C  C     . GLY C 3 21  ? 1.695   -1.080  12.767  1.00 32.36 ? 137 GLY C C     1 
ATOM   687  O  O     . GLY C 3 21  ? 0.622   -1.606  13.060  1.00 31.72 ? 137 GLY C O     1 
ATOM   688  N  N     . LYS C 3 22  ? 2.363   -1.370  11.652  1.00 30.96 ? 138 LYS C N     1 
ATOM   689  C  CA    . LYS C 3 22  ? 1.797   -2.173  10.570  1.00 26.92 ? 138 LYS C CA    1 
ATOM   690  C  C     . LYS C 3 22  ? 0.502   -1.582  10.040  1.00 24.37 ? 138 LYS C C     1 
ATOM   691  O  O     . LYS C 3 22  ? -0.493  -2.287  9.880   1.00 27.15 ? 138 LYS C O     1 
ATOM   692  C  CB    . LYS C 3 22  ? 1.548   -3.607  11.031  1.00 28.68 ? 138 LYS C CB    1 
ATOM   693  C  CG    . LYS C 3 22  ? 2.742   -4.274  11.676  1.00 32.33 ? 138 LYS C CG    1 
ATOM   694  C  CD    . LYS C 3 22  ? 3.864   -4.471  10.696  1.00 35.45 ? 138 LYS C CD    1 
ATOM   695  C  CE    . LYS C 3 22  ? 5.127   -4.931  11.414  1.00 47.39 ? 138 LYS C CE    1 
ATOM   696  N  NZ    . LYS C 3 22  ? 5.587   -3.949  12.460  1.00 52.43 ? 138 LYS C NZ    1 
ATOM   697  N  N     . MET C 3 23  ? 0.489   -0.262  9.896   1.00 25.39 ? 139 MET C N     1 
ATOM   698  C  CA    . MET C 3 23  ? -0.589  0.452   9.217   1.00 24.39 ? 139 MET C CA    1 
ATOM   699  C  C     . MET C 3 23  ? -0.143  1.871   8.888   1.00 27.65 ? 139 MET C C     1 
ATOM   700  O  O     . MET C 3 23  ? 0.603   2.476   9.668   1.00 34.36 ? 139 MET C O     1 
ATOM   701  C  CB    . MET C 3 23  ? -1.853  0.494   10.083  1.00 24.33 ? 139 MET C CB    1 
ATOM   702  C  CG    . MET C 3 23  ? -1.690  1.087   11.477  1.00 24.68 ? 139 MET C CG    1 
ATOM   703  S  SD    . MET C 3 23  ? -3.315  1.434   12.209  1.00 29.87 ? 139 MET C SD    1 
ATOM   704  C  CE    . MET C 3 23  ? -3.870  -0.211  12.604  1.00 26.01 ? 139 MET C CE    1 
ATOM   705  N  N     . LEU C 3 24  ? -0.543  2.383   7.721   1.00 24.78 ? 140 LEU C N     1 
ATOM   706  C  CA    . LEU C 3 24  ? -0.173  3.745   7.315   1.00 19.11 ? 140 LEU C CA    1 
ATOM   707  C  C     . LEU C 3 24  ? -1.350  4.561   6.820   1.00 22.18 ? 140 LEU C C     1 
ATOM   708  O  O     . LEU C 3 24  ? -2.359  4.002   6.420   1.00 32.09 ? 140 LEU C O     1 
ATOM   709  C  CB    . LEU C 3 24  ? 0.868   3.704   6.216   1.00 12.86 ? 140 LEU C CB    1 
ATOM   710  C  CG    . LEU C 3 24  ? 2.152   2.976   6.557   1.00 14.86 ? 140 LEU C CG    1 
ATOM   711  C  CD1   . LEU C 3 24  ? 3.069   2.969   5.356   1.00 20.40 ? 140 LEU C CD1   1 
ATOM   712  C  CD2   . LEU C 3 24  ? 2.814   3.668   7.713   1.00 22.23 ? 140 LEU C CD2   1 
ATOM   713  N  N     . THR C 3 25  ? -1.211  5.883   6.827   1.00 24.03 ? 141 THR C N     1 
ATOM   714  C  CA    . THR C 3 25  ? -2.159  6.763   6.138   1.00 23.25 ? 141 THR C CA    1 
ATOM   715  C  C     . THR C 3 25  ? -1.784  6.836   4.653   1.00 23.27 ? 141 THR C C     1 
ATOM   716  O  O     . THR C 3 25  ? -0.659  6.487   4.284   1.00 31.71 ? 141 THR C O     1 
ATOM   717  C  CB    . THR C 3 25  ? -2.127  8.202   6.709   1.00 21.83 ? 141 THR C CB    1 
ATOM   718  O  OG1   . THR C 3 25  ? -0.776  8.668   6.749   1.00 17.40 ? 141 THR C OG1   1 
ATOM   719  C  CG2   . THR C 3 25  ? -2.693  8.241   8.107   1.00 24.75 ? 141 THR C CG2   1 
ATOM   720  N  N     . LEU C 3 26  ? -2.699  7.316   3.808   1.00 18.89 ? 142 LEU C N     1 
ATOM   721  C  CA    . LEU C 3 26  ? -2.396  7.522   2.391   1.00 11.99 ? 142 LEU C CA    1 
ATOM   722  C  C     . LEU C 3 26  ? -1.066  8.224   2.236   1.00 14.87 ? 142 LEU C C     1 
ATOM   723  O  O     . LEU C 3 26  ? -0.100  7.638   1.751   1.00 25.28 ? 142 LEU C O     1 
ATOM   724  C  CB    . LEU C 3 26  ? -3.466  8.361   1.726   1.00 6.47  ? 142 LEU C CB    1 
ATOM   725  C  CG    . LEU C 3 26  ? -4.350  7.694   0.675   1.00 16.06 ? 142 LEU C CG    1 
ATOM   726  C  CD1   . LEU C 3 26  ? -5.054  8.788   -0.116  1.00 13.92 ? 142 LEU C CD1   1 
ATOM   727  C  CD2   . LEU C 3 26  ? -3.533  6.827   -0.260  1.00 12.84 ? 142 LEU C CD2   1 
ATOM   728  N  N     . SER C 3 27  ? -0.961  9.404   2.828   1.00 15.36 ? 143 SER C N     1 
ATOM   729  C  CA    . SER C 3 27  ? 0.239   10.215  2.680   1.00 18.61 ? 143 SER C CA    1 
ATOM   730  C  C     . SER C 3 27  ? 1.510   9.511   3.092   1.00 17.10 ? 143 SER C C     1 
ATOM   731  O  O     . SER C 3 27  ? 2.525   9.629   2.414   1.00 22.19 ? 143 SER C O     1 
ATOM   732  C  CB    . SER C 3 27  ? 0.098   11.510  3.456   1.00 21.34 ? 143 SER C CB    1 
ATOM   733  O  OG    . SER C 3 27  ? -1.108  12.142  3.074   1.00 30.92 ? 143 SER C OG    1 
ATOM   734  N  N     . GLU C 3 28  ? 1.429   8.684   4.126   1.00 20.16 ? 144 GLU C N     1 
ATOM   735  C  CA    . GLU C 3 28  ? 2.596   7.923   4.569   1.00 22.49 ? 144 GLU C CA    1 
ATOM   736  C  C     . GLU C 3 28  ? 2.933   6.777   3.632   1.00 25.43 ? 144 GLU C C     1 
ATOM   737  O  O     . GLU C 3 28  ? 4.086   6.348   3.572   1.00 40.10 ? 144 GLU C O     1 
ATOM   738  C  CB    . GLU C 3 28  ? 2.371   7.357   5.956   1.00 28.56 ? 144 GLU C CB    1 
ATOM   739  C  CG    . GLU C 3 28  ? 2.135   8.393   7.023   1.00 28.53 ? 144 GLU C CG    1 
ATOM   740  C  CD    . GLU C 3 28  ? 1.813   7.755   8.347   1.00 27.97 ? 144 GLU C CD    1 
ATOM   741  O  OE1   . GLU C 3 28  ? 2.750   7.550   9.139   1.00 37.05 ? 144 GLU C OE1   1 
ATOM   742  O  OE2   . GLU C 3 28  ? 0.642   7.394   8.564   1.00 24.22 ? 144 GLU C OE2   1 
ATOM   743  N  N     . ILE C 3 29  ? 1.921   6.231   2.958   1.00 23.90 ? 145 ILE C N     1 
ATOM   744  C  CA    . ILE C 3 29  ? 2.143   5.291   1.856   1.00 16.43 ? 145 ILE C CA    1 
ATOM   745  C  C     . ILE C 3 29  ? 2.911   5.999   0.734   1.00 16.81 ? 145 ILE C C     1 
ATOM   746  O  O     . ILE C 3 29  ? 4.032   5.597   0.418   1.00 26.18 ? 145 ILE C O     1 
ATOM   747  C  CB    . ILE C 3 29  ? 0.786   4.701   1.330   1.00 13.84 ? 145 ILE C CB    1 
ATOM   748  C  CG1   . ILE C 3 29  ? 0.249   3.661   2.319   1.00 11.67 ? 145 ILE C CG1   1 
ATOM   749  C  CG2   . ILE C 3 29  ? 0.984   3.990   0.017   1.00 13.33 ? 145 ILE C CG2   1 
ATOM   750  C  CD1   . ILE C 3 29  ? -1.255  3.474   2.312   1.00 1.84  ? 145 ILE C CD1   1 
ATOM   751  N  N     . TYR C 3 30  ? 2.440   7.180   0.325   1.00 18.56 ? 146 TYR C N     1 
ATOM   752  C  CA    . TYR C 3 30  ? 3.148   7.986   -0.690  1.00 17.13 ? 146 TYR C CA    1 
ATOM   753  C  C     . TYR C 3 30  ? 4.596   8.300   -0.298  1.00 18.12 ? 146 TYR C C     1 
ATOM   754  O  O     . TYR C 3 30  ? 5.505   8.248   -1.128  1.00 26.17 ? 146 TYR C O     1 
ATOM   755  C  CB    . TYR C 3 30  ? 2.440   9.325   -0.961  1.00 14.70 ? 146 TYR C CB    1 
ATOM   756  C  CG    . TYR C 3 30  ? 0.983   9.268   -1.372  1.00 9.47  ? 146 TYR C CG    1 
ATOM   757  C  CD1   . TYR C 3 30  ? 0.424   8.125   -1.926  1.00 8.85  ? 146 TYR C CD1   1 
ATOM   758  C  CD2   . TYR C 3 30  ? 0.196   10.406  -1.305  1.00 12.90 ? 146 TYR C CD2   1 
ATOM   759  C  CE1   . TYR C 3 30  ? -0.874  8.132   -2.421  1.00 3.63  ? 146 TYR C CE1   1 
ATOM   760  C  CE2   . TYR C 3 30  ? -1.104  10.416  -1.789  1.00 8.05  ? 146 TYR C CE2   1 
ATOM   761  C  CZ    . TYR C 3 30  ? -1.619  9.280   -2.345  1.00 4.11  ? 146 TYR C CZ    1 
ATOM   762  O  OH    . TYR C 3 30  ? -2.913  9.298   -2.786  1.00 19.52 ? 146 TYR C OH    1 
ATOM   763  N  N     . GLN C 3 31  ? 4.806   8.695   0.949   1.00 22.90 ? 147 GLN C N     1 
ATOM   764  C  CA    . GLN C 3 31  ? 6.144   9.062   1.395   1.00 23.36 ? 147 GLN C CA    1 
ATOM   765  C  C     . GLN C 3 31  ? 7.141   7.909   1.364   1.00 25.07 ? 147 GLN C C     1 
ATOM   766  O  O     . GLN C 3 31  ? 8.264   8.085   0.898   1.00 33.59 ? 147 GLN C O     1 
ATOM   767  C  CB    . GLN C 3 31  ? 6.102   9.650   2.797   1.00 28.32 ? 147 GLN C CB    1 
ATOM   768  C  CG    . GLN C 3 31  ? 7.393   10.334  3.185   1.00 29.86 ? 147 GLN C CG    1 
ATOM   769  C  CD    . GLN C 3 31  ? 7.726   11.474  2.255   1.00 26.76 ? 147 GLN C CD    1 
ATOM   770  O  OE1   . GLN C 3 31  ? 7.068   12.496  2.270   1.00 25.10 ? 147 GLN C OE1   1 
ATOM   771  N  NE2   . GLN C 3 31  ? 8.625   11.232  1.330   1.00 27.80 ? 147 GLN C NE2   1 
ATOM   772  N  N     . TRP C 3 32  ? 6.750   6.741   1.867   1.00 19.65 ? 148 TRP C N     1 
ATOM   773  C  CA    . TRP C 3 32  ? 7.617   5.567   1.784   1.00 15.83 ? 148 TRP C CA    1 
ATOM   774  C  C     . TRP C 3 32  ? 7.989   5.296   0.333   1.00 18.18 ? 148 TRP C C     1 
ATOM   775  O  O     . TRP C 3 32  ? 9.165   5.147   0.010   1.00 25.38 ? 148 TRP C O     1 
ATOM   776  C  CB    . TRP C 3 32  ? 6.916   4.329   2.369   1.00 19.08 ? 148 TRP C CB    1 
ATOM   777  C  CG    . TRP C 3 32  ? 7.800   3.085   2.455   1.00 14.07 ? 148 TRP C CG    1 
ATOM   778  C  CD1   . TRP C 3 32  ? 8.670   2.776   3.457   1.00 12.60 ? 148 TRP C CD1   1 
ATOM   779  C  CD2   . TRP C 3 32  ? 7.912   2.024   1.490   1.00 7.41  ? 148 TRP C CD2   1 
ATOM   780  N  NE1   . TRP C 3 32  ? 9.325   1.603   3.173   1.00 12.29 ? 148 TRP C NE1   1 
ATOM   781  C  CE2   . TRP C 3 32  ? 8.886   1.126   1.969   1.00 6.40  ? 148 TRP C CE2   1 
ATOM   782  C  CE3   . TRP C 3 32  ? 7.304   1.759   0.265   1.00 6.72  ? 148 TRP C CE3   1 
ATOM   783  C  CZ2   . TRP C 3 32  ? 9.272   -0.001  1.264   1.00 0.98  ? 148 TRP C CZ2   1 
ATOM   784  C  CZ3   . TRP C 3 32  ? 7.684   0.641   -0.433  1.00 6.00  ? 148 TRP C CZ3   1 
ATOM   785  C  CH2   . TRP C 3 32  ? 8.663   -0.225  0.063   1.00 6.55  ? 148 TRP C CH2   1 
ATOM   786  N  N     . ILE C 3 33  ? 6.992   5.259   -0.554  1.00 21.34 ? 149 ILE C N     1 
ATOM   787  C  CA    . ILE C 3 33  ? 7.253   4.917   -1.956  1.00 14.66 ? 149 ILE C CA    1 
ATOM   788  C  C     . ILE C 3 33  ? 8.251   5.915   -2.546  1.00 15.60 ? 149 ILE C C     1 
ATOM   789  O  O     . ILE C 3 33  ? 9.286   5.514   -3.081  1.00 22.54 ? 149 ILE C O     1 
ATOM   790  C  CB    . ILE C 3 33  ? 5.935   4.862   -2.804  1.00 10.18 ? 149 ILE C CB    1 
ATOM   791  C  CG1   . ILE C 3 33  ? 5.084   3.676   -2.378  1.00 3.93  ? 149 ILE C CG1   1 
ATOM   792  C  CG2   . ILE C 3 33  ? 6.232   4.648   -4.276  1.00 7.16  ? 149 ILE C CG2   1 
ATOM   793  C  CD1   . ILE C 3 33  ? 3.657   3.808   -2.819  1.00 4.81  ? 149 ILE C CD1   1 
ATOM   794  N  N     . MET C 3 34  ? 8.072   7.191   -2.226  1.00 13.80 ? 150 MET C N     1 
ATOM   795  C  CA    . MET C 3 34  ? 9.000   8.206   -2.717  1.00 15.60 ? 150 MET C CA    1 
ATOM   796  C  C     . MET C 3 34  ? 10.360  8.204   -2.027  1.00 15.44 ? 150 MET C C     1 
ATOM   797  O  O     . MET C 3 34  ? 11.371  8.324   -2.687  1.00 16.11 ? 150 MET C O     1 
ATOM   798  C  CB    . MET C 3 34  ? 8.362   9.601   -2.660  1.00 15.00 ? 150 MET C CB    1 
ATOM   799  C  CG    . MET C 3 34  ? 7.179   9.748   -3.628  1.00 20.44 ? 150 MET C CG    1 
ATOM   800  S  SD    . MET C 3 34  ? 6.585   11.415  -3.895  1.00 25.16 ? 150 MET C SD    1 
ATOM   801  C  CE    . MET C 3 34  ? 5.395   11.596  -2.576  1.00 17.56 ? 150 MET C CE    1 
ATOM   802  N  N     . ASP C 3 35  ? 10.403  7.966   -0.721  1.00 17.90 ? 151 ASP C N     1 
ATOM   803  C  CA    . ASP C 3 35  ? 11.688  7.900   -0.030  1.00 22.71 ? 151 ASP C CA    1 
ATOM   804  C  C     . ASP C 3 35  ? 12.591  6.845   -0.659  1.00 22.10 ? 151 ASP C C     1 
ATOM   805  O  O     . ASP C 3 35  ? 13.769  7.082   -0.848  1.00 36.14 ? 151 ASP C O     1 
ATOM   806  C  CB    . ASP C 3 35  ? 11.522  7.600   1.475   1.00 25.18 ? 151 ASP C CB    1 
ATOM   807  C  CG    . ASP C 3 35  ? 10.800  8.719   2.238   1.00 31.22 ? 151 ASP C CG    1 
ATOM   808  O  OD1   . ASP C 3 35  ? 10.640  9.825   1.691   1.00 32.55 ? 151 ASP C OD1   1 
ATOM   809  O  OD2   . ASP C 3 35  ? 10.385  8.492   3.400   1.00 36.50 ? 151 ASP C OD2   1 
ATOM   810  N  N     . LEU C 3 36  ? 12.032  5.719   -1.081  1.00 29.06 ? 152 LEU C N     1 
ATOM   811  C  CA    . LEU C 3 36  ? 12.870  4.616   -1.565  1.00 27.97 ? 152 LEU C CA    1 
ATOM   812  C  C     . LEU C 3 36  ? 12.961  4.427   -3.090  1.00 26.98 ? 152 LEU C C     1 
ATOM   813  O  O     . LEU C 3 36  ? 13.968  3.938   -3.597  1.00 30.21 ? 152 LEU C O     1 
ATOM   814  C  CB    . LEU C 3 36  ? 12.439  3.309   -0.895  1.00 27.02 ? 152 LEU C CB    1 
ATOM   815  C  CG    . LEU C 3 36  ? 12.862  3.253   0.577   1.00 32.60 ? 152 LEU C CG    1 
ATOM   816  C  CD1   . LEU C 3 36  ? 11.686  3.536   1.495   1.00 35.29 ? 152 LEU C CD1   1 
ATOM   817  C  CD2   . LEU C 3 36  ? 13.446  1.896   0.881   1.00 39.32 ? 152 LEU C CD2   1 
ATOM   818  N  N     . PHE C 3 37  ? 11.885  4.725   -3.811  1.00 28.30 ? 153 PHE C N     1 
ATOM   819  C  CA    . PHE C 3 37  ? 11.875  4.573   -5.265  1.00 24.34 ? 153 PHE C CA    1 
ATOM   820  C  C     . PHE C 3 37  ? 11.826  5.944   -5.946  1.00 28.87 ? 153 PHE C C     1 
ATOM   821  O  O     . PHE C 3 37  ? 10.745  6.478   -6.233  1.00 30.23 ? 153 PHE C O     1 
ATOM   822  C  CB    . PHE C 3 37  ? 10.674  3.729   -5.711  1.00 18.73 ? 153 PHE C CB    1 
ATOM   823  C  CG    . PHE C 3 37  ? 10.617  2.372   -5.073  1.00 11.63 ? 153 PHE C CG    1 
ATOM   824  C  CD1   . PHE C 3 37  ? 11.325  1.324   -5.595  1.00 10.47 ? 153 PHE C CD1   1 
ATOM   825  C  CD2   . PHE C 3 37  ? 9.931   2.176   -3.902  1.00 11.03 ? 153 PHE C CD2   1 
ATOM   826  C  CE1   . PHE C 3 37  ? 11.363  0.115   -4.968  1.00 7.60  ? 153 PHE C CE1   1 
ATOM   827  C  CE2   . PHE C 3 37  ? 9.966   0.970   -3.270  1.00 12.92 ? 153 PHE C CE2   1 
ATOM   828  C  CZ    . PHE C 3 37  ? 10.688  -0.067  -3.811  1.00 9.71  ? 153 PHE C CZ    1 
ATOM   829  N  N     . PRO C 3 38  ? 13.005  6.522   -6.232  1.00 28.95 ? 154 PRO C N     1 
ATOM   830  C  CA    . PRO C 3 38  ? 13.165  7.823   -6.891  1.00 28.19 ? 154 PRO C CA    1 
ATOM   831  C  C     . PRO C 3 38  ? 12.342  7.956   -8.165  1.00 29.75 ? 154 PRO C C     1 
ATOM   832  O  O     . PRO C 3 38  ? 11.848  9.039   -8.481  1.00 30.97 ? 154 PRO C O     1 
ATOM   833  C  CB    . PRO C 3 38  ? 14.659  7.880   -7.177  1.00 28.63 ? 154 PRO C CB    1 
ATOM   834  C  CG    . PRO C 3 38  ? 15.251  7.099   -6.052  1.00 28.82 ? 154 PRO C CG    1 
ATOM   835  C  CD    . PRO C 3 38  ? 14.312  5.932   -5.904  1.00 30.54 ? 154 PRO C CD    1 
ATOM   836  N  N     . TYR C 3 39  ? 12.154  6.837   -8.866  1.00 26.14 ? 155 TYR C N     1 
ATOM   837  C  CA    . TYR C 3 39  ? 11.216  6.773   -9.984  1.00 21.35 ? 155 TYR C CA    1 
ATOM   838  C  C     . TYR C 3 39  ? 9.871   7.424   -9.671  1.00 22.81 ? 155 TYR C C     1 
ATOM   839  O  O     . TYR C 3 39  ? 9.243   8.008   -10.553 1.00 27.16 ? 155 TYR C O     1 
ATOM   840  C  CB    . TYR C 3 39  ? 10.986  5.314   -10.386 1.00 22.63 ? 155 TYR C CB    1 
ATOM   841  C  CG    . TYR C 3 39  ? 9.983   5.121   -11.506 1.00 20.01 ? 155 TYR C CG    1 
ATOM   842  C  CD1   . TYR C 3 39  ? 10.391  5.059   -12.823 1.00 18.47 ? 155 TYR C CD1   1 
ATOM   843  C  CD2   . TYR C 3 39  ? 8.634   5.016   -11.240 1.00 24.64 ? 155 TYR C CD2   1 
ATOM   844  C  CE1   . TYR C 3 39  ? 9.491   4.912   -13.833 1.00 18.11 ? 155 TYR C CE1   1 
ATOM   845  C  CE2   . TYR C 3 39  ? 7.724   4.869   -12.251 1.00 24.49 ? 155 TYR C CE2   1 
ATOM   846  C  CZ    . TYR C 3 39  ? 8.158   4.825   -13.546 1.00 20.93 ? 155 TYR C CZ    1 
ATOM   847  O  OH    . TYR C 3 39  ? 7.236   4.751   -14.561 1.00 23.50 ? 155 TYR C OH    1 
ATOM   848  N  N     . TYR C 3 40  ? 9.370   7.200   -8.459  1.00 24.10 ? 156 TYR C N     1 
ATOM   849  C  CA    . TYR C 3 40  ? 8.053   7.697   -8.074  1.00 21.56 ? 156 TYR C CA    1 
ATOM   850  C  C     . TYR C 3 40  ? 8.101   9.128   -7.551  1.00 23.94 ? 156 TYR C C     1 
ATOM   851  O  O     . TYR C 3 40  ? 7.074   9.727   -7.219  1.00 24.35 ? 156 TYR C O     1 
ATOM   852  C  CB    . TYR C 3 40  ? 7.411   6.765   -7.043  1.00 15.89 ? 156 TYR C CB    1 
ATOM   853  C  CG    . TYR C 3 40  ? 6.853   5.509   -7.648  1.00 14.55 ? 156 TYR C CG    1 
ATOM   854  C  CD1   . TYR C 3 40  ? 5.901   5.561   -8.651  1.00 17.91 ? 156 TYR C CD1   1 
ATOM   855  C  CD2   . TYR C 3 40  ? 7.369   4.274   -7.311  1.00 21.56 ? 156 TYR C CD2   1 
ATOM   856  C  CE1   . TYR C 3 40  ? 5.496   4.414   -9.312  1.00 11.59 ? 156 TYR C CE1   1 
ATOM   857  C  CE2   . TYR C 3 40  ? 6.963   3.128   -7.959  1.00 18.83 ? 156 TYR C CE2   1 
ATOM   858  C  CZ    . TYR C 3 40  ? 6.022   3.210   -8.949  1.00 15.75 ? 156 TYR C CZ    1 
ATOM   859  O  OH    . TYR C 3 40  ? 5.500   2.053   -9.455  1.00 22.46 ? 156 TYR C OH    1 
ATOM   860  N  N     . ARG C 3 41  ? 9.297   9.699   -7.565  1.00 28.78 ? 157 ARG C N     1 
ATOM   861  C  CA    . ARG C 3 41  ? 9.460   11.137  -7.413  1.00 30.61 ? 157 ARG C CA    1 
ATOM   862  C  C     . ARG C 3 41  ? 8.771   11.948  -8.529  1.00 32.07 ? 157 ARG C C     1 
ATOM   863  O  O     . ARG C 3 41  ? 8.449   13.117  -8.327  1.00 33.01 ? 157 ARG C O     1 
ATOM   864  C  CB    . ARG C 3 41  ? 10.948  11.476  -7.349  1.00 26.09 ? 157 ARG C CB    1 
ATOM   865  C  CG    . ARG C 3 41  ? 11.432  11.889  -5.968  1.00 26.57 ? 157 ARG C CG    1 
ATOM   866  C  CD    . ARG C 3 41  ? 11.750  10.703  -5.063  1.00 25.91 ? 157 ARG C CD    1 
ATOM   867  N  NE    . ARG C 3 41  ? 13.188  10.453  -4.946  1.00 24.95 ? 157 ARG C NE    1 
ATOM   868  C  CZ    . ARG C 3 41  ? 13.786  9.998   -3.852  1.00 22.54 ? 157 ARG C CZ    1 
ATOM   869  N  NH1   . ARG C 3 41  ? 15.074  9.680   -3.875  1.00 24.67 ? 157 ARG C NH1   1 
ATOM   870  N  NH2   . ARG C 3 41  ? 13.119  9.930   -2.718  1.00 23.08 ? 157 ARG C NH2   1 
ATOM   871  N  N     . GLU C 3 42  ? 8.456   11.298  -9.654  1.00 35.36 ? 158 GLU C N     1 
ATOM   872  C  CA    . GLU C 3 42  ? 7.716   11.925  -10.766 1.00 38.09 ? 158 GLU C CA    1 
ATOM   873  C  C     . GLU C 3 42  ? 6.297   11.380  -11.003 1.00 39.71 ? 158 GLU C C     1 
ATOM   874  O  O     . GLU C 3 42  ? 5.907   10.363  -10.433 1.00 44.68 ? 158 GLU C O     1 
ATOM   875  C  CB    . GLU C 3 42  ? 8.496   11.785  -12.073 1.00 41.56 ? 158 GLU C CB    1 
ATOM   876  C  CG    . GLU C 3 42  ? 9.508   12.873  -12.302 1.00 50.47 ? 158 GLU C CG    1 
ATOM   877  C  CD    . GLU C 3 42  ? 10.721  12.700  -11.425 1.00 58.55 ? 158 GLU C CD    1 
ATOM   878  O  OE1   . GLU C 3 42  ? 10.956  13.554  -10.533 1.00 62.56 ? 158 GLU C OE1   1 
ATOM   879  O  OE2   . GLU C 3 42  ? 11.414  11.674  -11.603 1.00 64.57 ? 158 GLU C OE2   1 
ATOM   880  N  N     . ASN C 3 43  ? 5.563   12.016  -11.919 1.00 37.54 ? 159 ASN C N     1 
ATOM   881  C  CA    . ASN C 3 43  ? 4.234   11.549  -12.353 1.00 35.39 ? 159 ASN C CA    1 
ATOM   882  C  C     . ASN C 3 43  ? 3.215   11.318  -11.234 1.00 34.37 ? 159 ASN C C     1 
ATOM   883  O  O     . ASN C 3 43  ? 2.244   10.576  -11.415 1.00 40.76 ? 159 ASN C O     1 
ATOM   884  C  CB    . ASN C 3 43  ? 4.358   10.262  -13.160 1.00 34.88 ? 159 ASN C CB    1 
ATOM   885  C  CG    . ASN C 3 43  ? 5.218   10.428  -14.388 1.00 37.22 ? 159 ASN C CG    1 
ATOM   886  O  OD1   . ASN C 3 43  ? 4.891   11.194  -15.290 1.00 32.53 ? 159 ASN C OD1   1 
ATOM   887  N  ND2   . ASN C 3 43  ? 6.320   9.693   -14.440 1.00 35.26 ? 159 ASN C ND2   1 
ATOM   888  N  N     . GLN C 3 44  ? 3.326   12.104  -10.170 1.00 27.51 ? 160 GLN C N     1 
ATOM   889  C  CA    . GLN C 3 44  ? 2.611   11.835  -8.920  1.00 25.69 ? 160 GLN C CA    1 
ATOM   890  C  C     . GLN C 3 44  ? 1.097   11.732  -9.006  1.00 23.94 ? 160 GLN C C     1 
ATOM   891  O  O     . GLN C 3 44  ? 0.517   10.793  -8.491  1.00 30.75 ? 160 GLN C O     1 
ATOM   892  C  CB    . GLN C 3 44  ? 2.989   12.876  -7.880  1.00 24.08 ? 160 GLN C CB    1 
ATOM   893  C  CG    . GLN C 3 44  ? 4.434   13.271  -7.983  1.00 24.71 ? 160 GLN C CG    1 
ATOM   894  C  CD    . GLN C 3 44  ? 5.073   13.358  -6.654  1.00 27.55 ? 160 GLN C CD    1 
ATOM   895  O  OE1   . GLN C 3 44  ? 4.480   13.859  -5.714  1.00 34.76 ? 160 GLN C OE1   1 
ATOM   896  N  NE2   . GLN C 3 44  ? 6.306   12.913  -6.560  1.00 29.81 ? 160 GLN C NE2   1 
ATOM   897  N  N     . GLN C 3 45  ? 0.445   12.640  -9.712  1.00 27.08 ? 161 GLN C N     1 
ATOM   898  C  CA    . GLN C 3 45  ? -1.012  12.604  -9.738  1.00 27.62 ? 161 GLN C CA    1 
ATOM   899  C  C     . GLN C 3 45  ? -1.579  11.395  -10.469 1.00 27.80 ? 161 GLN C C     1 
ATOM   900  O  O     . GLN C 3 45  ? -2.747  11.050  -10.278 1.00 32.45 ? 161 GLN C O     1 
ATOM   901  C  CB    . GLN C 3 45  ? -1.590  13.896  -10.325 1.00 34.01 ? 161 GLN C CB    1 
ATOM   902  C  CG    . GLN C 3 45  ? -2.983  14.256  -9.764  1.00 44.43 ? 161 GLN C CG    1 
ATOM   903  C  CD    . GLN C 3 45  ? -3.093  14.083  -8.233  1.00 48.17 ? 161 GLN C CD    1 
ATOM   904  O  OE1   . GLN C 3 45  ? -2.817  15.012  -7.469  1.00 46.86 ? 161 GLN C OE1   1 
ATOM   905  N  NE2   . GLN C 3 45  ? -3.501  12.891  -7.790  1.00 44.73 ? 161 GLN C NE2   1 
ATOM   906  N  N     . ARG C 3 46  ? -0.724  10.687  -11.206 1.00 23.26 ? 162 ARG C N     1 
ATOM   907  C  CA    . ARG C 3 46  ? -1.142  9.492   -11.935 1.00 20.22 ? 162 ARG C CA    1 
ATOM   908  C  C     . ARG C 3 46  ? -1.103  8.263   -11.032 1.00 20.36 ? 162 ARG C C     1 
ATOM   909  O  O     . ARG C 3 46  ? -2.118  7.589   -10.839 1.00 22.49 ? 162 ARG C O     1 
ATOM   910  C  CB    . ARG C 3 46  ? -0.235  9.266   -13.150 1.00 21.42 ? 162 ARG C CB    1 
ATOM   911  C  CG    . ARG C 3 46  ? -0.736  8.203   -14.124 1.00 21.80 ? 162 ARG C CG    1 
ATOM   912  C  CD    . ARG C 3 46  ? 0.337   7.819   -15.142 1.00 28.84 ? 162 ARG C CD    1 
ATOM   913  N  NE    . ARG C 3 46  ? 0.546   8.875   -16.133 1.00 36.83 ? 162 ARG C NE    1 
ATOM   914  C  CZ    . ARG C 3 46  ? 1.737   9.311   -16.547 1.00 38.11 ? 162 ARG C CZ    1 
ATOM   915  N  NH1   . ARG C 3 46  ? 1.807   10.403  -17.297 1.00 42.84 ? 162 ARG C NH1   1 
ATOM   916  N  NH2   . ARG C 3 46  ? 2.850   8.638   -16.271 1.00 35.46 ? 162 ARG C NH2   1 
ATOM   917  N  N     . TRP C 3 47  ? 0.057   8.009   -10.432 1.00 20.60 ? 163 TRP C N     1 
ATOM   918  C  CA    . TRP C 3 47  ? 0.233   6.836   -9.587  1.00 21.10 ? 163 TRP C CA    1 
ATOM   919  C  C     . TRP C 3 47  ? -0.387  6.968   -8.204  1.00 22.18 ? 163 TRP C C     1 
ATOM   920  O  O     . TRP C 3 47  ? -0.852  5.986   -7.638  1.00 31.00 ? 163 TRP C O     1 
ATOM   921  C  CB    . TRP C 3 47  ? 1.715   6.449   -9.476  1.00 17.75 ? 163 TRP C CB    1 
ATOM   922  C  CG    . TRP C 3 47  ? 2.618   7.400   -8.736  1.00 19.34 ? 163 TRP C CG    1 
ATOM   923  C  CD1   . TRP C 3 47  ? 3.549   8.233   -9.293  1.00 17.30 ? 163 TRP C CD1   1 
ATOM   924  C  CD2   . TRP C 3 47  ? 2.847   7.436   -7.321  1.00 21.42 ? 163 TRP C CD2   1 
ATOM   925  N  NE1   . TRP C 3 47  ? 4.355   8.764   -8.311  1.00 13.88 ? 163 TRP C NE1   1 
ATOM   926  C  CE2   . TRP C 3 47  ? 3.940   8.298   -7.092  1.00 17.97 ? 163 TRP C CE2   1 
ATOM   927  C  CE3   . TRP C 3 47  ? 2.241   6.825   -6.218  1.00 25.22 ? 163 TRP C CE3   1 
ATOM   928  C  CZ2   . TRP C 3 47  ? 4.432   8.561   -5.816  1.00 19.26 ? 163 TRP C CZ2   1 
ATOM   929  C  CZ3   . TRP C 3 47  ? 2.730   7.091   -4.947  1.00 22.52 ? 163 TRP C CZ3   1 
ATOM   930  C  CH2   . TRP C 3 47  ? 3.811   7.950   -4.758  1.00 17.62 ? 163 TRP C CH2   1 
ATOM   931  N  N     . GLN C 3 48  ? -0.478  8.189   -7.696  1.00 24.45 ? 164 GLN C N     1 
ATOM   932  C  CA    . GLN C 3 48  ? -1.114  8.423   -6.405  1.00 18.88 ? 164 GLN C CA    1 
ATOM   933  C  C     . GLN C 3 48  ? -2.611  8.150   -6.438  1.00 21.31 ? 164 GLN C C     1 
ATOM   934  O  O     . GLN C 3 48  ? -3.139  7.533   -5.524  1.00 30.11 ? 164 GLN C O     1 
ATOM   935  C  CB    . GLN C 3 48  ? -0.831  9.843   -5.931  1.00 20.63 ? 164 GLN C CB    1 
ATOM   936  C  CG    . GLN C 3 48  ? 0.669   10.122  -5.745  1.00 22.00 ? 164 GLN C CG    1 
ATOM   937  C  CD    . GLN C 3 48  ? 0.972   11.431  -5.042  1.00 20.83 ? 164 GLN C CD    1 
ATOM   938  O  OE1   . GLN C 3 48  ? 2.056   11.603  -4.494  1.00 22.40 ? 164 GLN C OE1   1 
ATOM   939  N  NE2   . GLN C 3 48  ? 0.011   12.342  -5.020  1.00 19.22 ? 164 GLN C NE2   1 
ATOM   940  N  N     . ASN C 3 49  ? -3.263  8.462   -7.554  1.00 23.61 ? 165 ASN C N     1 
ATOM   941  C  CA    . ASN C 3 49  ? -4.661  8.062   -7.773  1.00 24.86 ? 165 ASN C CA    1 
ATOM   942  C  C     . ASN C 3 49  ? -4.771  6.540   -7.916  1.00 23.16 ? 165 ASN C C     1 
ATOM   943  O  O     . ASN C 3 49  ? -5.718  5.928   -7.430  1.00 29.39 ? 165 ASN C O     1 
ATOM   944  C  CB    . ASN C 3 49  ? -5.227  8.763   -9.022  1.00 27.47 ? 165 ASN C CB    1 
ATOM   945  C  CG    . ASN C 3 49  ? -6.734  8.530   -9.233  1.00 31.60 ? 165 ASN C CG    1 
ATOM   946  O  OD1   . ASN C 3 49  ? -7.436  7.961   -8.392  1.00 31.90 ? 165 ASN C OD1   1 
ATOM   947  N  ND2   . ASN C 3 49  ? -7.229  8.995   -10.366 1.00 31.93 ? 165 ASN C ND2   1 
ATOM   948  N  N     . SER C 3 50  ? -3.746  5.919   -8.483  1.00 24.47 ? 166 SER C N     1 
ATOM   949  C  CA    . SER C 3 50  ? -3.753  4.464   -8.664  1.00 19.82 ? 166 SER C CA    1 
ATOM   950  C  C     . SER C 3 50  ? -3.494  3.729   -7.362  1.00 18.98 ? 166 SER C C     1 
ATOM   951  O  O     . SER C 3 50  ? -4.005  2.630   -7.148  1.00 20.69 ? 166 SER C O     1 
ATOM   952  C  CB    . SER C 3 50  ? -2.717  4.043   -9.709  1.00 22.58 ? 166 SER C CB    1 
ATOM   953  O  OG    . SER C 3 50  ? -3.075  4.502   -11.013 1.00 23.65 ? 166 SER C OG    1 
ATOM   954  N  N     . ILE C 3 51  ? -2.748  4.357   -6.460  1.00 21.03 ? 167 ILE C N     1 
ATOM   955  C  CA    . ILE C 3 51  ? -2.616  3.833   -5.102  1.00 20.27 ? 167 ILE C CA    1 
ATOM   956  C  C     . ILE C 3 51  ? -3.950  3.885   -4.349  1.00 19.49 ? 167 ILE C C     1 
ATOM   957  O  O     . ILE C 3 51  ? -4.445  2.856   -3.897  1.00 27.38 ? 167 ILE C O     1 
ATOM   958  C  CB    . ILE C 3 51  ? -1.531  4.583   -4.315  1.00 15.59 ? 167 ILE C CB    1 
ATOM   959  C  CG1   . ILE C 3 51  ? -0.160  4.346   -4.959  1.00 10.76 ? 167 ILE C CG1   1 
ATOM   960  C  CG2   . ILE C 3 51  ? -1.522  4.138   -2.857  1.00 21.43 ? 167 ILE C CG2   1 
ATOM   961  C  CD1   . ILE C 3 51  ? 0.420   2.971   -4.746  1.00 0.88  ? 167 ILE C CD1   1 
ATOM   962  N  N     . ARG C 3 52  ? -4.634  5.020   -4.422  1.00 21.01 ? 168 ARG C N     1 
ATOM   963  C  CA    . ARG C 3 52  ? -5.975  5.140   -3.853  1.00 15.35 ? 168 ARG C CA    1 
ATOM   964  C  C     . ARG C 3 52  ? -6.974  4.097   -4.356  1.00 15.76 ? 168 ARG C C     1 
ATOM   965  O  O     . ARG C 3 52  ? -7.673  3.469   -3.573  1.00 24.62 ? 168 ARG C O     1 
ATOM   966  C  CB    . ARG C 3 52  ? -6.511  6.531   -4.114  1.00 18.56 ? 168 ARG C CB    1 
ATOM   967  C  CG    . ARG C 3 52  ? -5.846  7.571   -3.269  1.00 20.95 ? 168 ARG C CG    1 
ATOM   968  C  CD    . ARG C 3 52  ? -6.509  8.905   -3.440  1.00 21.06 ? 168 ARG C CD    1 
ATOM   969  N  NE    . ARG C 3 52  ? -5.499  9.912   -3.753  1.00 27.82 ? 168 ARG C NE    1 
ATOM   970  C  CZ    . ARG C 3 52  ? -5.402  10.521  -4.928  1.00 26.17 ? 168 ARG C CZ    1 
ATOM   971  N  NH1   . ARG C 3 52  ? -4.392  11.343  -5.171  1.00 28.89 ? 168 ARG C NH1   1 
ATOM   972  N  NH2   . ARG C 3 52  ? -6.378  10.387  -5.820  1.00 28.91 ? 168 ARG C NH2   1 
ATOM   973  N  N     . HIS C 3 53  ? -7.030  3.902   -5.665  1.00 16.85 ? 169 HIS C N     1 
ATOM   974  C  CA    . HIS C 3 53  ? -7.873  2.864   -6.264  1.00 13.20 ? 169 HIS C CA    1 
ATOM   975  C  C     . HIS C 3 53  ? -7.506  1.482   -5.686  1.00 14.68 ? 169 HIS C C     1 
ATOM   976  O  O     . HIS C 3 53  ? -8.376  0.746   -5.225  1.00 23.58 ? 169 HIS C O     1 
ATOM   977  C  CB    . HIS C 3 53  ? -7.707  2.916   -7.801  1.00 9.45  ? 169 HIS C CB    1 
ATOM   978  C  CG    . HIS C 3 53  ? -8.492  1.884   -8.554  1.00 11.58 ? 169 HIS C CG    1 
ATOM   979  N  ND1   . HIS C 3 53  ? -7.900  0.783   -9.144  1.00 12.81 ? 169 HIS C ND1   1 
ATOM   980  C  CD2   . HIS C 3 53  ? -9.808  1.802   -8.847  1.00 12.79 ? 169 HIS C CD2   1 
ATOM   981  C  CE1   . HIS C 3 53  ? -8.823  0.055   -9.745  1.00 7.74  ? 169 HIS C CE1   1 
ATOM   982  N  NE2   . HIS C 3 53  ? -9.990  0.650   -9.584  1.00 19.58 ? 169 HIS C NE2   1 
ATOM   983  N  N     . SER C 3 54  ? -6.214  1.172   -5.627  1.00 19.01 ? 170 SER C N     1 
ATOM   984  C  CA    . SER C 3 54  ? -5.755  -0.117  -5.101  1.00 13.83 ? 170 SER C CA    1 
ATOM   985  C  C     . SER C 3 54  ? -6.295  -0.303  -3.714  1.00 14.78 ? 170 SER C C     1 
ATOM   986  O  O     . SER C 3 54  ? -6.976  -1.274  -3.448  1.00 26.31 ? 170 SER C O     1 
ATOM   987  C  CB    . SER C 3 54  ? -4.228  -0.190  -5.026  1.00 14.21 ? 170 SER C CB    1 
ATOM   988  O  OG    . SER C 3 54  ? -3.646  0.146   -6.269  1.00 25.43 ? 170 SER C OG    1 
ATOM   989  N  N     . LEU C 3 55  ? -6.056  0.679   -2.852  1.00 15.98 ? 171 LEU C N     1 
ATOM   990  C  CA    . LEU C 3 55  ? -6.460  0.589   -1.456  1.00 10.95 ? 171 LEU C CA    1 
ATOM   991  C  C     . LEU C 3 55  ? -7.947  0.323   -1.302  1.00 13.53 ? 171 LEU C C     1 
ATOM   992  O  O     . LEU C 3 55  ? -8.344  -0.503  -0.477  1.00 16.57 ? 171 LEU C O     1 
ATOM   993  C  CB    . LEU C 3 55  ? -6.094  1.870   -0.721  1.00 1.89  ? 171 LEU C CB    1 
ATOM   994  C  CG    . LEU C 3 55  ? -4.599  2.093   -0.565  1.00 -5.21 ? 171 LEU C CG    1 
ATOM   995  C  CD1   . LEU C 3 55  ? -4.371  3.517   -0.128  1.00 2.44  ? 171 LEU C CD1   1 
ATOM   996  C  CD2   . LEU C 3 55  ? -4.018  1.165   0.455   1.00 -1.34 ? 171 LEU C CD2   1 
ATOM   997  N  N     . SER C 3 56  ? -8.765  1.013   -2.098  1.00 17.34 ? 172 SER C N     1 
ATOM   998  C  CA    . SER C 3 56  ? -10.226 0.854   -2.023  1.00 18.02 ? 172 SER C CA    1 
ATOM   999  C  C     . SER C 3 56  ? -10.685 -0.447  -2.653  1.00 18.49 ? 172 SER C C     1 
ATOM   1000 O  O     . SER C 3 56  ? -11.516 -1.153  -2.090  1.00 24.36 ? 172 SER C O     1 
ATOM   1001 C  CB    . SER C 3 56  ? -10.953 2.007   -2.722  1.00 20.73 ? 172 SER C CB    1 
ATOM   1002 O  OG    . SER C 3 56  ? -10.553 3.279   -2.221  1.00 26.81 ? 172 SER C OG    1 
ATOM   1003 N  N     . PHE C 3 57  ? -10.137 -0.760  -3.825  1.00 14.55 ? 173 PHE C N     1 
ATOM   1004 C  CA    . PHE C 3 57  ? -10.612 -1.894  -4.608  1.00 10.53 ? 173 PHE C CA    1 
ATOM   1005 C  C     . PHE C 3 57  ? -10.251 -3.219  -3.972  1.00 13.39 ? 173 PHE C C     1 
ATOM   1006 O  O     . PHE C 3 57  ? -11.021 -4.173  -4.017  1.00 22.97 ? 173 PHE C O     1 
ATOM   1007 C  CB    . PHE C 3 57  ? -10.018 -1.862  -6.009  1.00 11.50 ? 173 PHE C CB    1 
ATOM   1008 C  CG    . PHE C 3 57  ? -10.464 -3.009  -6.873  1.00 11.06 ? 173 PHE C CG    1 
ATOM   1009 C  CD1   . PHE C 3 57  ? -11.802 -3.189  -7.171  1.00 15.87 ? 173 PHE C CD1   1 
ATOM   1010 C  CD2   . PHE C 3 57  ? -9.557  -3.921  -7.362  1.00 16.60 ? 173 PHE C CD2   1 
ATOM   1011 C  CE1   . PHE C 3 57  ? -12.214 -4.257  -7.934  1.00 14.61 ? 173 PHE C CE1   1 
ATOM   1012 C  CE2   . PHE C 3 57  ? -9.976  -5.001  -8.134  1.00 15.55 ? 173 PHE C CE2   1 
ATOM   1013 C  CZ    . PHE C 3 57  ? -11.295 -5.164  -8.416  1.00 10.40 ? 173 PHE C CZ    1 
ATOM   1014 N  N     . ASN C 3 58  ? -9.016  -3.309  -3.502  1.00 14.07 ? 174 ASN C N     1 
ATOM   1015 C  CA    . ASN C 3 58  ? -8.468  -4.550  -3.015  1.00 9.02  ? 174 ASN C CA    1 
ATOM   1016 C  C     . ASN C 3 58  ? -8.890  -4.883  -1.585  1.00 10.49 ? 174 ASN C C     1 
ATOM   1017 O  O     . ASN C 3 58  ? -8.702  -4.082  -0.676  1.00 16.52 ? 174 ASN C O     1 
ATOM   1018 C  CB    . ASN C 3 58  ? -6.948  -4.506  -3.144  1.00 12.88 ? 174 ASN C CB    1 
ATOM   1019 C  CG    . ASN C 3 58  ? -6.471  -4.913  -4.526  1.00 8.93  ? 174 ASN C CG    1 
ATOM   1020 O  OD1   . ASN C 3 58  ? -6.121  -4.077  -5.354  1.00 8.99  ? 174 ASN C OD1   1 
ATOM   1021 N  ND2   . ASN C 3 58  ? -6.440  -6.206  -4.774  1.00 14.26 ? 174 ASN C ND2   1 
ATOM   1022 N  N     . ASP C 3 59  ? -9.409  -6.096  -1.385  1.00 14.82 ? 175 ASP C N     1 
ATOM   1023 C  CA    . ASP C 3 59  ? -9.855  -6.566  -0.069  1.00 13.45 ? 175 ASP C CA    1 
ATOM   1024 C  C     . ASP C 3 59  ? -8.726  -6.851  0.923   1.00 19.20 ? 175 ASP C C     1 
ATOM   1025 O  O     . ASP C 3 59  ? -8.989  -7.221  2.084   1.00 17.17 ? 175 ASP C O     1 
ATOM   1026 C  CB    . ASP C 3 59  ? -10.684 -7.840  -0.211  1.00 15.13 ? 175 ASP C CB    1 
ATOM   1027 C  CG    . ASP C 3 59  ? -11.991 -7.620  -0.941  1.00 20.58 ? 175 ASP C CG    1 
ATOM   1028 O  OD1   . ASP C 3 59  ? -12.368 -6.459  -1.208  1.00 24.81 ? 175 ASP C OD1   1 
ATOM   1029 O  OD2   . ASP C 3 59  ? -12.675 -8.630  -1.217  1.00 27.00 ? 175 ASP C OD2   1 
ATOM   1030 N  N     . CYS C 3 60  ? -7.480  -6.773  0.453   1.00 17.23 ? 176 CYS C N     1 
ATOM   1031 C  CA    . CYS C 3 60  ? -6.342  -7.082  1.311   1.00 11.13 ? 176 CYS C CA    1 
ATOM   1032 C  C     . CYS C 3 60  ? -5.889  -5.889  2.126   1.00 16.27 ? 176 CYS C C     1 
ATOM   1033 O  O     . CYS C 3 60  ? -5.148  -6.041  3.095   1.00 24.30 ? 176 CYS C O     1 
ATOM   1034 C  CB    . CYS C 3 60  ? -5.177  -7.632  0.497   1.00 6.91  ? 176 CYS C CB    1 
ATOM   1035 S  SG    . CYS C 3 60  ? -4.627  -6.620  -0.868  1.00 13.31 ? 176 CYS C SG    1 
ATOM   1036 N  N     . PHE C 3 61  ? -6.329  -4.698  1.734   1.00 16.29 ? 177 PHE C N     1 
ATOM   1037 C  CA    . PHE C 3 61  ? -6.097  -3.498  2.530   1.00 12.55 ? 177 PHE C CA    1 
ATOM   1038 C  C     . PHE C 3 61  ? -7.444  -3.046  3.071   1.00 17.63 ? 177 PHE C C     1 
ATOM   1039 O  O     . PHE C 3 61  ? -8.392  -2.849  2.301   1.00 13.91 ? 177 PHE C O     1 
ATOM   1040 C  CB    . PHE C 3 61  ? -5.525  -2.374  1.676   1.00 10.12 ? 177 PHE C CB    1 
ATOM   1041 C  CG    . PHE C 3 61  ? -4.502  -2.817  0.691   1.00 1.40  ? 177 PHE C CG    1 
ATOM   1042 C  CD1   . PHE C 3 61  ? -4.783  -2.805  -0.657  1.00 2.26  ? 177 PHE C CD1   1 
ATOM   1043 C  CD2   . PHE C 3 61  ? -3.237  -3.166  1.101   1.00 5.89  ? 177 PHE C CD2   1 
ATOM   1044 C  CE1   . PHE C 3 61  ? -3.819  -3.117  -1.579  1.00 0.31  ? 177 PHE C CE1   1 
ATOM   1045 C  CE2   . PHE C 3 61  ? -2.271  -3.488  0.180   1.00 7.80  ? 177 PHE C CE2   1 
ATOM   1046 C  CZ    . PHE C 3 61  ? -2.564  -3.458  -1.160  1.00 4.01  ? 177 PHE C CZ    1 
ATOM   1047 N  N     . VAL C 3 62  ? -7.553  -2.997  4.394   1.00 11.83 ? 178 VAL C N     1 
ATOM   1048 C  CA    . VAL C 3 62  ? -8.754  -2.508  5.054   1.00 12.69 ? 178 VAL C CA    1 
ATOM   1049 C  C     . VAL C 3 62  ? -8.337  -1.249  5.803   1.00 17.07 ? 178 VAL C C     1 
ATOM   1050 O  O     . VAL C 3 62  ? -7.180  -1.140  6.227   1.00 18.63 ? 178 VAL C O     1 
ATOM   1051 C  CB    . VAL C 3 62  ? -9.317  -3.562  6.059   1.00 10.29 ? 178 VAL C CB    1 
ATOM   1052 C  CG1   . VAL C 3 62  ? -9.487  -4.899  5.372   1.00 8.28  ? 178 VAL C CG1   1 
ATOM   1053 C  CG2   . VAL C 3 62  ? -8.404  -3.729  7.231   1.00 -0.36 ? 178 VAL C CG2   1 
ATOM   1054 N  N     . LYS C 3 63  ? -9.232  -0.267  5.886   1.00 24.59 ? 179 LYS C N     1 
ATOM   1055 C  CA    . LYS C 3 63  ? -8.940  0.948   6.654   1.00 26.08 ? 179 LYS C CA    1 
ATOM   1056 C  C     . LYS C 3 63  ? -9.280  0.878   8.135   1.00 29.07 ? 179 LYS C C     1 
ATOM   1057 O  O     . LYS C 3 63  ? -10.149 0.122   8.567   1.00 35.26 ? 179 LYS C O     1 
ATOM   1058 C  CB    . LYS C 3 63  ? -9.602  2.187   6.045   1.00 25.03 ? 179 LYS C CB    1 
ATOM   1059 C  CG    . LYS C 3 63  ? -11.089 2.127   5.859   1.00 21.92 ? 179 LYS C CG    1 
ATOM   1060 C  CD    . LYS C 3 63  ? -11.558 3.488   5.377   1.00 21.13 ? 179 LYS C CD    1 
ATOM   1061 C  CE    . LYS C 3 63  ? -13.060 3.538   5.178   1.00 23.37 ? 179 LYS C CE    1 
ATOM   1062 N  NZ    . LYS C 3 63  ? -13.552 4.962   5.188   1.00 31.46 ? 179 LYS C NZ    1 
ATOM   1063 N  N     . VAL C 3 64  ? -8.514  1.616   8.918   1.00 27.09 ? 180 VAL C N     1 
ATOM   1064 C  CA    . VAL C 3 64  ? -8.629  1.582   10.356  1.00 26.10 ? 180 VAL C CA    1 
ATOM   1065 C  C     . VAL C 3 64  ? -8.715  3.033   10.833  1.00 27.38 ? 180 VAL C C     1 
ATOM   1066 O  O     . VAL C 3 64  ? -7.773  3.805   10.646  1.00 32.50 ? 180 VAL C O     1 
ATOM   1067 C  CB    . VAL C 3 64  ? -7.397  0.889   10.947  1.00 25.88 ? 180 VAL C CB    1 
ATOM   1068 C  CG1   . VAL C 3 64  ? -7.432  0.901   12.447  1.00 31.17 ? 180 VAL C CG1   1 
ATOM   1069 C  CG2   . VAL C 3 64  ? -7.328  -0.525  10.435  1.00 27.90 ? 180 VAL C CG2   1 
ATOM   1070 N  N     . ALA C 3 65  ? -9.895  3.453   11.265  1.00 26.38 ? 181 ALA C N     1 
ATOM   1071 C  CA    . ALA C 3 65  ? -10.088 4.850   11.632  1.00 32.30 ? 181 ALA C CA    1 
ATOM   1072 C  C     . ALA C 3 65  ? -9.133  5.291   12.738  1.00 35.54 ? 181 ALA C C     1 
ATOM   1073 O  O     . ALA C 3 65  ? -8.689  4.479   13.538  1.00 39.15 ? 181 ALA C O     1 
ATOM   1074 C  CB    . ALA C 3 65  ? -11.523 5.081   12.062  1.00 33.72 ? 181 ALA C CB    1 
ATOM   1075 N  N     . ARG C 3 66  ? -8.766  6.566   12.747  1.00 43.13 ? 182 ARG C N     1 
ATOM   1076 C  CA    . ARG C 3 66  ? -8.014  7.121   13.876  1.00 50.74 ? 182 ARG C CA    1 
ATOM   1077 C  C     . ARG C 3 66  ? -8.995  7.381   15.021  1.00 56.63 ? 182 ARG C C     1 
ATOM   1078 O  O     . ARG C 3 66  ? -10.206 7.432   14.800  1.00 56.13 ? 182 ARG C O     1 
ATOM   1079 C  CB    . ARG C 3 66  ? -7.323  8.433   13.491  1.00 48.27 ? 182 ARG C CB    1 
ATOM   1080 C  CG    . ARG C 3 66  ? -7.332  8.781   11.997  1.00 46.31 ? 182 ARG C CG    1 
ATOM   1081 C  CD    . ARG C 3 66  ? -6.438  9.979   11.684  1.00 41.50 ? 182 ARG C CD    1 
ATOM   1082 N  NE    . ARG C 3 66  ? -5.102  9.822   12.246  1.00 42.92 ? 182 ARG C NE    1 
ATOM   1083 C  CZ    . ARG C 3 66  ? -3.981  10.271  11.686  1.00 41.83 ? 182 ARG C CZ    1 
ATOM   1084 N  NH1   . ARG C 3 66  ? -2.836  10.182  12.353  1.00 40.29 ? 182 ARG C NH1   1 
ATOM   1085 N  NH2   . ARG C 3 66  ? -3.983  10.731  10.443  1.00 37.68 ? 182 ARG C NH2   1 
ATOM   1086 N  N     . SER C 3 67  ? -8.498  7.535   16.242  1.00 65.08 ? 183 SER C N     1 
ATOM   1087 C  CA    . SER C 3 67  ? -9.399  7.939   17.318  1.00 73.73 ? 183 SER C CA    1 
ATOM   1088 C  C     . SER C 3 67  ? -9.121  9.325   17.892  1.00 78.75 ? 183 SER C C     1 
ATOM   1089 O  O     . SER C 3 67  ? -9.823  10.282  17.552  1.00 84.08 ? 183 SER C O     1 
ATOM   1090 C  CB    . SER C 3 67  ? -9.442  6.897   18.435  1.00 74.98 ? 183 SER C CB    1 
ATOM   1091 O  OG    . SER C 3 67  ? -10.319 7.317   19.472  1.00 75.80 ? 183 SER C OG    1 
ATOM   1092 N  N     . PRO C 3 68  ? -8.082  9.473   18.744  1.00 83.27 ? 184 PRO C N     1 
ATOM   1093 C  CA    . PRO C 3 68  ? -8.003  10.654  19.611  1.00 83.58 ? 184 PRO C CA    1 
ATOM   1094 C  C     . PRO C 3 68  ? -7.315  11.820  18.883  1.00 85.00 ? 184 PRO C C     1 
ATOM   1095 O  O     . PRO C 3 68  ? -6.390  12.449  19.407  1.00 82.43 ? 184 PRO C O     1 
ATOM   1096 C  CB    . PRO C 3 68  ? -7.175  10.152  20.791  1.00 82.75 ? 184 PRO C CB    1 
ATOM   1097 C  CG    . PRO C 3 68  ? -6.205  9.167   20.146  1.00 84.31 ? 184 PRO C CG    1 
ATOM   1098 C  CD    . PRO C 3 68  ? -6.832  8.693   18.823  1.00 84.11 ? 184 PRO C CD    1 
ATOM   1099 N  N     . ASP C 3 69  ? -7.736  12.032  17.638  1.00 85.39 ? 185 ASP C N     1 
ATOM   1100 C  CA    . ASP C 3 69  ? -7.131  12.997  16.725  1.00 84.62 ? 185 ASP C CA    1 
ATOM   1101 C  C     . ASP C 3 69  ? -5.723  12.620  16.264  1.00 82.60 ? 185 ASP C C     1 
ATOM   1102 O  O     . ASP C 3 69  ? -5.465  12.581  15.067  1.00 81.33 ? 185 ASP C O     1 
ATOM   1103 C  CB    . ASP C 3 69  ? -7.142  14.402  17.348  1.00 88.78 ? 185 ASP C CB    1 
ATOM   1104 C  CG    . ASP C 3 69  ? -8.553  14.992  17.447  1.00 92.28 ? 185 ASP C CG    1 
ATOM   1105 O  OD1   . ASP C 3 69  ? -9.494  14.259  17.847  1.00 93.26 ? 185 ASP C OD1   1 
ATOM   1106 O  OD2   . ASP C 3 69  ? -8.724  16.189  17.128  1.00 93.22 ? 185 ASP C OD2   1 
ATOM   1107 N  N     . LYS C 3 70  ? -4.848  12.243  17.193  1.00 81.80 ? 186 LYS C N     1 
ATOM   1108 C  CA    . LYS C 3 70  ? -3.462  11.890  16.869  1.00 82.63 ? 186 LYS C CA    1 
ATOM   1109 C  C     . LYS C 3 70  ? -2.695  13.060  16.208  1.00 83.17 ? 186 LYS C C     1 
ATOM   1110 O  O     . LYS C 3 70  ? -2.573  14.137  16.804  1.00 84.98 ? 186 LYS C O     1 
ATOM   1111 C  CB    . LYS C 3 70  ? -3.427  10.622  15.999  1.00 82.96 ? 186 LYS C CB    1 
ATOM   1112 C  CG    . LYS C 3 70  ? -3.054  9.362   16.766  1.00 84.99 ? 186 LYS C CG    1 
ATOM   1113 C  CD    . LYS C 3 70  ? -2.930  8.144   15.855  1.00 87.09 ? 186 LYS C CD    1 
ATOM   1114 C  CE    . LYS C 3 70  ? -4.282  7.697   15.286  1.00 89.12 ? 186 LYS C CE    1 
ATOM   1115 N  NZ    . LYS C 3 70  ? -5.292  7.318   16.324  1.00 88.23 ? 186 LYS C NZ    1 
ATOM   1116 N  N     . PRO C 3 71  ? -2.123  12.855  15.004  1.00 80.82 ? 187 PRO C N     1 
ATOM   1117 C  CA    . PRO C 3 71  ? -2.080  14.035  14.126  1.00 79.09 ? 187 PRO C CA    1 
ATOM   1118 C  C     . PRO C 3 71  ? -3.414  14.482  13.510  1.00 76.37 ? 187 PRO C C     1 
ATOM   1119 O  O     . PRO C 3 71  ? -3.703  15.678  13.444  1.00 79.14 ? 187 PRO C O     1 
ATOM   1120 C  CB    . PRO C 3 71  ? -1.052  13.655  13.049  1.00 80.53 ? 187 PRO C CB    1 
ATOM   1121 C  CG    . PRO C 3 71  ? -0.669  12.221  13.330  1.00 81.78 ? 187 PRO C CG    1 
ATOM   1122 C  CD    . PRO C 3 71  ? -0.945  12.002  14.777  1.00 80.67 ? 187 PRO C CD    1 
ATOM   1123 N  N     . GLY C 3 72  ? -4.203  13.531  13.020  1.00 70.86 ? 188 GLY C N     1 
ATOM   1124 C  CA    . GLY C 3 72  ? -5.460  13.880  12.372  1.00 62.48 ? 188 GLY C CA    1 
ATOM   1125 C  C     . GLY C 3 72  ? -5.397  13.977  10.854  1.00 56.89 ? 188 GLY C C     1 
ATOM   1126 O  O     . GLY C 3 72  ? -4.327  14.180  10.273  1.00 54.38 ? 188 GLY C O     1 
ATOM   1127 N  N     . LYS C 3 73  ? -6.556  13.816  10.217  1.00 50.52 ? 189 LYS C N     1 
ATOM   1128 C  CA    . LYS C 3 73  ? -6.679  13.857  8.762   1.00 50.22 ? 189 LYS C CA    1 
ATOM   1129 C  C     . LYS C 3 73  ? -6.180  12.580  8.068   1.00 50.53 ? 189 LYS C C     1 
ATOM   1130 O  O     . LYS C 3 73  ? -4.982  12.282  8.060   1.00 53.61 ? 189 LYS C O     1 
ATOM   1131 C  CB    . LYS C 3 73  ? -5.957  15.088  8.207   1.00 51.01 ? 189 LYS C CB    1 
ATOM   1132 C  CG    . LYS C 3 73  ? -6.042  15.262  6.707   1.00 51.54 ? 189 LYS C CG    1 
ATOM   1133 C  CD    . LYS C 3 73  ? -5.647  16.680  6.305   1.00 56.77 ? 189 LYS C CD    1 
ATOM   1134 C  CE    . LYS C 3 73  ? -4.193  17.006  6.659   1.00 55.28 ? 189 LYS C CE    1 
ATOM   1135 N  NZ    . LYS C 3 73  ? -4.027  17.483  8.058   1.00 51.86 ? 189 LYS C NZ    1 
ATOM   1136 N  N     . GLY C 3 74  ? -7.106  11.842  7.461   1.00 44.70 ? 190 GLY C N     1 
ATOM   1137 C  CA    . GLY C 3 74  ? -6.749  10.596  6.810   1.00 37.20 ? 190 GLY C CA    1 
ATOM   1138 C  C     . GLY C 3 74  ? -6.857  9.398   7.736   1.00 37.90 ? 190 GLY C C     1 
ATOM   1139 O  O     . GLY C 3 74  ? -6.378  9.454   8.867   1.00 37.24 ? 190 GLY C O     1 
ATOM   1140 N  N     . SER C 3 75  ? -7.568  8.358   7.293   1.00 34.08 ? 191 SER C N     1 
ATOM   1141 C  CA    . SER C 3 75  ? -7.606  7.070   7.999   1.00 23.48 ? 191 SER C CA    1 
ATOM   1142 C  C     . SER C 3 75  ? -6.266  6.361   7.969   1.00 20.69 ? 191 SER C C     1 
ATOM   1143 O  O     . SER C 3 75  ? -5.292  6.845   7.372   1.00 19.94 ? 191 SER C O     1 
ATOM   1144 C  CB    . SER C 3 75  ? -8.629  6.143   7.369   1.00 18.64 ? 191 SER C CB    1 
ATOM   1145 O  OG    . SER C 3 75  ? -9.901  6.750   7.340   1.00 26.26 ? 191 SER C OG    1 
ATOM   1146 N  N     . TYR C 3 76  ? -6.212  5.213   8.624   1.00 15.15 ? 192 TYR C N     1 
ATOM   1147 C  CA    . TYR C 3 76  ? -5.041  4.361   8.539   1.00 11.71 ? 192 TYR C CA    1 
ATOM   1148 C  C     . TYR C 3 76  ? -5.416  3.197   7.651   1.00 13.73 ? 192 TYR C C     1 
ATOM   1149 O  O     . TYR C 3 76  ? -6.602  2.950   7.427   1.00 13.77 ? 192 TYR C O     1 
ATOM   1150 C  CB    . TYR C 3 76  ? -4.626  3.874   9.928   1.00 15.78 ? 192 TYR C CB    1 
ATOM   1151 C  CG    . TYR C 3 76  ? -3.624  4.784   10.609  1.00 19.51 ? 192 TYR C CG    1 
ATOM   1152 C  CD1   . TYR C 3 76  ? -4.025  5.712   11.559  1.00 22.74 ? 192 TYR C CD1   1 
ATOM   1153 C  CD2   . TYR C 3 76  ? -2.288  4.751   10.257  1.00 22.55 ? 192 TYR C CD2   1 
ATOM   1154 C  CE1   . TYR C 3 76  ? -3.123  6.585   12.129  1.00 24.17 ? 192 TYR C CE1   1 
ATOM   1155 C  CE2   . TYR C 3 76  ? -1.376  5.616   10.826  1.00 23.56 ? 192 TYR C CE2   1 
ATOM   1156 C  CZ    . TYR C 3 76  ? -1.798  6.535   11.753  1.00 27.57 ? 192 TYR C CZ    1 
ATOM   1157 O  OH    . TYR C 3 76  ? -0.890  7.455   12.247  1.00 34.65 ? 192 TYR C OH    1 
ATOM   1158 N  N     . TRP C 3 77  ? -4.415  2.608   7.007   1.00 13.26 ? 193 TRP C N     1 
ATOM   1159 C  CA    . TRP C 3 77  ? -4.621  1.482   6.111   1.00 12.45 ? 193 TRP C CA    1 
ATOM   1160 C  C     . TRP C 3 77  ? -3.734  0.385   6.596   1.00 13.26 ? 193 TRP C C     1 
ATOM   1161 O  O     . TRP C 3 77  ? -2.560  0.626   6.898   1.00 14.14 ? 193 TRP C O     1 
ATOM   1162 C  CB    . TRP C 3 77  ? -4.240  1.832   4.665   1.00 11.45 ? 193 TRP C CB    1 
ATOM   1163 C  CG    . TRP C 3 77  ? -5.212  2.777   4.019   1.00 9.48  ? 193 TRP C CG    1 
ATOM   1164 C  CD1   . TRP C 3 77  ? -5.143  4.134   4.004   1.00 6.88  ? 193 TRP C CD1   1 
ATOM   1165 C  CD2   . TRP C 3 77  ? -6.447  2.430   3.383   1.00 4.48  ? 193 TRP C CD2   1 
ATOM   1166 N  NE1   . TRP C 3 77  ? -6.264  4.663   3.415   1.00 3.44  ? 193 TRP C NE1   1 
ATOM   1167 C  CE2   . TRP C 3 77  ? -7.072  3.634   3.005   1.00 5.93  ? 193 TRP C CE2   1 
ATOM   1168 C  CE3   . TRP C 3 77  ? -7.077  1.224   3.092   1.00 0.29  ? 193 TRP C CE3   1 
ATOM   1169 C  CZ2   . TRP C 3 77  ? -8.289  3.663   2.332   1.00 8.41  ? 193 TRP C CZ2   1 
ATOM   1170 C  CZ3   . TRP C 3 77  ? -8.281  1.252   2.435   1.00 5.20  ? 193 TRP C CZ3   1 
ATOM   1171 C  CH2   . TRP C 3 77  ? -8.876  2.463   2.053   1.00 10.67 ? 193 TRP C CH2   1 
ATOM   1172 N  N     . ALA C 3 78  ? -4.309  -0.809  6.701   1.00 11.95 ? 194 ALA C N     1 
ATOM   1173 C  CA    . ALA C 3 78  ? -3.582  -1.982  7.153   1.00 10.43 ? 194 ALA C CA    1 
ATOM   1174 C  C     . ALA C 3 78  ? -3.955  -3.155  6.268   1.00 12.87 ? 194 ALA C C     1 
ATOM   1175 O  O     . ALA C 3 78  ? -4.861  -3.042  5.441   1.00 20.95 ? 194 ALA C O     1 
ATOM   1176 C  CB    . ALA C 3 78  ? -3.935  -2.279  8.598   1.00 10.14 ? 194 ALA C CB    1 
ATOM   1177 N  N     . LEU C 3 79  ? -3.265  -4.277  6.454   1.00 15.31 ? 195 LEU C N     1 
ATOM   1178 C  CA    . LEU C 3 79  ? -3.489  -5.504  5.684   1.00 17.01 ? 195 LEU C CA    1 
ATOM   1179 C  C     . LEU C 3 79  ? -4.471  -6.459  6.360   1.00 16.04 ? 195 LEU C C     1 
ATOM   1180 O  O     . LEU C 3 79  ? -4.205  -6.914  7.455   1.00 26.15 ? 195 LEU C O     1 
ATOM   1181 C  CB    . LEU C 3 79  ? -2.170  -6.251  5.517   1.00 10.62 ? 195 LEU C CB    1 
ATOM   1182 C  CG    . LEU C 3 79  ? -1.203  -5.732  4.472   1.00 11.03 ? 195 LEU C CG    1 
ATOM   1183 C  CD1   . LEU C 3 79  ? 0.149   -6.317  4.751   1.00 9.42  ? 195 LEU C CD1   1 
ATOM   1184 C  CD2   . LEU C 3 79  ? -1.685  -6.103  3.092   1.00 11.92 ? 195 LEU C CD2   1 
ATOM   1185 N  N     . HIS C 3 80  ? -5.476  -6.924  5.630   1.00 11.27 ? 196 HIS C N     1 
ATOM   1186 C  CA    . HIS C 3 80  ? -6.334  -7.994  6.119   1.00 14.75 ? 196 HIS C CA    1 
ATOM   1187 C  C     . HIS C 3 80  ? -5.484  -9.177  6.562   1.00 19.68 ? 196 HIS C C     1 
ATOM   1188 O  O     . HIS C 3 80  ? -4.702  -9.686  5.766   1.00 30.36 ? 196 HIS C O     1 
ATOM   1189 C  CB    . HIS C 3 80  ? -7.262  -8.457  5.011   1.00 12.28 ? 196 HIS C CB    1 
ATOM   1190 C  CG    . HIS C 3 80  ? -8.592  -8.940  5.501   1.00 9.68  ? 196 HIS C CG    1 
ATOM   1191 N  ND1   . HIS C 3 80  ? -8.730  -10.041 6.314   1.00 10.05 ? 196 HIS C ND1   1 
ATOM   1192 C  CD2   . HIS C 3 80  ? -9.840  -8.448  5.322   1.00 4.71  ? 196 HIS C CD2   1 
ATOM   1193 C  CE1   . HIS C 3 80  ? -10.004 -10.201 6.625   1.00 8.91  ? 196 HIS C CE1   1 
ATOM   1194 N  NE2   . HIS C 3 80  ? -10.696 -9.246  6.036   1.00 5.08  ? 196 HIS C NE2   1 
ATOM   1195 N  N     . PRO C 3 81  ? -5.669  -9.678  7.810   1.00 17.01 ? 197 PRO C N     1 
ATOM   1196 C  CA    . PRO C 3 81  ? -4.805  -10.750 8.338   1.00 14.01 ? 197 PRO C CA    1 
ATOM   1197 C  C     . PRO C 3 81  ? -4.906  -12.063 7.556   1.00 16.11 ? 197 PRO C C     1 
ATOM   1198 O  O     . PRO C 3 81  ? -3.927  -12.803 7.425   1.00 21.32 ? 197 PRO C O     1 
ATOM   1199 C  CB    . PRO C 3 81  ? -5.289  -10.905 9.781   1.00 9.38  ? 197 PRO C CB    1 
ATOM   1200 C  CG    . PRO C 3 81  ? -5.732  -9.555  10.133  1.00 3.32  ? 197 PRO C CG    1 
ATOM   1201 C  CD    . PRO C 3 81  ? -6.465  -9.084  8.893   1.00 11.99 ? 197 PRO C CD    1 
ATOM   1202 N  N     . SER C 3 82  ? -6.073  -12.300 6.962   1.00 13.47 ? 198 SER C N     1 
ATOM   1203 C  CA    . SER C 3 82  ? -6.271  -13.424 6.042   1.00 15.55 ? 198 SER C CA    1 
ATOM   1204 C  C     . SER C 3 82  ? -5.768  -13.205 4.609   1.00 19.24 ? 198 SER C C     1 
ATOM   1205 O  O     . SER C 3 82  ? -6.314  -13.770 3.669   1.00 21.19 ? 198 SER C O     1 
ATOM   1206 C  CB    . SER C 3 82  ? -7.752  -13.781 5.976   1.00 11.34 ? 198 SER C CB    1 
ATOM   1207 O  OG    . SER C 3 82  ? -8.420  -13.323 7.132   1.00 16.69 ? 198 SER C OG    1 
ATOM   1208 N  N     . SER C 3 83  ? -4.780  -12.341 4.425   1.00 22.75 ? 199 SER C N     1 
ATOM   1209 C  CA    . SER C 3 83  ? -4.242  -12.097 3.084   1.00 24.77 ? 199 SER C CA    1 
ATOM   1210 C  C     . SER C 3 83  ? -3.208  -13.146 2.759   1.00 25.65 ? 199 SER C C     1 
ATOM   1211 O  O     . SER C 3 83  ? -2.801  -13.294 1.611   1.00 32.65 ? 199 SER C O     1 
ATOM   1212 C  CB    . SER C 3 83  ? -3.573  -10.722 3.003   1.00 22.56 ? 199 SER C CB    1 
ATOM   1213 O  OG    . SER C 3 83  ? -4.506  -9.693  3.232   1.00 22.34 ? 199 SER C OG    1 
ATOM   1214 N  N     . GLY C 3 84  ? -2.667  -13.757 3.805   1.00 31.23 ? 200 GLY C N     1 
ATOM   1215 C  CA    . GLY C 3 84  ? -1.560  -14.679 3.638   1.00 35.37 ? 200 GLY C CA    1 
ATOM   1216 C  C     . GLY C 3 84  ? -0.267  -13.943 3.366   1.00 37.88 ? 200 GLY C C     1 
ATOM   1217 O  O     . GLY C 3 84  ? -0.138  -12.764 3.697   1.00 39.68 ? 200 GLY C O     1 
ATOM   1218 N  N     . ASN C 3 85  ? 0.724   -14.662 2.854   1.00 42.55 ? 201 ASN C N     1 
ATOM   1219 C  CA    . ASN C 3 85  ? 1.916   -14.023 2.309   1.00 47.91 ? 201 ASN C CA    1 
ATOM   1220 C  C     . ASN C 3 85  ? 1.794   -14.015 0.789   1.00 48.30 ? 201 ASN C C     1 
ATOM   1221 O  O     . ASN C 3 85  ? 2.246   -14.931 0.112   1.00 51.32 ? 201 ASN C O     1 
ATOM   1222 C  CB    . ASN C 3 85  ? 3.172   -14.767 2.757   1.00 51.52 ? 201 ASN C CB    1 
ATOM   1223 C  CG    . ASN C 3 85  ? 3.701   -14.276 4.099   1.00 58.27 ? 201 ASN C CG    1 
ATOM   1224 O  OD1   . ASN C 3 85  ? 3.570   -13.101 4.448   1.00 58.80 ? 201 ASN C OD1   1 
ATOM   1225 N  ND2   . ASN C 3 85  ? 4.307   -15.178 4.859   1.00 61.10 ? 201 ASN C ND2   1 
ATOM   1226 N  N     . MET C 3 86  ? 1.068   -13.025 0.287   1.00 48.50 ? 202 MET C N     1 
ATOM   1227 C  CA    . MET C 3 86  ? 0.507   -13.064 -1.058  1.00 48.67 ? 202 MET C CA    1 
ATOM   1228 C  C     . MET C 3 86  ? 1.511   -12.683 -2.133  1.00 53.69 ? 202 MET C C     1 
ATOM   1229 O  O     . MET C 3 86  ? 1.800   -13.475 -3.026  1.00 62.73 ? 202 MET C O     1 
ATOM   1230 C  CB    . MET C 3 86  ? -0.717  -12.142 -1.134  1.00 45.24 ? 202 MET C CB    1 
ATOM   1231 C  CG    . MET C 3 86  ? -0.599  -10.864 -0.278  1.00 35.12 ? 202 MET C CG    1 
ATOM   1232 S  SD    . MET C 3 86  ? -1.980  -9.757  -0.507  1.00 22.43 ? 202 MET C SD    1 
ATOM   1233 C  CE    . MET C 3 86  ? -1.235  -8.228  -0.260  1.00 17.20 ? 202 MET C CE    1 
ATOM   1234 N  N     . PHE C 3 87  ? 2.015   -11.453 -2.063  1.00 60.84 ? 203 PHE C N     1 
ATOM   1235 C  CA    . PHE C 3 87  ? 3.036   -10.959 -2.992  1.00 62.97 ? 203 PHE C CA    1 
ATOM   1236 C  C     . PHE C 3 87  ? 4.404   -11.472 -2.493  1.00 67.19 ? 203 PHE C C     1 
ATOM   1237 O  O     . PHE C 3 87  ? 5.407   -10.758 -2.483  1.00 66.05 ? 203 PHE C O     1 
ATOM   1238 C  CB    . PHE C 3 87  ? 2.974   -9.416  -3.049  1.00 57.48 ? 203 PHE C CB    1 
ATOM   1239 C  CG    . PHE C 3 87  ? 3.680   -8.734  -1.901  1.00 61.68 ? 203 PHE C CG    1 
ATOM   1240 C  CD1   . PHE C 3 87  ? 4.716   -7.841  -2.145  1.00 64.29 ? 203 PHE C CD1   1 
ATOM   1241 C  CD2   . PHE C 3 87  ? 3.482   -9.154  -0.598  1.00 62.41 ? 203 PHE C CD2   1 
ATOM   1242 C  CE1   . PHE C 3 87  ? 5.547   -7.402  -1.128  1.00 58.91 ? 203 PHE C CE1   1 
ATOM   1243 C  CE2   . PHE C 3 87  ? 4.320   -8.719  0.425   1.00 64.33 ? 203 PHE C CE2   1 
ATOM   1244 C  CZ    . PHE C 3 87  ? 5.354   -7.845  0.154   1.00 59.14 ? 203 PHE C CZ    1 
ATOM   1245 N  N     . GLU C 3 88  ? 4.418   -12.727 -2.062  1.00 72.96 ? 204 GLU C N     1 
ATOM   1246 C  CA    . GLU C 3 88  ? 5.543   -13.284 -1.321  1.00 77.99 ? 204 GLU C CA    1 
ATOM   1247 C  C     . GLU C 3 88  ? 6.214   -14.432 -2.071  1.00 79.21 ? 204 GLU C C     1 
ATOM   1248 O  O     . GLU C 3 88  ? 5.569   -15.167 -2.823  1.00 79.09 ? 204 GLU C O     1 
ATOM   1249 C  CB    . GLU C 3 88  ? 5.066   -13.748 0.064   1.00 83.48 ? 204 GLU C CB    1 
ATOM   1250 C  CG    . GLU C 3 88  ? 5.885   -14.878 0.702   1.00 91.05 ? 204 GLU C CG    1 
ATOM   1251 C  CD    . GLU C 3 88  ? 5.173   -16.233 0.680   1.00 94.66 ? 204 GLU C CD    1 
ATOM   1252 O  OE1   . GLU C 3 88  ? 4.432   -16.524 -0.286  1.00 95.33 ? 204 GLU C OE1   1 
ATOM   1253 O  OE2   . GLU C 3 88  ? 5.372   -17.016 1.639   1.00 97.41 ? 204 GLU C OE2   1 
ATOM   1254 N  N     . ASN C 3 89  ? 7.507   -14.610 -1.811  1.00 80.11 ? 205 ASN C N     1 
ATOM   1255 C  CA    . ASN C 3 89  ? 8.302   -15.650 -2.454  1.00 81.54 ? 205 ASN C CA    1 
ATOM   1256 C  C     . ASN C 3 89  ? 8.373   -15.467 -3.972  1.00 81.25 ? 205 ASN C C     1 
ATOM   1257 O  O     . ASN C 3 89  ? 8.054   -16.374 -4.746  1.00 84.31 ? 205 ASN C O     1 
ATOM   1258 C  CB    . ASN C 3 89  ? 7.754   -17.035 -2.097  1.00 81.83 ? 205 ASN C CB    1 
ATOM   1259 C  CG    . ASN C 3 89  ? 8.040   -17.410 -0.660  1.00 82.28 ? 205 ASN C CG    1 
ATOM   1260 O  OD1   . ASN C 3 89  ? 8.701   -16.671 0.067   1.00 83.32 ? 205 ASN C OD1   1 
ATOM   1261 N  ND2   . ASN C 3 89  ? 7.516   -18.544 -0.229  1.00 84.37 ? 205 ASN C ND2   1 
ATOM   1262 N  N     . GLY C 3 90  ? 8.762   -14.265 -4.386  1.00 78.07 ? 206 GLY C N     1 
ATOM   1263 C  CA    . GLY C 3 90  ? 9.128   -14.046 -5.773  1.00 72.80 ? 206 GLY C CA    1 
ATOM   1264 C  C     . GLY C 3 90  ? 7.956   -13.952 -6.730  1.00 69.13 ? 206 GLY C C     1 
ATOM   1265 O  O     . GLY C 3 90  ? 7.815   -14.777 -7.643  1.00 70.41 ? 206 GLY C O     1 
ATOM   1266 N  N     . CYS C 3 91  ? 7.057   -13.014 -6.457  1.00 58.18 ? 207 CYS C N     1 
ATOM   1267 C  CA    . CYS C 3 91  ? 6.074   -12.587 -7.441  1.00 51.73 ? 207 CYS C CA    1 
ATOM   1268 C  C     . CYS C 3 91  ? 5.514   -11.266 -6.973  1.00 44.23 ? 207 CYS C C     1 
ATOM   1269 O  O     . CYS C 3 91  ? 4.736   -11.223 -6.025  1.00 47.33 ? 207 CYS C O     1 
ATOM   1270 C  CB    . CYS C 3 91  ? 4.950   -13.633 -7.597  1.00 56.81 ? 207 CYS C CB    1 
ATOM   1271 S  SG    . CYS C 3 91  ? 3.319   -13.237 -6.863  1.00 67.97 ? 207 CYS C SG    1 
ATOM   1272 N  N     . TYR C 3 92  ? 6.084   -10.178 -7.486  1.00 37.73 ? 208 TYR C N     1 
ATOM   1273 C  CA    . TYR C 3 92  ? 5.670   -8.847  -7.055  1.00 23.41 ? 208 TYR C CA    1 
ATOM   1274 C  C     . TYR C 3 92  ? 4.877   -8.087  -8.097  1.00 20.06 ? 208 TYR C C     1 
ATOM   1275 O  O     . TYR C 3 92  ? 4.297   -7.062  -7.790  1.00 29.50 ? 208 TYR C O     1 
ATOM   1276 C  CB    . TYR C 3 92  ? 6.884   -8.040  -6.640  1.00 25.92 ? 208 TYR C CB    1 
ATOM   1277 C  CG    . TYR C 3 92  ? 7.716   -8.698  -5.560  1.00 22.85 ? 208 TYR C CG    1 
ATOM   1278 C  CD1   . TYR C 3 92  ? 7.318   -8.661  -4.231  1.00 24.84 ? 208 TYR C CD1   1 
ATOM   1279 C  CD2   . TYR C 3 92  ? 8.881   -9.374  -5.873  1.00 22.90 ? 208 TYR C CD2   1 
ATOM   1280 C  CE1   . TYR C 3 92  ? 8.043   -9.290  -3.253  1.00 22.64 ? 208 TYR C CE1   1 
ATOM   1281 C  CE2   . TYR C 3 92  ? 9.617   -9.999  -4.898  1.00 22.43 ? 208 TYR C CE2   1 
ATOM   1282 C  CZ    . TYR C 3 92  ? 9.188   -9.957  -3.595  1.00 23.89 ? 208 TYR C CZ    1 
ATOM   1283 O  OH    . TYR C 3 92  ? 9.902   -10.609 -2.630  1.00 32.26 ? 208 TYR C OH    1 
ATOM   1284 N  N     . LEU C 3 93  ? 4.730   -8.675  -9.282  1.00 19.05 ? 209 LEU C N     1 
ATOM   1285 C  CA    . LEU C 3 93  ? 4.075   -8.034  -10.432 1.00 14.30 ? 209 LEU C CA    1 
ATOM   1286 C  C     . LEU C 3 93  ? 2.617   -8.454  -10.632 1.00 8.97  ? 209 LEU C C     1 
ATOM   1287 O  O     . LEU C 3 93  ? 1.816   -7.687  -11.143 1.00 14.34 ? 209 LEU C O     1 
ATOM   1288 C  CB    . LEU C 3 93  ? 4.855   -8.351  -11.715 1.00 13.55 ? 209 LEU C CB    1 
ATOM   1289 C  CG    . LEU C 3 93  ? 5.783   -7.308  -12.332 1.00 10.36 ? 209 LEU C CG    1 
ATOM   1290 C  CD1   . LEU C 3 93  ? 6.201   -6.306  -11.299 1.00 19.92 ? 209 LEU C CD1   1 
ATOM   1291 C  CD2   . LEU C 3 93  ? 6.998   -7.995  -12.899 1.00 13.65 ? 209 LEU C CD2   1 
ATOM   1292 N  N     . ARG C 3 94  ? 2.352   -9.740  -10.442 1.00 12.47 ? 210 ARG C N     1 
ATOM   1293 C  CA    . ARG C 3 94  ? 1.032   -10.338 -10.674 1.00 12.42 ? 210 ARG C CA    1 
ATOM   1294 C  C     . ARG C 3 94  ? 0.815   -11.382 -9.597  1.00 17.12 ? 210 ARG C C     1 
ATOM   1295 O  O     . ARG C 3 94  ? 1.694   -12.209 -9.347  1.00 21.22 ? 210 ARG C O     1 
ATOM   1296 C  CB    . ARG C 3 94  ? 0.986   -11.025 -12.035 1.00 11.47 ? 210 ARG C CB    1 
ATOM   1297 C  CG    . ARG C 3 94  ? -0.347  -10.944 -12.747 1.00 10.15 ? 210 ARG C CG    1 
ATOM   1298 C  CD    . ARG C 3 94  ? -0.483  -12.059 -13.769 1.00 11.80 ? 210 ARG C CD    1 
ATOM   1299 N  NE    . ARG C 3 94  ? -1.799  -12.692 -13.728 1.00 14.94 ? 210 ARG C NE    1 
ATOM   1300 C  CZ    . ARG C 3 94  ? -2.802  -12.385 -14.542 1.00 17.33 ? 210 ARG C CZ    1 
ATOM   1301 N  NH1   . ARG C 3 94  ? -3.945  -13.051 -14.468 1.00 21.94 ? 210 ARG C NH1   1 
ATOM   1302 N  NH2   . ARG C 3 94  ? -2.675  -11.406 -15.425 1.00 20.32 ? 210 ARG C NH2   1 
ATOM   1303 N  N     . ARG C 3 95  ? -0.263  -11.231 -8.837  1.00 22.51 ? 211 ARG C N     1 
ATOM   1304 C  CA    . ARG C 3 95  ? -0.591  -12.200 -7.798  1.00 20.36 ? 211 ARG C CA    1 
ATOM   1305 C  C     . ARG C 3 95  ? -1.287  -13.377 -8.464  1.00 22.59 ? 211 ARG C C     1 
ATOM   1306 O  O     . ARG C 3 95  ? -2.127  -13.186 -9.343  1.00 23.76 ? 211 ARG C O     1 
ATOM   1307 C  CB    . ARG C 3 95  ? -1.532  -11.563 -6.768  1.00 22.42 ? 211 ARG C CB    1 
ATOM   1308 C  CG    . ARG C 3 95  ? -0.890  -11.231 -5.419  1.00 17.05 ? 211 ARG C CG    1 
ATOM   1309 C  CD    . ARG C 3 95  ? -1.323  -9.870  -4.924  1.00 7.03  ? 211 ARG C CD    1 
ATOM   1310 N  NE    . ARG C 3 95  ? -2.715  -9.843  -4.508  1.00 8.86  ? 211 ARG C NE    1 
ATOM   1311 C  CZ    . ARG C 3 95  ? -3.607  -8.985  -4.973  1.00 7.98  ? 211 ARG C CZ    1 
ATOM   1312 N  NH1   . ARG C 3 95  ? -4.822  -8.944  -4.467  1.00 6.61  ? 211 ARG C NH1   1 
ATOM   1313 N  NH2   . ARG C 3 95  ? -3.303  -8.206  -5.986  1.00 25.30 ? 211 ARG C NH2   1 
ATOM   1314 N  N     . GLN C 3 96  ? -0.962  -14.589 -8.040  1.00 27.01 ? 212 GLN C N     1 
ATOM   1315 C  CA    . GLN C 3 96  ? -1.663  -15.784 -8.527  1.00 30.57 ? 212 GLN C CA    1 
ATOM   1316 C  C     . GLN C 3 96  ? -2.993  -15.969 -7.805  1.00 34.79 ? 212 GLN C C     1 
ATOM   1317 O  O     . GLN C 3 96  ? -3.116  -16.838 -6.946  1.00 45.07 ? 212 GLN C O     1 
ATOM   1318 C  CB    . GLN C 3 96  ? -0.799  -17.030 -8.325  1.00 30.21 ? 212 GLN C CB    1 
ATOM   1319 C  CG    . GLN C 3 96  ? 0.400   -16.828 -7.412  1.00 28.70 ? 212 GLN C CG    1 
ATOM   1320 C  CD    . GLN C 3 96  ? 1.459   -17.883 -7.600  1.00 27.26 ? 212 GLN C CD    1 
ATOM   1321 O  OE1   . GLN C 3 96  ? 1.439   -18.913 -6.937  1.00 27.88 ? 212 GLN C OE1   1 
ATOM   1322 N  NE2   . GLN C 3 96  ? 2.378   -17.645 -8.528  1.00 21.71 ? 212 GLN C NE2   1 
ATOM   1323 N  N     . LYS C 3 97  ? -3.991  -15.187 -8.223  1.00 38.34 ? 213 LYS C N     1 
ATOM   1324 C  CA    . LYS C 3 97  ? -5.256  -14.949 -7.501  1.00 32.55 ? 213 LYS C CA    1 
ATOM   1325 C  C     . LYS C 3 97  ? -5.220  -13.782 -6.510  1.00 27.97 ? 213 LYS C C     1 
ATOM   1326 O  O     . LYS C 3 97  ? -4.609  -13.858 -5.452  1.00 17.57 ? 213 LYS C O     1 
ATOM   1327 C  CB    . LYS C 3 97  ? -5.754  -16.209 -6.783  1.00 39.79 ? 213 LYS C CB    1 
ATOM   1328 C  CG    . LYS C 3 97  ? -6.580  -17.145 -7.662  1.00 46.60 ? 213 LYS C CG    1 
ATOM   1329 C  CD    . LYS C 3 97  ? -6.237  -18.608 -7.388  1.00 48.92 ? 213 LYS C CD    1 
ATOM   1330 C  CE    . LYS C 3 97  ? -5.634  -19.275 -8.616  1.00 51.11 ? 213 LYS C CE    1 
ATOM   1331 N  NZ    . LYS C 3 97  ? -6.673  -19.527 -9.660  1.00 56.74 ? 213 LYS C NZ    1 
ATOM   1332 N  N     . ARG C 3 98  ? -5.918  -12.708 -6.849  1.00 26.90 ? 214 ARG C N     1 
ATOM   1333 C  CA    . ARG C 3 98  ? -6.149  -11.639 -5.894  1.00 27.14 ? 214 ARG C CA    1 
ATOM   1334 C  C     . ARG C 3 98  ? -7.110  -12.019 -4.770  1.00 32.05 ? 214 ARG C C     1 
ATOM   1335 O  O     . ARG C 3 98  ? -8.183  -12.592 -5.000  1.00 33.05 ? 214 ARG C O     1 
ATOM   1336 C  CB    . ARG C 3 98  ? -6.645  -10.365 -6.590  1.00 26.47 ? 214 ARG C CB    1 
ATOM   1337 C  CG    . ARG C 3 98  ? -7.846  -10.499 -7.506  1.00 29.41 ? 214 ARG C CG    1 
ATOM   1338 C  CD    . ARG C 3 98  ? -8.226  -9.127  -8.076  1.00 30.53 ? 214 ARG C CD    1 
ATOM   1339 N  NE    . ARG C 3 98  ? -9.013  -9.209  -9.307  1.00 35.80 ? 214 ARG C NE    1 
ATOM   1340 C  CZ    . ARG C 3 98  ? -8.950  -8.313  -10.296 1.00 43.14 ? 214 ARG C CZ    1 
ATOM   1341 N  NH1   . ARG C 3 98  ? -9.787  -8.399  -11.332 1.00 41.50 ? 214 ARG C NH1   1 
ATOM   1342 N  NH2   . ARG C 3 98  ? -8.021  -7.359  -10.281 1.00 35.11 ? 214 ARG C NH2   1 
ATOM   1343 N  N     . PHE C 3 99  ? -6.637  -11.817 -3.546  1.00 30.65 ? 215 PHE C N     1 
ATOM   1344 C  CA    . PHE C 3 99  ? -7.456  -11.905 -2.345  1.00 22.42 ? 215 PHE C CA    1 
ATOM   1345 C  C     . PHE C 3 99  ? -8.776  -11.186 -2.515  1.00 21.35 ? 215 PHE C C     1 
ATOM   1346 O  O     . PHE C 3 99  ? -8.811  -9.961  -2.556  1.00 26.41 ? 215 PHE C O     1 
ATOM   1347 C  CB    . PHE C 3 99  ? -6.696  -11.281 -1.177  1.00 19.20 ? 215 PHE C CB    1 
ATOM   1348 C  CG    . PHE C 3 99  ? -7.411  -11.376 0.120   1.00 11.84 ? 215 PHE C CG    1 
ATOM   1349 C  CD1   . PHE C 3 99  ? -7.482  -12.570 0.792   1.00 12.79 ? 215 PHE C CD1   1 
ATOM   1350 C  CD2   . PHE C 3 99  ? -8.053  -10.280 0.646   1.00 13.46 ? 215 PHE C CD2   1 
ATOM   1351 C  CE1   . PHE C 3 99  ? -8.198  -12.669 1.961   1.00 14.84 ? 215 PHE C CE1   1 
ATOM   1352 C  CE2   . PHE C 3 99  ? -8.768  -10.376 1.806   1.00 10.52 ? 215 PHE C CE2   1 
ATOM   1353 C  CZ    . PHE C 3 99  ? -8.842  -11.572 2.460   1.00 13.42 ? 215 PHE C CZ    1 
ATOM   1354 N  N     . LYS C 3 100 ? -9.818  -11.943 -2.817  1.00 25.11 ? 216 LYS C N     1 
ATOM   1355 C  CA    . LYS C 3 100 ? -11.174 -11.437 -2.691  1.00 24.41 ? 216 LYS C CA    1 
ATOM   1356 C  C     . LYS C 3 100 ? -11.764 -12.107 -1.472  1.00 29.06 ? 216 LYS C C     1 
ATOM   1357 O  O     . LYS C 3 100 ? -11.274 -13.145 -1.042  1.00 30.17 ? 216 LYS C O     1 
ATOM   1358 C  CB    . LYS C 3 100 ? -12.001 -11.746 -3.939  1.00 28.80 ? 216 LYS C CB    1 
ATOM   1359 C  CG    . LYS C 3 100 ? -11.815 -10.727 -5.076  1.00 35.46 ? 216 LYS C CG    1 
ATOM   1360 C  CD    . LYS C 3 100 ? -12.399 -9.344  -4.734  1.00 36.72 ? 216 LYS C CD    1 
ATOM   1361 C  CE    . LYS C 3 100 ? -11.458 -8.185  -5.124  1.00 36.83 ? 216 LYS C CE    1 
ATOM   1362 N  NZ    . LYS C 3 100 ? -10.417 -7.879  -4.079  1.00 33.57 ? 216 LYS C NZ    1 
ATOM   1363 N  N     . LEU C 3 101 ? -12.751 -11.465 -0.860  1.00 32.17 ? 217 LEU C N     1 
ATOM   1364 C  CA    . LEU C 3 101 ? -13.079 -11.744 0.525   1.00 29.89 ? 217 LEU C CA    1 
ATOM   1365 C  C     . LEU C 3 101 ? -13.642 -13.141 0.802   1.00 35.44 ? 217 LEU C C     1 
ATOM   1366 O  O     . LEU C 3 101 ? -12.870 -14.074 1.005   1.00 42.10 ? 217 LEU C O     1 
ATOM   1367 C  CB    . LEU C 3 101 ? -14.000 -10.645 1.070   1.00 26.34 ? 217 LEU C CB    1 
ATOM   1368 C  CG    . LEU C 3 101 ? -13.578 -10.012 2.402   1.00 22.90 ? 217 LEU C CG    1 
ATOM   1369 C  CD1   . LEU C 3 101 ? -12.075 -9.966  2.532   1.00 26.71 ? 217 LEU C CD1   1 
ATOM   1370 C  CD2   . LEU C 3 101 ? -14.138 -8.620  2.508   1.00 26.43 ? 217 LEU C CD2   1 
ATOM   1371 N  N     . ALA C 3 102 ? -14.965 -13.293 0.746   1.00 39.40 ? 218 ALA C N     1 
ATOM   1372 C  CA    . ALA C 3 102 ? -15.670 -14.416 1.387   1.00 39.97 ? 218 ALA C CA    1 
ATOM   1373 C  C     . ALA C 3 102 ? -14.910 -15.743 1.388   1.00 47.84 ? 218 ALA C C     1 
ATOM   1374 O  O     . ALA C 3 102 ? -15.017 -16.478 2.399   1.00 56.52 ? 218 ALA C O     1 
ATOM   1375 C  CB    . ALA C 3 102 ? -17.044 -14.612 0.738   1.00 43.13 ? 218 ALA C CB    1 
HETATM 1376 MG MG    . MG  D 4 .   ? -9.916  -2.204  0.480   1.00 4.37  ? 801 MG  C MG    1 
HETATM 1377 O  O     . HOH E 5 .   ? -9.649  -2.643  -11.579 1.00 27.76 ? 802 HOH A O     1 
HETATM 1378 O  O     . HOH E 5 .   ? -6.055  -6.266  -8.667  1.00 22.52 ? 804 HOH A O     1 
HETATM 1379 O  O     . HOH E 5 .   ? -7.365  -2.565  -10.219 1.00 22.44 ? 805 HOH A O     1 
HETATM 1380 O  O     . HOH F 5 .   ? -5.866  -3.490  -8.266  1.00 9.17  ? 803 HOH C O     1 
HETATM 1381 O  O     . HOH F 5 .   ? -4.055  -1.259  -8.565  1.00 36.34 ? 806 HOH C O     1 
# 
